data_2VT1
# 
_entry.id   2VT1 
# 
_audit_conform.dict_name       mmcif_pdbx.dic 
_audit_conform.dict_version    5.382 
_audit_conform.dict_location   http://mmcif.pdb.org/dictionaries/ascii/mmcif_pdbx.dic 
# 
loop_
_database_2.database_id 
_database_2.database_code 
_database_2.pdbx_database_accession 
_database_2.pdbx_DOI 
PDB   2VT1         pdb_00002vt1 10.2210/pdb2vt1/pdb 
PDBE  EBI-36124    ?            ?                   
WWPDB D_1290036124 ?            ?                   
# 
_pdbx_database_status.status_code                     REL 
_pdbx_database_status.entry_id                        2VT1 
_pdbx_database_status.deposit_site                    PDBE 
_pdbx_database_status.process_site                    PDBE 
_pdbx_database_status.SG_entry                        . 
_pdbx_database_status.recvd_initial_deposition_date   2008-05-08 
_pdbx_database_status.pdb_format_compatible           Y 
_pdbx_database_status.status_code_sf                  REL 
_pdbx_database_status.status_code_mr                  ? 
_pdbx_database_status.status_code_cs                  ? 
_pdbx_database_status.methods_development_category    ? 
_pdbx_database_status.status_code_nmr_data            ? 
# 
loop_
_audit_author.name 
_audit_author.pdbx_ordinal 
'Deane, J.E.'    1 
'Graham, S.C.'   2 
'Mitchell, E.P.' 3 
'Flot, D.'       4 
'Johnson, S.'    5 
'Lea, S.M.'      6 
# 
_citation.id                        primary 
_citation.title                     
'Crystal Structure of Spa40, the Specificity Switch for the Shigella Flexneri Type III Secretion System' 
_citation.journal_abbrev            Mol.Microbiol. 
_citation.journal_volume            69 
_citation.page_first                267 
_citation.page_last                 ? 
_citation.year                      2008 
_citation.journal_id_ASTM           MOMIEE 
_citation.country                   UK 
_citation.journal_id_ISSN           0950-382X 
_citation.journal_id_CSD            2007 
_citation.book_publisher            ? 
_citation.pdbx_database_id_PubMed   18485071 
_citation.pdbx_database_id_DOI      10.1111/J.1365-2958.2008.06293.X 
# 
loop_
_citation_author.citation_id 
_citation_author.name 
_citation_author.ordinal 
_citation_author.identifier_ORCID 
primary 'Deane, J.E.'    1 ? 
primary 'Graham, S.C.'   2 ? 
primary 'Mitchell, E.P.' 3 ? 
primary 'Flot, D.'       4 ? 
primary 'Johnson, S.'    5 ? 
primary 'Lea, S.M.'      6 ? 
# 
_cell.entry_id           2VT1 
_cell.length_a           25.035 
_cell.length_b           30.753 
_cell.length_c           32.099 
_cell.angle_alpha        102.52 
_cell.angle_beta         110.97 
_cell.angle_gamma        94.30 
_cell.Z_PDB              1 
_cell.pdbx_unique_axis   ? 
# 
_symmetry.entry_id                         2VT1 
_symmetry.space_group_name_H-M             'P 1' 
_symmetry.pdbx_full_space_group_name_H-M   ? 
_symmetry.cell_setting                     ? 
_symmetry.Int_Tables_number                1 
# 
loop_
_entity.id 
_entity.type 
_entity.src_method 
_entity.pdbx_description 
_entity.formula_weight 
_entity.pdbx_number_of_molecules 
_entity.pdbx_ec 
_entity.pdbx_mutation 
_entity.pdbx_fragment 
_entity.details 
1 polymer man 'SURFACE PRESENTATION OF ANTIGENS PROTEIN SPAS' 6394.362  1  ? ? 'CYTOPLASMIC DOMAIN, RESIDUES 207-257' 
;A SINGLE CHAIN OF THE CYTOPLASMIC DOMAIN OF SPA40 IS PRESENT, HAVING UNDERGONE AN AUTO-CLEAVAGE EVENT BETWEEN N257 AND P258 TO FORM TWO CHAINS
;
2 polymer man 'SURFACE PRESENTATION OF ANTIGENS PROTEIN SPAS' 10890.471 1  ? ? 'CYTOPLASMIC DOMAIN, RESIDUES 258-342' 
;A SINGLE CHAIN OF THE CYTOPLASMIC DOMAIN OF SPA40 IS PRESENT, HAVING UNDERGONE AN AUTO-CLEAVAGE EVENT BETWEEN N257 AND P258 TO FORM TWO CHAINS
;
3 water   nat water                                           18.015    29 ? ? ?                                      ? 
# 
loop_
_entity_name_com.entity_id 
_entity_name_com.name 
1 'SPA40 PROTEIN, SPA40' 
2 'SPA40 PROTEIN, SPA40' 
# 
loop_
_entity_poly.entity_id 
_entity_poly.type 
_entity_poly.nstd_linkage 
_entity_poly.nstd_monomer 
_entity_poly.pdbx_seq_one_letter_code 
_entity_poly.pdbx_seq_one_letter_code_can 
_entity_poly.pdbx_strand_id 
_entity_poly.pdbx_target_identifier 
1 'polypeptide(L)' no no MDMMMDKQEIKREYIEQEGHFETKSRRRELHIEILSEQTKSDIRNSKLVVMN                                             
MDMMMDKQEIKREYIEQEGHFETKSRRRELHIEILSEQTKSDIRNSKLVVMN                                             A ? 
2 'polypeptide(L)' no no 
;PTHIAIGIYFNPEIAPAPFISLIETNQCALAVRKYANEVGIPTVRDVKLARKLYKTHTKYSFVDFEHLDEVLRLIVWLEQ
VENTHLEHHHHHH
;
;PTHIAIGIYFNPEIAPAPFISLIETNQCALAVRKYANEVGIPTVRDVKLARKLYKTHTKYSFVDFEHLDEVLRLIVWLEQ
VENTHLEHHHHHH
;
B ? 
# 
loop_
_entity_poly_seq.entity_id 
_entity_poly_seq.num 
_entity_poly_seq.mon_id 
_entity_poly_seq.hetero 
1 1  MET n 
1 2  ASP n 
1 3  MET n 
1 4  MET n 
1 5  MET n 
1 6  ASP n 
1 7  LYS n 
1 8  GLN n 
1 9  GLU n 
1 10 ILE n 
1 11 LYS n 
1 12 ARG n 
1 13 GLU n 
1 14 TYR n 
1 15 ILE n 
1 16 GLU n 
1 17 GLN n 
1 18 GLU n 
1 19 GLY n 
1 20 HIS n 
1 21 PHE n 
1 22 GLU n 
1 23 THR n 
1 24 LYS n 
1 25 SER n 
1 26 ARG n 
1 27 ARG n 
1 28 ARG n 
1 29 GLU n 
1 30 LEU n 
1 31 HIS n 
1 32 ILE n 
1 33 GLU n 
1 34 ILE n 
1 35 LEU n 
1 36 SER n 
1 37 GLU n 
1 38 GLN n 
1 39 THR n 
1 40 LYS n 
1 41 SER n 
1 42 ASP n 
1 43 ILE n 
1 44 ARG n 
1 45 ASN n 
1 46 SER n 
1 47 LYS n 
1 48 LEU n 
1 49 VAL n 
1 50 VAL n 
1 51 MET n 
1 52 ASN n 
2 1  PRO n 
2 2  THR n 
2 3  HIS n 
2 4  ILE n 
2 5  ALA n 
2 6  ILE n 
2 7  GLY n 
2 8  ILE n 
2 9  TYR n 
2 10 PHE n 
2 11 ASN n 
2 12 PRO n 
2 13 GLU n 
2 14 ILE n 
2 15 ALA n 
2 16 PRO n 
2 17 ALA n 
2 18 PRO n 
2 19 PHE n 
2 20 ILE n 
2 21 SER n 
2 22 LEU n 
2 23 ILE n 
2 24 GLU n 
2 25 THR n 
2 26 ASN n 
2 27 GLN n 
2 28 CYS n 
2 29 ALA n 
2 30 LEU n 
2 31 ALA n 
2 32 VAL n 
2 33 ARG n 
2 34 LYS n 
2 35 TYR n 
2 36 ALA n 
2 37 ASN n 
2 38 GLU n 
2 39 VAL n 
2 40 GLY n 
2 41 ILE n 
2 42 PRO n 
2 43 THR n 
2 44 VAL n 
2 45 ARG n 
2 46 ASP n 
2 47 VAL n 
2 48 LYS n 
2 49 LEU n 
2 50 ALA n 
2 51 ARG n 
2 52 LYS n 
2 53 LEU n 
2 54 TYR n 
2 55 LYS n 
2 56 THR n 
2 57 HIS n 
2 58 THR n 
2 59 LYS n 
2 60 TYR n 
2 61 SER n 
2 62 PHE n 
2 63 VAL n 
2 64 ASP n 
2 65 PHE n 
2 66 GLU n 
2 67 HIS n 
2 68 LEU n 
2 69 ASP n 
2 70 GLU n 
2 71 VAL n 
2 72 LEU n 
2 73 ARG n 
2 74 LEU n 
2 75 ILE n 
2 76 VAL n 
2 77 TRP n 
2 78 LEU n 
2 79 GLU n 
2 80 GLN n 
2 81 VAL n 
2 82 GLU n 
2 83 ASN n 
2 84 THR n 
2 85 HIS n 
2 86 LEU n 
2 87 GLU n 
2 88 HIS n 
2 89 HIS n 
2 90 HIS n 
2 91 HIS n 
2 92 HIS n 
2 93 HIS n 
# 
loop_
_entity_src_gen.entity_id 
_entity_src_gen.pdbx_src_id 
_entity_src_gen.pdbx_alt_source_flag 
_entity_src_gen.pdbx_seq_type 
_entity_src_gen.pdbx_beg_seq_num 
_entity_src_gen.pdbx_end_seq_num 
_entity_src_gen.gene_src_common_name 
_entity_src_gen.gene_src_genus 
_entity_src_gen.pdbx_gene_src_gene 
_entity_src_gen.gene_src_species 
_entity_src_gen.gene_src_strain 
_entity_src_gen.gene_src_tissue 
_entity_src_gen.gene_src_tissue_fraction 
_entity_src_gen.gene_src_details 
_entity_src_gen.pdbx_gene_src_fragment 
_entity_src_gen.pdbx_gene_src_scientific_name 
_entity_src_gen.pdbx_gene_src_ncbi_taxonomy_id 
_entity_src_gen.pdbx_gene_src_variant 
_entity_src_gen.pdbx_gene_src_cell_line 
_entity_src_gen.pdbx_gene_src_atcc 
_entity_src_gen.pdbx_gene_src_organ 
_entity_src_gen.pdbx_gene_src_organelle 
_entity_src_gen.pdbx_gene_src_cell 
_entity_src_gen.pdbx_gene_src_cellular_location 
_entity_src_gen.host_org_common_name 
_entity_src_gen.pdbx_host_org_scientific_name 
_entity_src_gen.pdbx_host_org_ncbi_taxonomy_id 
_entity_src_gen.host_org_genus 
_entity_src_gen.pdbx_host_org_gene 
_entity_src_gen.pdbx_host_org_organ 
_entity_src_gen.host_org_species 
_entity_src_gen.pdbx_host_org_tissue 
_entity_src_gen.pdbx_host_org_tissue_fraction 
_entity_src_gen.pdbx_host_org_strain 
_entity_src_gen.pdbx_host_org_variant 
_entity_src_gen.pdbx_host_org_cell_line 
_entity_src_gen.pdbx_host_org_atcc 
_entity_src_gen.pdbx_host_org_culture_collection 
_entity_src_gen.pdbx_host_org_cell 
_entity_src_gen.pdbx_host_org_organelle 
_entity_src_gen.pdbx_host_org_cellular_location 
_entity_src_gen.pdbx_host_org_vector_type 
_entity_src_gen.pdbx_host_org_vector 
_entity_src_gen.host_org_details 
_entity_src_gen.expression_system_id 
_entity_src_gen.plasmid_name 
_entity_src_gen.plasmid_details 
_entity_src_gen.pdbx_description 
1 1 sample ? ? ? ? ? ? ? ? ? ? ? ? 'SHIGELLA FLEXNERI' 623 ? ? ? ? ? ? ? ? 'ESCHERICHIA COLI' 562 ? ? ? ? ? ? 'B834(DE3)' ? ? ? ? 
? ? ? PLASMID ? ? ? PET-28B ? ? 
2 1 sample ? ? ? ? ? ? ? ? ? ? ? ? 'SHIGELLA FLEXNERI' 623 ? ? ? ? ? ? ? ? 'ESCHERICHIA COLI' 562 ? ? ? ? ? ? 'B834(DE3)' ? ? ? ? 
? ? ? PLASMID ? ? ? PET-28B ? ? 
# 
loop_
_struct_ref.id 
_struct_ref.db_name 
_struct_ref.db_code 
_struct_ref.entity_id 
_struct_ref.pdbx_seq_one_letter_code 
_struct_ref.pdbx_align_begin 
_struct_ref.pdbx_db_accession 
_struct_ref.pdbx_db_isoform 
1 PDB 2VT1       1 ? ? 2VT1   ? 
2 UNP SPAS_SHIFL 1 ? ? P0A1M8 ? 
3 UNP SPAS_SHIFL 2 ? ? P0A1M8 ? 
4 PDB 2VT1       2 ? ? 2VT1   ? 
# 
loop_
_struct_ref_seq.align_id 
_struct_ref_seq.ref_id 
_struct_ref_seq.pdbx_PDB_id_code 
_struct_ref_seq.pdbx_strand_id 
_struct_ref_seq.seq_align_beg 
_struct_ref_seq.pdbx_seq_align_beg_ins_code 
_struct_ref_seq.seq_align_end 
_struct_ref_seq.pdbx_seq_align_end_ins_code 
_struct_ref_seq.pdbx_db_accession 
_struct_ref_seq.db_align_beg 
_struct_ref_seq.pdbx_db_align_beg_ins_code 
_struct_ref_seq.db_align_end 
_struct_ref_seq.pdbx_db_align_end_ins_code 
_struct_ref_seq.pdbx_auth_seq_align_beg 
_struct_ref_seq.pdbx_auth_seq_align_end 
1 1 2VT1 A 1  ? 1  ? 2VT1   206 ? 206 ? 206 206 
2 2 2VT1 A 2  ? 52 ? P0A1M8 207 ? 257 ? 207 257 
3 3 2VT1 B 1  ? 85 ? P0A1M8 258 ? 342 ? 258 342 
4 4 2VT1 B 86 ? 93 ? 2VT1   343 ? 350 ? 343 350 
# 
loop_
_chem_comp.id 
_chem_comp.type 
_chem_comp.mon_nstd_flag 
_chem_comp.name 
_chem_comp.pdbx_synonyms 
_chem_comp.formula 
_chem_comp.formula_weight 
ALA 'L-peptide linking' y ALANINE         ? 'C3 H7 N O2'     89.093  
ARG 'L-peptide linking' y ARGININE        ? 'C6 H15 N4 O2 1' 175.209 
ASN 'L-peptide linking' y ASPARAGINE      ? 'C4 H8 N2 O3'    132.118 
ASP 'L-peptide linking' y 'ASPARTIC ACID' ? 'C4 H7 N O4'     133.103 
CYS 'L-peptide linking' y CYSTEINE        ? 'C3 H7 N O2 S'   121.158 
GLN 'L-peptide linking' y GLUTAMINE       ? 'C5 H10 N2 O3'   146.144 
GLU 'L-peptide linking' y 'GLUTAMIC ACID' ? 'C5 H9 N O4'     147.129 
GLY 'peptide linking'   y GLYCINE         ? 'C2 H5 N O2'     75.067  
HIS 'L-peptide linking' y HISTIDINE       ? 'C6 H10 N3 O2 1' 156.162 
HOH non-polymer         . WATER           ? 'H2 O'           18.015  
ILE 'L-peptide linking' y ISOLEUCINE      ? 'C6 H13 N O2'    131.173 
LEU 'L-peptide linking' y LEUCINE         ? 'C6 H13 N O2'    131.173 
LYS 'L-peptide linking' y LYSINE          ? 'C6 H15 N2 O2 1' 147.195 
MET 'L-peptide linking' y METHIONINE      ? 'C5 H11 N O2 S'  149.211 
PHE 'L-peptide linking' y PHENYLALANINE   ? 'C9 H11 N O2'    165.189 
PRO 'L-peptide linking' y PROLINE         ? 'C5 H9 N O2'     115.130 
SER 'L-peptide linking' y SERINE          ? 'C3 H7 N O3'     105.093 
THR 'L-peptide linking' y THREONINE       ? 'C4 H9 N O3'     119.119 
TRP 'L-peptide linking' y TRYPTOPHAN      ? 'C11 H12 N2 O2'  204.225 
TYR 'L-peptide linking' y TYROSINE        ? 'C9 H11 N O3'    181.189 
VAL 'L-peptide linking' y VALINE          ? 'C5 H11 N O2'    117.146 
# 
_exptl.entry_id          2VT1 
_exptl.method            'X-RAY DIFFRACTION' 
_exptl.crystals_number   1 
# 
_exptl_crystal.id                    1 
_exptl_crystal.density_meas          ? 
_exptl_crystal.density_Matthews      1.67 
_exptl_crystal.density_percent_sol   26.55 
_exptl_crystal.description           NONE 
# 
_exptl_crystal_grow.crystal_id      1 
_exptl_crystal_grow.method          'VAPOR DIFFUSION, SITTING DROP' 
_exptl_crystal_grow.temp            293 
_exptl_crystal_grow.temp_details    ? 
_exptl_crystal_grow.pH              7.0 
_exptl_crystal_grow.pdbx_pH_range   ? 
_exptl_crystal_grow.pdbx_details    
;SITTING DROPS CONTAINING 200 NL PROTEIN (3.3 MG/ML IN 20 MM TRIS PH 8.0, 500 MM NACL) AND 200 NL RESERVOIR SOLUTION (0.1M HEPES PH7.0, 0.2M NH4CL AND 20% PEG W/V 6000) WERE EQUILIBRATED AGAINST 100 UL RESERVOIRS AT 20 C. CRYSTALS WERE CRYOPROTECTED IN RESERVOIR SOLUTION SUPPLEMENTED WITH 25% (V/V) GLYCEROL. THE ASYMMETRIC UNIT VOLUME IS NOT SUFFICIENT TO ACCOMMODATE THE ENTIRE SPA40 CONSTRUCT. WE ASSUME THAT THE PROTEIN HAS UNDERGONE SOME PROTEOLYSIS ADDITIONAL TO THE SELF-CLEAVAGE BETWEEN RESIDUES 257 AND 258, REMOVING EITHER THE DISORDERED N-TERMINUS OR THE C-TERMINAL HIS TAG. THE SOLVENT CONTENT QUOTED IS FOR RESIDUE 237 TO THE END OF THE CONSTRUCT.
;
# 
_diffrn.id                     1 
_diffrn.ambient_temp           100 
_diffrn.ambient_temp_details   ? 
_diffrn.crystal_id             1 
# 
_diffrn_detector.diffrn_id              1 
_diffrn_detector.detector               CCD 
_diffrn_detector.type                   'ADSC CCD' 
_diffrn_detector.pdbx_collection_date   2008-04-13 
_diffrn_detector.details                MIRRORS 
# 
_diffrn_radiation.diffrn_id                        1 
_diffrn_radiation.wavelength_id                    1 
_diffrn_radiation.pdbx_monochromatic_or_laue_m_l   M 
_diffrn_radiation.monochromator                    'SI(111) CRYSTAL' 
_diffrn_radiation.pdbx_diffrn_protocol             'SINGLE WAVELENGTH' 
_diffrn_radiation.pdbx_scattering_type             x-ray 
# 
_diffrn_radiation_wavelength.id           1 
_diffrn_radiation_wavelength.wavelength   1.04010 
_diffrn_radiation_wavelength.wt           1.0 
# 
_diffrn_source.diffrn_id                   1 
_diffrn_source.source                      SYNCHROTRON 
_diffrn_source.type                        'ESRF BEAMLINE ID23-1' 
_diffrn_source.pdbx_synchrotron_site       ESRF 
_diffrn_source.pdbx_synchrotron_beamline   ID23-1 
_diffrn_source.pdbx_wavelength             1.04010 
_diffrn_source.pdbx_wavelength_list        ? 
# 
_reflns.pdbx_diffrn_id               1 
_reflns.pdbx_ordinal                 1 
_reflns.entry_id                     2VT1 
_reflns.observed_criterion_sigma_I   -3.0 
_reflns.observed_criterion_sigma_F   ? 
_reflns.d_resolution_low             30.00 
_reflns.d_resolution_high            2.00 
_reflns.number_obs                   5433 
_reflns.number_all                   ? 
_reflns.percent_possible_obs         93.2 
_reflns.pdbx_Rmerge_I_obs            0.11 
_reflns.pdbx_Rsym_value              ? 
_reflns.pdbx_netI_over_sigmaI        3.80 
_reflns.B_iso_Wilson_estimate        21.60 
_reflns.pdbx_redundancy              2.6 
# 
_reflns_shell.pdbx_diffrn_id         1 
_reflns_shell.pdbx_ordinal           1 
_reflns_shell.d_res_high             2.00 
_reflns_shell.d_res_low              2.05 
_reflns_shell.percent_possible_all   93.3 
_reflns_shell.Rmerge_I_obs           0.40 
_reflns_shell.pdbx_Rsym_value        ? 
_reflns_shell.meanI_over_sigI_obs    1.70 
_reflns_shell.pdbx_redundancy        2.7 
# 
_refine.pdbx_refine_id                           'X-RAY DIFFRACTION' 
_refine.entry_id                                 2VT1 
_refine.pdbx_diffrn_id                           1 
_refine.pdbx_TLS_residual_ADP_flag               ? 
_refine.ls_number_reflns_obs                     5181 
_refine.ls_number_reflns_all                     ? 
_refine.pdbx_ls_sigma_I                          ? 
_refine.pdbx_ls_sigma_F                          ? 
_refine.pdbx_data_cutoff_high_absF               ? 
_refine.pdbx_data_cutoff_low_absF                ? 
_refine.pdbx_data_cutoff_high_rms_absF           ? 
_refine.ls_d_res_low                             29.59 
_refine.ls_d_res_high                            2.00 
_refine.ls_percent_reflns_obs                    93.2 
_refine.ls_R_factor_obs                          0.180 
_refine.ls_R_factor_all                          ? 
_refine.ls_R_factor_R_work                       0.178 
_refine.ls_R_factor_R_free                       0.227 
_refine.ls_R_factor_R_free_error                 ? 
_refine.ls_R_factor_R_free_error_details         ? 
_refine.ls_percent_reflns_R_free                 4.600 
_refine.ls_number_reflns_R_free                  252 
_refine.ls_number_parameters                     ? 
_refine.ls_number_restraints                     ? 
_refine.occupancy_min                            ? 
_refine.occupancy_max                            ? 
_refine.correlation_coeff_Fo_to_Fc               0.958 
_refine.correlation_coeff_Fo_to_Fc_free          0.931 
_refine.B_iso_mean                               18.59 
_refine.aniso_B[1][1]                            -1.29000 
_refine.aniso_B[2][2]                            1.11000 
_refine.aniso_B[3][3]                            -0.24000 
_refine.aniso_B[1][2]                            -0.40000 
_refine.aniso_B[1][3]                            -1.06000 
_refine.aniso_B[2][3]                            0.92000 
_refine.solvent_model_details                    MASK 
_refine.solvent_model_param_ksol                 ? 
_refine.solvent_model_param_bsol                 ? 
_refine.pdbx_solvent_vdw_probe_radii             1.20 
_refine.pdbx_solvent_ion_probe_radii             0.80 
_refine.pdbx_solvent_shrinkage_radii             0.80 
_refine.pdbx_ls_cross_valid_method               THROUGHOUT 
_refine.details                                  
'HYDROGENS HAVE BEEN ADDED IN THE RIDING POSITIONS. U VALUES HAVE BEEN REFINED INDIVIDUALLY' 
_refine.pdbx_starting_model                      'PDB ENTRY 3BZL WITH SIDECHAINS MUTATED TO SER' 
_refine.pdbx_method_to_determine_struct          'MOLECULAR REPLACEMENT' 
_refine.pdbx_isotropic_thermal_model             ? 
_refine.pdbx_stereochemistry_target_values       'MAXIMUM LIKELIHOOD' 
_refine.pdbx_stereochem_target_val_spec_case     ? 
_refine.pdbx_R_Free_selection_details            RANDOM 
_refine.pdbx_overall_ESU_R                       0.251 
_refine.pdbx_overall_ESU_R_Free                  0.190 
_refine.overall_SU_ML                            0.135 
_refine.pdbx_overall_phase_error                 ? 
_refine.overall_SU_B                             5.042 
_refine.overall_SU_R_Cruickshank_DPI             ? 
_refine.pdbx_overall_SU_R_free_Cruickshank_DPI   ? 
_refine.pdbx_overall_SU_R_Blow_DPI               ? 
_refine.pdbx_overall_SU_R_free_Blow_DPI          ? 
# 
_refine_hist.pdbx_refine_id                   'X-RAY DIFFRACTION' 
_refine_hist.cycle_id                         LAST 
_refine_hist.pdbx_number_atoms_protein        806 
_refine_hist.pdbx_number_atoms_nucleic_acid   0 
_refine_hist.pdbx_number_atoms_ligand         0 
_refine_hist.number_atoms_solvent             29 
_refine_hist.number_atoms_total               835 
_refine_hist.d_res_high                       2.00 
_refine_hist.d_res_low                        29.59 
# 
loop_
_refine_ls_restr.type 
_refine_ls_restr.dev_ideal 
_refine_ls_restr.dev_ideal_target 
_refine_ls_restr.weight 
_refine_ls_restr.number 
_refine_ls_restr.pdbx_refine_id 
_refine_ls_restr.pdbx_restraint_function 
r_bond_refined_d             0.010  0.022  ? 825  'X-RAY DIFFRACTION' ? 
r_bond_other_d               0.001  0.020  ? 549  'X-RAY DIFFRACTION' ? 
r_angle_refined_deg          1.105  1.967  ? 1123 'X-RAY DIFFRACTION' ? 
r_angle_other_deg            0.752  3.000  ? 1351 'X-RAY DIFFRACTION' ? 
r_dihedral_angle_1_deg       4.800  5.000  ? 102  'X-RAY DIFFRACTION' ? 
r_dihedral_angle_2_deg       34.309 24.242 ? 33   'X-RAY DIFFRACTION' ? 
r_dihedral_angle_3_deg       15.846 15.000 ? 145  'X-RAY DIFFRACTION' ? 
r_dihedral_angle_4_deg       13.760 15.000 ? 4    'X-RAY DIFFRACTION' ? 
r_chiral_restr               0.060  0.200  ? 137  'X-RAY DIFFRACTION' ? 
r_gen_planes_refined         0.004  0.021  ? 888  'X-RAY DIFFRACTION' ? 
r_gen_planes_other           0.000  0.020  ? 155  'X-RAY DIFFRACTION' ? 
r_nbd_refined                0.031  0.200  ? 158  'X-RAY DIFFRACTION' ? 
r_nbd_other                  0.048  0.200  ? 517  'X-RAY DIFFRACTION' ? 
r_nbtor_refined              0.000  0.200  ? 404  'X-RAY DIFFRACTION' ? 
r_nbtor_other                0.000  0.200  ? 431  'X-RAY DIFFRACTION' ? 
r_xyhbond_nbd_refined        0.095  0.200  ? 23   'X-RAY DIFFRACTION' ? 
r_xyhbond_nbd_other          ?      ?      ? ?    'X-RAY DIFFRACTION' ? 
r_metal_ion_refined          ?      ?      ? ?    'X-RAY DIFFRACTION' ? 
r_metal_ion_other            ?      ?      ? ?    'X-RAY DIFFRACTION' ? 
r_symmetry_vdw_refined       0.092  0.200  ? 11   'X-RAY DIFFRACTION' ? 
r_symmetry_vdw_other         0.235  0.200  ? 24   'X-RAY DIFFRACTION' ? 
r_symmetry_hbond_refined     0.101  0.200  ? 2    'X-RAY DIFFRACTION' ? 
r_symmetry_hbond_other       ?      ?      ? ?    'X-RAY DIFFRACTION' ? 
r_symmetry_metal_ion_refined ?      ?      ? ?    'X-RAY DIFFRACTION' ? 
r_symmetry_metal_ion_other   ?      ?      ? ?    'X-RAY DIFFRACTION' ? 
r_mcbond_it                  1.210  2.000  ? 515  'X-RAY DIFFRACTION' ? 
r_mcbond_other               ?      ?      ? ?    'X-RAY DIFFRACTION' ? 
r_mcangle_it                 2.211  3.000  ? 841  'X-RAY DIFFRACTION' ? 
r_mcangle_other              ?      ?      ? ?    'X-RAY DIFFRACTION' ? 
r_scbond_it                  3.273  4.000  ? 310  'X-RAY DIFFRACTION' ? 
r_scbond_other               ?      ?      ? ?    'X-RAY DIFFRACTION' ? 
r_scangle_it                 5.385  6.000  ? 281  'X-RAY DIFFRACTION' ? 
r_scangle_other              ?      ?      ? ?    'X-RAY DIFFRACTION' ? 
r_long_range_B_refined       ?      ?      ? ?    'X-RAY DIFFRACTION' ? 
r_long_range_B_other         ?      ?      ? ?    'X-RAY DIFFRACTION' ? 
r_rigid_bond_restr           ?      ?      ? ?    'X-RAY DIFFRACTION' ? 
r_sphericity_free            ?      ?      ? ?    'X-RAY DIFFRACTION' ? 
r_sphericity_bonded          ?      ?      ? ?    'X-RAY DIFFRACTION' ? 
# 
_refine_ls_shell.pdbx_refine_id                   'X-RAY DIFFRACTION' 
_refine_ls_shell.pdbx_total_number_of_bins_used   20 
_refine_ls_shell.d_res_high                       2.00 
_refine_ls_shell.d_res_low                        2.05 
_refine_ls_shell.number_reflns_R_work             414 
_refine_ls_shell.R_factor_R_work                  0.2670 
_refine_ls_shell.percent_reflns_obs               ? 
_refine_ls_shell.R_factor_R_free                  0.2920 
_refine_ls_shell.R_factor_R_free_error            ? 
_refine_ls_shell.percent_reflns_R_free            ? 
_refine_ls_shell.number_reflns_R_free             20 
_refine_ls_shell.number_reflns_all                ? 
_refine_ls_shell.R_factor_all                     ? 
# 
_struct.entry_id                  2VT1 
_struct.title                     
'Crystal structure of the cytoplasmic domain of Spa40, the specificity switch for the Shigella flexneri Type III Secretion System' 
_struct.pdbx_model_details        ? 
_struct.pdbx_CASP_flag            ? 
_struct.pdbx_model_type_details   ? 
# 
_struct_keywords.entry_id        2VT1 
_struct_keywords.pdbx_keywords   'MEMBRANE PROTEIN' 
_struct_keywords.text            
;SHIGELLA FLEXNERI, SPECIFICITY SWITCH, VIRULENCE, TRANSMEMBRANE, INNER MEMBRANE, FLHB, YSCU, T3SS, SPA40, PLASMID, MEMBRANE, TYPE III SECRETION SYSTEM, MEMBRANE PROTEIN
;
# 
loop_
_struct_asym.id 
_struct_asym.pdbx_blank_PDB_chainid_flag 
_struct_asym.pdbx_modified 
_struct_asym.entity_id 
_struct_asym.details 
A N N 1 ? 
B N N 2 ? 
C N N 3 ? 
D N N 3 ? 
# 
_struct_biol.id   1 
# 
loop_
_struct_conf.conf_type_id 
_struct_conf.id 
_struct_conf.pdbx_PDB_helix_id 
_struct_conf.beg_label_comp_id 
_struct_conf.beg_label_asym_id 
_struct_conf.beg_label_seq_id 
_struct_conf.pdbx_beg_PDB_ins_code 
_struct_conf.end_label_comp_id 
_struct_conf.end_label_asym_id 
_struct_conf.end_label_seq_id 
_struct_conf.pdbx_end_PDB_ins_code 
_struct_conf.beg_auth_comp_id 
_struct_conf.beg_auth_asym_id 
_struct_conf.beg_auth_seq_id 
_struct_conf.end_auth_comp_id 
_struct_conf.end_auth_asym_id 
_struct_conf.end_auth_seq_id 
_struct_conf.pdbx_PDB_helix_class 
_struct_conf.details 
_struct_conf.pdbx_PDB_helix_length 
HELX_P HELX_P1 1 SER A 36 ? ASN A 45 ? SER A 241 ASN A 250 1 ? 10 
HELX_P HELX_P2 2 ASN B 26 ? VAL B 39 ? ASN B 283 VAL B 296 1 ? 14 
HELX_P HELX_P3 3 ASP B 46 ? HIS B 57 ? ASP B 303 HIS B 314 1 ? 12 
HELX_P HELX_P4 4 HIS B 67 ? VAL B 81 ? HIS B 324 VAL B 338 1 ? 15 
# 
_struct_conf_type.id          HELX_P 
_struct_conf_type.criteria    ? 
_struct_conf_type.reference   ? 
# 
_struct_sheet.id               BA 
_struct_sheet.type             ? 
_struct_sheet.number_strands   5 
_struct_sheet.details          ? 
# 
loop_
_struct_sheet_order.sheet_id 
_struct_sheet_order.range_id_1 
_struct_sheet_order.range_id_2 
_struct_sheet_order.offset 
_struct_sheet_order.sense 
BA 1 2 ? parallel      
BA 2 3 ? anti-parallel 
BA 3 4 ? anti-parallel 
BA 4 5 ? anti-parallel 
# 
loop_
_struct_sheet_range.sheet_id 
_struct_sheet_range.id 
_struct_sheet_range.beg_label_comp_id 
_struct_sheet_range.beg_label_asym_id 
_struct_sheet_range.beg_label_seq_id 
_struct_sheet_range.pdbx_beg_PDB_ins_code 
_struct_sheet_range.end_label_comp_id 
_struct_sheet_range.end_label_asym_id 
_struct_sheet_range.end_label_seq_id 
_struct_sheet_range.pdbx_end_PDB_ins_code 
_struct_sheet_range.beg_auth_comp_id 
_struct_sheet_range.beg_auth_asym_id 
_struct_sheet_range.beg_auth_seq_id 
_struct_sheet_range.end_auth_comp_id 
_struct_sheet_range.end_auth_asym_id 
_struct_sheet_range.end_auth_seq_id 
BA 1 THR B 43 ? ARG B 45 ? THR B 300 ARG B 302 
BA 2 LEU A 48 ? MET A 51 ? LEU A 253 MET A 256 
BA 3 ILE B 4  ? TYR B 9  ? ILE B 261 TYR B 266 
BA 4 PHE B 19 ? THR B 25 ? PHE B 276 THR B 282 
BA 5 SER B 61 ? PHE B 62 ? SER B 318 PHE B 319 
# 
loop_
_pdbx_struct_sheet_hbond.sheet_id 
_pdbx_struct_sheet_hbond.range_id_1 
_pdbx_struct_sheet_hbond.range_id_2 
_pdbx_struct_sheet_hbond.range_1_label_atom_id 
_pdbx_struct_sheet_hbond.range_1_label_comp_id 
_pdbx_struct_sheet_hbond.range_1_label_asym_id 
_pdbx_struct_sheet_hbond.range_1_label_seq_id 
_pdbx_struct_sheet_hbond.range_1_PDB_ins_code 
_pdbx_struct_sheet_hbond.range_1_auth_atom_id 
_pdbx_struct_sheet_hbond.range_1_auth_comp_id 
_pdbx_struct_sheet_hbond.range_1_auth_asym_id 
_pdbx_struct_sheet_hbond.range_1_auth_seq_id 
_pdbx_struct_sheet_hbond.range_2_label_atom_id 
_pdbx_struct_sheet_hbond.range_2_label_comp_id 
_pdbx_struct_sheet_hbond.range_2_label_asym_id 
_pdbx_struct_sheet_hbond.range_2_label_seq_id 
_pdbx_struct_sheet_hbond.range_2_PDB_ins_code 
_pdbx_struct_sheet_hbond.range_2_auth_atom_id 
_pdbx_struct_sheet_hbond.range_2_auth_comp_id 
_pdbx_struct_sheet_hbond.range_2_auth_asym_id 
_pdbx_struct_sheet_hbond.range_2_auth_seq_id 
BA 1 2 N VAL B 44 ? N VAL B 301 O VAL A 49 ? O VAL A 254 
BA 2 3 N VAL A 50 ? N VAL A 255 O ILE B 6  ? O ILE B 263 
BA 3 4 N TYR B 9  ? N TYR B 266 O PHE B 19 ? O PHE B 276 
BA 4 5 N ILE B 20 ? N ILE B 277 O SER B 61 ? O SER B 318 
# 
_atom_sites.entry_id                    2VT1 
_atom_sites.fract_transf_matrix[1][1]   0.00898586 
_atom_sites.fract_transf_matrix[1][2]   -0.00985859 
_atom_sites.fract_transf_matrix[1][3]   -0.04128793 
_atom_sites.fract_transf_matrix[2][1]   -0.03126437 
_atom_sites.fract_transf_matrix[2][2]   0.00024432 
_atom_sites.fract_transf_matrix[2][3]   -0.01280447 
_atom_sites.fract_transf_matrix[3][1]   -0.00104634 
_atom_sites.fract_transf_matrix[3][2]   0.02760367 
_atom_sites.fract_transf_matrix[3][3]   -0.02078028 
_atom_sites.fract_transf_vector[1]      0.013914 
_atom_sites.fract_transf_vector[2]      0.025309 
_atom_sites.fract_transf_vector[3]      -0.001120 
# 
loop_
_atom_type.symbol 
C 
N 
O 
S 
# 
loop_
_atom_site.group_PDB 
_atom_site.id 
_atom_site.type_symbol 
_atom_site.label_atom_id 
_atom_site.label_alt_id 
_atom_site.label_comp_id 
_atom_site.label_asym_id 
_atom_site.label_entity_id 
_atom_site.label_seq_id 
_atom_site.pdbx_PDB_ins_code 
_atom_site.Cartn_x 
_atom_site.Cartn_y 
_atom_site.Cartn_z 
_atom_site.occupancy 
_atom_site.B_iso_or_equiv 
_atom_site.pdbx_formal_charge 
_atom_site.auth_seq_id 
_atom_site.auth_comp_id 
_atom_site.auth_asym_id 
_atom_site.auth_atom_id 
_atom_site.pdbx_PDB_model_num 
ATOM   1   N N   . ILE A 1 32 ? -17.545 -11.351 13.421  1.00 38.29 ? 237  ILE A N   1 
ATOM   2   C CA  . ILE A 1 32 ? -16.051 -11.233 13.479  1.00 39.04 ? 237  ILE A CA  1 
ATOM   3   C C   . ILE A 1 32 ? -15.488 -10.229 12.459  1.00 38.15 ? 237  ILE A C   1 
ATOM   4   O O   . ILE A 1 32 ? -15.351 -10.542 11.281  1.00 38.68 ? 237  ILE A O   1 
ATOM   5   C CB  . ILE A 1 32 ? -15.354 -12.621 13.261  1.00 39.68 ? 237  ILE A CB  1 
ATOM   6   C CG1 . ILE A 1 32 ? -15.366 -13.456 14.558  1.00 39.99 ? 237  ILE A CG1 1 
ATOM   7   C CG2 . ILE A 1 32 ? -13.916 -12.430 12.769  1.00 41.12 ? 237  ILE A CG2 1 
ATOM   8   C CD1 . ILE A 1 32 ? -14.416 -14.673 14.555  1.00 36.31 ? 237  ILE A CD1 1 
ATOM   9   N N   . GLU A 1 33 ? -15.154 -9.030  12.931  1.00 37.29 ? 238  GLU A N   1 
ATOM   10  C CA  . GLU A 1 33 ? -14.513 -7.994  12.115  1.00 35.74 ? 238  GLU A CA  1 
ATOM   11  C C   . GLU A 1 33 ? -13.074 -7.791  12.582  1.00 32.45 ? 238  GLU A C   1 
ATOM   12  O O   . GLU A 1 33 ? -12.837 -7.581  13.764  1.00 32.91 ? 238  GLU A O   1 
ATOM   13  C CB  . GLU A 1 33 ? -15.286 -6.681  12.251  1.00 37.27 ? 238  GLU A CB  1 
ATOM   14  C CG  . GLU A 1 33 ? -15.125 -5.709  11.082  1.00 41.14 ? 238  GLU A CG  1 
ATOM   15  C CD  . GLU A 1 33 ? -15.721 -6.225  9.767   1.00 44.87 ? 238  GLU A CD  1 
ATOM   16  O OE1 . GLU A 1 33 ? -15.080 -6.021  8.713   1.00 48.16 ? 238  GLU A OE1 1 
ATOM   17  O OE2 . GLU A 1 33 ? -16.822 -6.827  9.777   1.00 48.07 ? 238  GLU A OE2 1 
ATOM   18  N N   . ILE A 1 34 ? -12.108 -7.869  11.666  1.00 29.08 ? 239  ILE A N   1 
ATOM   19  C CA  . ILE A 1 34 ? -10.689 -7.713  12.028  1.00 26.00 ? 239  ILE A CA  1 
ATOM   20  C C   . ILE A 1 34 ? -10.211 -6.261  11.880  1.00 23.19 ? 239  ILE A C   1 
ATOM   21  O O   . ILE A 1 34 ? -9.416  -5.774  12.676  1.00 22.10 ? 239  ILE A O   1 
ATOM   22  C CB  . ILE A 1 34 ? -9.776  -8.604  11.158  1.00 26.58 ? 239  ILE A CB  1 
ATOM   23  C CG1 . ILE A 1 34 ? -10.261 -10.062 11.166  1.00 26.66 ? 239  ILE A CG1 1 
ATOM   24  C CG2 . ILE A 1 34 ? -8.325  -8.502  11.625  1.00 25.46 ? 239  ILE A CG2 1 
ATOM   25  C CD1 . ILE A 1 34 ? -10.116 -10.760 12.501  1.00 28.79 ? 239  ILE A CD1 1 
ATOM   26  N N   . LEU A 1 35 ? -10.698 -5.586  10.846  1.00 21.01 ? 240  LEU A N   1 
ATOM   27  C CA  . LEU A 1 35 ? -10.261 -4.242  10.502  1.00 18.95 ? 240  LEU A CA  1 
ATOM   28  C C   . LEU A 1 35 ? -11.229 -3.169  11.001  1.00 18.69 ? 240  LEU A C   1 
ATOM   29  O O   . LEU A 1 35 ? -12.444 -3.331  10.938  1.00 18.66 ? 240  LEU A O   1 
ATOM   30  C CB  . LEU A 1 35 ? -10.141 -4.116  8.984   1.00 18.26 ? 240  LEU A CB  1 
ATOM   31  C CG  . LEU A 1 35 ? -9.179  -5.070  8.281   1.00 18.19 ? 240  LEU A CG  1 
ATOM   32  C CD1 . LEU A 1 35 ? -9.264  -4.804  6.801   1.00 15.02 ? 240  LEU A CD1 1 
ATOM   33  C CD2 . LEU A 1 35 ? -7.744  -4.928  8.793   1.00 13.56 ? 240  LEU A CD2 1 
ATOM   34  N N   . SER A 1 36 ? -10.680 -2.058  11.457  1.00 18.39 ? 241  SER A N   1 
ATOM   35  C CA  . SER A 1 36 ? -11.498 -0.911  11.830  1.00 19.56 ? 241  SER A CA  1 
ATOM   36  C C   . SER A 1 36 ? -12.009 -0.166  10.609  1.00 19.96 ? 241  SER A C   1 
ATOM   37  O O   . SER A 1 36 ? -11.518 -0.357  9.492   1.00 18.66 ? 241  SER A O   1 
ATOM   38  C CB  . SER A 1 36 ? -10.690 0.050   12.689  1.00 18.86 ? 241  SER A CB  1 
ATOM   39  O OG  . SER A 1 36 ? -9.722  0.725   11.906  1.00 23.89 ? 241  SER A OG  1 
ATOM   40  N N   . GLU A 1 37 ? -12.994 0.701   10.828  1.00 20.54 ? 242  GLU A N   1 
ATOM   41  C CA  . GLU A 1 37 ? -13.600 1.449   9.733   1.00 21.27 ? 242  GLU A CA  1 
ATOM   42  C C   . GLU A 1 37 ? -12.585 2.313   9.001   1.00 18.65 ? 242  GLU A C   1 
ATOM   43  O O   . GLU A 1 37 ? -12.632 2.420   7.777   1.00 16.69 ? 242  GLU A O   1 
ATOM   44  C CB  . GLU A 1 37 ? -14.759 2.316   10.226  1.00 23.09 ? 242  GLU A CB  1 
ATOM   45  C CG  . GLU A 1 37 ? -15.657 2.772   9.087   1.00 31.41 ? 242  GLU A CG  1 
ATOM   46  C CD  . GLU A 1 37 ? -15.774 1.720   7.977   1.00 37.93 ? 242  GLU A CD  1 
ATOM   47  O OE1 . GLU A 1 37 ? -16.308 0.628   8.277   1.00 43.03 ? 242  GLU A OE1 1 
ATOM   48  O OE2 . GLU A 1 37 ? -15.330 1.977   6.819   1.00 40.77 ? 242  GLU A OE2 1 
ATOM   49  N N   . GLN A 1 38 ? -11.670 2.930   9.739   1.00 16.73 ? 243  GLN A N   1 
ATOM   50  C CA  . GLN A 1 38 ? -10.695 3.822   9.113   1.00 17.63 ? 243  GLN A CA  1 
ATOM   51  C C   . GLN A 1 38 ? -9.713  3.067   8.231   1.00 15.52 ? 243  GLN A C   1 
ATOM   52  O O   . GLN A 1 38 ? -9.340  3.546   7.181   1.00 13.57 ? 243  GLN A O   1 
ATOM   53  C CB  . GLN A 1 38 ? -9.933  4.615   10.170  1.00 18.90 ? 243  GLN A CB  1 
ATOM   54  C CG  . GLN A 1 38 ? -8.972  5.612   9.608   1.00 20.57 ? 243  GLN A CG  1 
ATOM   55  C CD  . GLN A 1 38 ? -9.647  6.720   8.870   1.00 24.58 ? 243  GLN A CD  1 
ATOM   56  O OE1 . GLN A 1 38 ? -10.716 7.203   9.271   1.00 27.95 ? 243  GLN A OE1 1 
ATOM   57  N NE2 . GLN A 1 38 ? -9.038  7.138   7.772   1.00 25.46 ? 243  GLN A NE2 1 
ATOM   58  N N   . THR A 1 39 ? -9.299  1.879   8.649   1.00 17.59 ? 244  THR A N   1 
ATOM   59  C CA  . THR A 1 39 ? -8.392  1.058   7.828   1.00 17.44 ? 244  THR A CA  1 
ATOM   60  C C   . THR A 1 39 ? -9.108  0.579   6.550   1.00 17.58 ? 244  THR A C   1 
ATOM   61  O O   . THR A 1 39 ? -8.514  0.558   5.463   1.00 16.81 ? 244  THR A O   1 
ATOM   62  C CB  . THR A 1 39 ? -7.774  -0.124  8.646   1.00 18.95 ? 244  THR A CB  1 
ATOM   63  O OG1 . THR A 1 39 ? -6.968  0.396   9.720   1.00 20.50 ? 244  THR A OG1 1 
ATOM   64  C CG2 . THR A 1 39 ? -6.903  -1.038  7.764   1.00 17.06 ? 244  THR A CG2 1 
ATOM   65  N N   . LYS A 1 40 ? -10.389 0.224   6.670   1.00 16.49 ? 245  LYS A N   1 
ATOM   66  C CA  . LYS A 1 40 ? -11.177 -0.201  5.512   1.00 15.55 ? 245  LYS A CA  1 
ATOM   67  C C   . LYS A 1 40 ? -11.270 0.923   4.485   1.00 15.14 ? 245  LYS A C   1 
ATOM   68  O O   . LYS A 1 40 ? -11.113 0.697   3.295   1.00 13.70 ? 245  LYS A O   1 
ATOM   69  C CB  . LYS A 1 40 ? -12.576 -0.641  5.944   1.00 14.96 ? 245  LYS A CB  1 
ATOM   70  C CG  . LYS A 1 40 ? -12.629 -2.031  6.587   1.00 15.03 ? 245  LYS A CG  1 
ATOM   71  C CD  . LYS A 1 40 ? -14.068 -2.388  6.795   1.00 16.53 ? 245  LYS A CD  1 
ATOM   72  C CE  . LYS A 1 40 ? -14.278 -3.543  7.689   1.00 20.43 ? 245  LYS A CE  1 
ATOM   73  N NZ  . LYS A 1 40 ? -15.691 -3.513  8.143   1.00 20.88 ? 245  LYS A NZ  1 
ATOM   74  N N   . SER A 1 41 ? -11.518 2.136   4.974   1.00 15.72 ? 246  SER A N   1 
ATOM   75  C CA  . SER A 1 41 ? -11.577 3.339   4.160   1.00 15.97 ? 246  SER A CA  1 
ATOM   76  C C   . SER A 1 41 ? -10.250 3.637   3.479   1.00 15.90 ? 246  SER A C   1 
ATOM   77  O O   . SER A 1 41 ? -10.230 3.965   2.297   1.00 16.17 ? 246  SER A O   1 
ATOM   78  C CB  . SER A 1 41 ? -11.995 4.520   5.039   1.00 17.63 ? 246  SER A CB  1 
ATOM   79  O OG  . SER A 1 41 ? -11.917 5.738   4.322   1.00 19.74 ? 246  SER A OG  1 
ATOM   80  N N   . ASP A 1 42 ? -9.143  3.511   4.217   1.00 16.15 ? 247  ASP A N   1 
ATOM   81  C CA  . ASP A 1 42 ? -7.799  3.720   3.665   1.00 15.78 ? 247  ASP A CA  1 
ATOM   82  C C   . ASP A 1 42 ? -7.515  2.780   2.498   1.00 15.47 ? 247  ASP A C   1 
ATOM   83  O O   . ASP A 1 42 ? -6.957  3.207   1.484   1.00 15.22 ? 247  ASP A O   1 
ATOM   84  C CB  . ASP A 1 42 ? -6.740  3.528   4.737   1.00 14.63 ? 247  ASP A CB  1 
ATOM   85  C CG  . ASP A 1 42 ? -6.728  4.645   5.757   1.00 19.58 ? 247  ASP A CG  1 
ATOM   86  O OD1 . ASP A 1 42 ? -7.403  5.667   5.537   1.00 23.72 ? 247  ASP A OD1 1 
ATOM   87  O OD2 . ASP A 1 42 ? -6.037  4.510   6.786   1.00 23.62 ? 247  ASP A OD2 1 
ATOM   88  N N   . ILE A 1 43 ? -7.900  1.513   2.653   1.00 14.77 ? 248  ILE A N   1 
ATOM   89  C CA  . ILE A 1 43 ? -7.810  0.483   1.592   1.00 13.49 ? 248  ILE A CA  1 
ATOM   90  C C   . ILE A 1 43 ? -8.667  0.839   0.377   1.00 14.87 ? 248  ILE A C   1 
ATOM   91  O O   . ILE A 1 43 ? -8.205  0.772   -0.768  1.00 14.57 ? 248  ILE A O   1 
ATOM   92  C CB  . ILE A 1 43 ? -8.243  -0.934  2.116   1.00 12.89 ? 248  ILE A CB  1 
ATOM   93  C CG1 . ILE A 1 43 ? -7.327  -1.417  3.230   1.00 12.03 ? 248  ILE A CG1 1 
ATOM   94  C CG2 . ILE A 1 43 ? -8.238  -2.001  0.978   1.00 12.15 ? 248  ILE A CG2 1 
ATOM   95  C CD1 . ILE A 1 43 ? -7.809  -2.646  3.931   1.00 14.11 ? 248  ILE A CD1 1 
ATOM   96  N N   . ARG A 1 44 ? -9.920  1.210   0.624   1.00 16.41 ? 249  ARG A N   1 
ATOM   97  C CA  . ARG A 1 44 ? -10.825 1.604   -0.444  1.00 17.18 ? 249  ARG A CA  1 
ATOM   98  C C   . ARG A 1 44 ? -10.309 2.843   -1.183  1.00 18.99 ? 249  ARG A C   1 
ATOM   99  O O   . ARG A 1 44 ? -10.608 3.050   -2.368  1.00 18.27 ? 249  ARG A O   1 
ATOM   100 C CB  . ARG A 1 44 ? -12.233 1.892   0.108   1.00 18.06 ? 249  ARG A CB  1 
ATOM   101 C CG  . ARG A 1 44 ? -13.021 0.663   0.488   1.00 17.98 ? 249  ARG A CG  1 
ATOM   102 C CD  . ARG A 1 44 ? -14.494 0.983   0.691   1.00 18.19 ? 249  ARG A CD  1 
ATOM   103 N NE  . ARG A 1 44 ? -14.680 2.099   1.615   1.00 17.02 ? 249  ARG A NE  1 
ATOM   104 C CZ  . ARG A 1 44 ? -14.942 1.977   2.915   1.00 21.54 ? 249  ARG A CZ  1 
ATOM   105 N NH1 . ARG A 1 44 ? -15.053 0.785   3.482   1.00 16.80 ? 249  ARG A NH1 1 
ATOM   106 N NH2 . ARG A 1 44 ? -15.084 3.062   3.654   1.00 24.98 ? 249  ARG A NH2 1 
ATOM   107 N N   . ASN A 1 45 ? -9.526  3.663   -0.485  1.00 20.26 ? 250  ASN A N   1 
ATOM   108 C CA  . ASN A 1 45 ? -9.031  4.900   -1.065  1.00 21.29 ? 250  ASN A CA  1 
ATOM   109 C C   . ASN A 1 45 ? -7.643  4.813   -1.668  1.00 20.87 ? 250  ASN A C   1 
ATOM   110 O O   . ASN A 1 45 ? -7.086  5.831   -2.029  1.00 23.18 ? 250  ASN A O   1 
ATOM   111 C CB  . ASN A 1 45 ? -9.065  6.009   -0.031  1.00 22.00 ? 250  ASN A CB  1 
ATOM   112 C CG  . ASN A 1 45 ? -10.413 6.622   0.080   1.00 23.44 ? 250  ASN A CG  1 
ATOM   113 O OD1 . ASN A 1 45 ? -10.711 7.584   -0.609  1.00 31.81 ? 250  ASN A OD1 1 
ATOM   114 N ND2 . ASN A 1 45 ? -11.259 6.051   0.910   1.00 22.01 ? 250  ASN A ND2 1 
ATOM   115 N N   . SER A 1 46 ? -7.109  3.599   -1.780  1.00 20.42 ? 251  SER A N   1 
ATOM   116 C CA  . SER A 1 46 ? -5.779  3.353   -2.349  1.00 20.97 ? 251  SER A CA  1 
ATOM   117 C C   . SER A 1 46 ? -5.877  2.865   -3.803  1.00 20.59 ? 251  SER A C   1 
ATOM   118 O O   . SER A 1 46 ? -6.922  2.363   -4.226  1.00 17.90 ? 251  SER A O   1 
ATOM   119 C CB  . SER A 1 46 ? -5.040  2.288   -1.529  1.00 21.13 ? 251  SER A CB  1 
ATOM   120 O OG  . SER A 1 46 ? -4.820  2.715   -0.205  1.00 23.09 ? 251  SER A OG  1 
ATOM   121 N N   . LYS A 1 47 ? -4.791  3.027   -4.571  1.00 19.61 ? 252  LYS A N   1 
ATOM   122 C CA  . LYS A 1 47 ? -4.744  2.506   -5.950  1.00 18.80 ? 252  LYS A CA  1 
ATOM   123 C C   . LYS A 1 47 ? -4.306  1.050   -5.918  1.00 16.90 ? 252  LYS A C   1 
ATOM   124 O O   . LYS A 1 47 ? -4.729  0.251   -6.749  1.00 16.07 ? 252  LYS A O   1 
ATOM   125 C CB  . LYS A 1 47 ? -3.774  3.317   -6.829  1.00 19.02 ? 252  LYS A CB  1 
ATOM   126 C CG  . LYS A 1 47 ? -4.176  4.769   -7.031  1.00 23.94 ? 252  LYS A CG  1 
ATOM   127 C CD  . LYS A 1 47 ? -5.589  4.889   -7.603  1.00 25.77 ? 252  LYS A CD  1 
ATOM   128 C CE  . LYS A 1 47 ? -6.068  6.338   -7.600  1.00 31.44 ? 252  LYS A CE  1 
ATOM   129 N NZ  . LYS A 1 47 ? -7.172  6.577   -8.572  1.00 32.24 ? 252  LYS A NZ  1 
ATOM   130 N N   . LEU A 1 48 ? -3.434  0.733   -4.964  1.00 16.77 ? 253  LEU A N   1 
ATOM   131 C CA  . LEU A 1 48 ? -2.960  -0.646  -4.737  1.00 17.52 ? 253  LEU A CA  1 
ATOM   132 C C   . LEU A 1 48 ? -2.442  -0.873  -3.323  1.00 15.70 ? 253  LEU A C   1 
ATOM   133 O O   . LEU A 1 48 ? -2.190  0.068   -2.575  1.00 15.61 ? 253  LEU A O   1 
ATOM   134 C CB  . LEU A 1 48 ? -1.835  -0.990  -5.708  1.00 18.12 ? 253  LEU A CB  1 
ATOM   135 C CG  . LEU A 1 48 ? -0.515  -0.228  -5.549  1.00 18.92 ? 253  LEU A CG  1 
ATOM   136 C CD1 . LEU A 1 48 ? 0.644   -1.062  -6.075  1.00 21.14 ? 253  LEU A CD1 1 
ATOM   137 C CD2 . LEU A 1 48 ? -0.598  1.091   -6.272  1.00 18.60 ? 253  LEU A CD2 1 
ATOM   138 N N   . VAL A 1 49 ? -2.274  -2.142  -2.966  1.00 15.52 ? 254  VAL A N   1 
ATOM   139 C CA  . VAL A 1 49 ? -1.637  -2.495  -1.728  1.00 14.67 ? 254  VAL A CA  1 
ATOM   140 C C   . VAL A 1 49 ? -0.415  -3.271  -2.116  1.00 14.68 ? 254  VAL A C   1 
ATOM   141 O O   . VAL A 1 49 ? -0.526  -4.223  -2.866  1.00 14.24 ? 254  VAL A O   1 
ATOM   142 C CB  . VAL A 1 49 ? -2.537  -3.369  -0.837  1.00 14.25 ? 254  VAL A CB  1 
ATOM   143 C CG1 . VAL A 1 49 ? -1.761  -3.951  0.319   1.00 14.56 ? 254  VAL A CG1 1 
ATOM   144 C CG2 . VAL A 1 49 ? -3.723  -2.563  -0.333  1.00 18.57 ? 254  VAL A CG2 1 
ATOM   145 N N   . VAL A 1 50 ? 0.748   -2.859  -1.619  1.00 15.25 ? 255  VAL A N   1 
ATOM   146 C CA  . VAL A 1 50 ? 1.981   -3.599  -1.847  1.00 16.58 ? 255  VAL A CA  1 
ATOM   147 C C   . VAL A 1 50 ? 2.247   -4.553  -0.686  1.00 18.42 ? 255  VAL A C   1 
ATOM   148 O O   . VAL A 1 50 ? 2.184   -4.165  0.482   1.00 18.46 ? 255  VAL A O   1 
ATOM   149 C CB  . VAL A 1 50 ? 3.187   -2.663  -1.991  1.00 18.08 ? 255  VAL A CB  1 
ATOM   150 C CG1 . VAL A 1 50 ? 4.455   -3.473  -2.277  1.00 17.93 ? 255  VAL A CG1 1 
ATOM   151 C CG2 . VAL A 1 50 ? 2.940   -1.633  -3.085  1.00 18.71 ? 255  VAL A CG2 1 
ATOM   152 N N   . MET A 1 51 ? 2.557   -5.800  -1.012  1.00 19.07 ? 256  MET A N   1 
ATOM   153 C CA  . MET A 1 51 ? 2.792   -6.803  -0.003  1.00 21.71 ? 256  MET A CA  1 
ATOM   154 C C   . MET A 1 51 ? 4.094   -7.543  -0.205  1.00 22.06 ? 256  MET A C   1 
ATOM   155 O O   . MET A 1 51 ? 4.672   -7.545  -1.286  1.00 19.46 ? 256  MET A O   1 
ATOM   156 C CB  . MET A 1 51 ? 1.641   -7.799  0.047   1.00 24.00 ? 256  MET A CB  1 
ATOM   157 C CG  . MET A 1 51 ? 0.791   -7.815  -1.188  1.00 30.26 ? 256  MET A CG  1 
ATOM   158 S SD  . MET A 1 51 ? -0.449  -9.103  -1.071  1.00 38.94 ? 256  MET A SD  1 
ATOM   159 C CE  . MET A 1 51 ? -0.323  -9.916  -2.672  1.00 31.84 ? 256  MET A CE  1 
ATOM   160 N N   . ASN A 1 52 ? 4.572   -8.148  0.866   1.00 23.10 ? 257  ASN A N   1 
ATOM   161 C CA  . ASN A 1 52 ? 5.671   -9.057  0.737   1.00 23.86 ? 257  ASN A CA  1 
ATOM   162 C C   . ASN A 1 52 ? 5.089   -10.435 0.528   1.00 25.45 ? 257  ASN A C   1 
ATOM   163 O O   . ASN A 1 52 ? 5.732   -11.457 0.790   1.00 27.65 ? 257  ASN A O   1 
ATOM   164 C CB  . ASN A 1 52 ? 6.643   -8.963  1.929   1.00 24.41 ? 257  ASN A CB  1 
ATOM   165 C CG  . ASN A 1 52 ? 6.032   -9.391  3.262   1.00 21.79 ? 257  ASN A CG  1 
ATOM   166 O OD1 . ASN A 1 52 ? 4.826   -9.583  3.405   1.00 17.48 ? 257  ASN A OD1 1 
ATOM   167 N ND2 . ASN A 1 52 ? 6.897   -9.529  4.258   1.00 21.78 ? 257  ASN A ND2 1 
ATOM   168 O OXT . ASN A 1 52 ? 3.944   -10.529 0.060   1.00 24.11 ? 257  ASN A OXT 1 
ATOM   169 N N   . PRO B 2 1  ? 7.381   -7.521  9.890   1.00 44.92 ? 258  PRO B N   1 
ATOM   170 C CA  . PRO B 2 1  ? 8.421   -8.511  9.643   1.00 44.38 ? 258  PRO B CA  1 
ATOM   171 C C   . PRO B 2 1  ? 7.943   -9.679  8.791   1.00 43.22 ? 258  PRO B C   1 
ATOM   172 O O   . PRO B 2 1  ? 8.245   -9.725  7.594   1.00 45.28 ? 258  PRO B O   1 
ATOM   173 C CB  . PRO B 2 1  ? 8.780   -8.977  11.047  1.00 44.64 ? 258  PRO B CB  1 
ATOM   174 C CG  . PRO B 2 1  ? 8.628   -7.739  11.876  1.00 45.35 ? 258  PRO B CG  1 
ATOM   175 C CD  . PRO B 2 1  ? 7.489   -6.954  11.245  1.00 45.61 ? 258  PRO B CD  1 
ATOM   176 N N   . THR B 2 2  ? 7.207   -10.617 9.379   1.00 40.33 ? 259  THR B N   1 
ATOM   177 C CA  . THR B 2 2  ? 6.742   -11.767 8.608   1.00 38.05 ? 259  THR B CA  1 
ATOM   178 C C   . THR B 2 2  ? 5.781   -11.332 7.485   1.00 34.63 ? 259  THR B C   1 
ATOM   179 O O   . THR B 2 2  ? 5.966   -11.726 6.332   1.00 35.91 ? 259  THR B O   1 
ATOM   180 C CB  . THR B 2 2  ? 6.080   -12.846 9.499   1.00 38.82 ? 259  THR B CB  1 
ATOM   181 O OG1 . THR B 2 2  ? 6.790   -12.946 10.739  1.00 42.58 ? 259  THR B OG1 1 
ATOM   182 C CG2 . THR B 2 2  ? 6.092   -14.208 8.798   1.00 38.42 ? 259  THR B CG2 1 
ATOM   183 N N   . HIS B 2 3  ? 4.763   -10.533 7.806   1.00 28.57 ? 260  HIS B N   1 
ATOM   184 C CA  . HIS B 2 3  ? 3.845   -10.052 6.775   1.00 24.95 ? 260  HIS B CA  1 
ATOM   185 C C   . HIS B 2 3  ? 3.714   -8.545  6.821   1.00 22.36 ? 260  HIS B C   1 
ATOM   186 O O   . HIS B 2 3  ? 3.601   -7.957  7.897   1.00 20.92 ? 260  HIS B O   1 
ATOM   187 C CB  . HIS B 2 3  ? 2.475   -10.702 6.903   1.00 23.26 ? 260  HIS B CB  1 
ATOM   188 C CG  . HIS B 2 3  ? 2.505   -12.182 6.730   1.00 22.28 ? 260  HIS B CG  1 
ATOM   189 N ND1 . HIS B 2 3  ? 2.340   -13.056 7.782   1.00 23.76 ? 260  HIS B ND1 1 
ATOM   190 C CD2 . HIS B 2 3  ? 2.716   -12.944 5.632   1.00 20.93 ? 260  HIS B CD2 1 
ATOM   191 C CE1 . HIS B 2 3  ? 2.442   -14.295 7.337   1.00 22.67 ? 260  HIS B CE1 1 
ATOM   192 N NE2 . HIS B 2 3  ? 2.659   -14.254 6.034   1.00 25.38 ? 260  HIS B NE2 1 
ATOM   193 N N   . ILE B 2 4  ? 3.757   -7.943  5.636   1.00 19.95 ? 261  ILE B N   1 
ATOM   194 C CA  . ILE B 2 4  ? 3.707   -6.486  5.470   1.00 20.10 ? 261  ILE B CA  1 
ATOM   195 C C   . ILE B 2 4  ? 2.631   -6.095  4.426   1.00 19.72 ? 261  ILE B C   1 
ATOM   196 O O   . ILE B 2 4  ? 2.468   -6.749  3.399   1.00 20.29 ? 261  ILE B O   1 
ATOM   197 C CB  . ILE B 2 4  ? 5.078   -5.923  5.013   1.00 19.32 ? 261  ILE B CB  1 
ATOM   198 C CG1 . ILE B 2 4  ? 6.158   -6.148  6.074   1.00 19.83 ? 261  ILE B CG1 1 
ATOM   199 C CG2 . ILE B 2 4  ? 4.967   -4.444  4.697   1.00 21.37 ? 261  ILE B CG2 1 
ATOM   200 C CD1 . ILE B 2 4  ? 7.569   -5.992  5.545   1.00 13.31 ? 261  ILE B CD1 1 
ATOM   201 N N   . ALA B 2 5  ? 1.886   -5.035  4.710   1.00 18.55 ? 262  ALA B N   1 
ATOM   202 C CA  . ALA B 2 5  ? 0.951   -4.470  3.747   1.00 18.94 ? 262  ALA B CA  1 
ATOM   203 C C   . ALA B 2 5  ? 1.157   -2.960  3.721   1.00 17.78 ? 262  ALA B C   1 
ATOM   204 O O   . ALA B 2 5  ? 1.103   -2.313  4.760   1.00 18.57 ? 262  ALA B O   1 
ATOM   205 C CB  . ALA B 2 5  ? -0.477  -4.804  4.134   1.00 18.99 ? 262  ALA B CB  1 
ATOM   206 N N   . ILE B 2 6  ? 1.422   -2.411  2.540   1.00 16.64 ? 263  ILE B N   1 
ATOM   207 C CA  . ILE B 2 6  ? 1.567   -0.959  2.381   1.00 15.96 ? 263  ILE B CA  1 
ATOM   208 C C   . ILE B 2 6  ? 0.556   -0.506  1.333   1.00 16.24 ? 263  ILE B C   1 
ATOM   209 O O   . ILE B 2 6  ? 0.545   -0.970  0.172   1.00 15.08 ? 263  ILE B O   1 
ATOM   210 C CB  . ILE B 2 6  ? 3.009   -0.519  1.948   1.00 16.61 ? 263  ILE B CB  1 
ATOM   211 C CG1 . ILE B 2 6  ? 4.109   -1.312  2.683   1.00 14.69 ? 263  ILE B CG1 1 
ATOM   212 C CG2 . ILE B 2 6  ? 3.182   1.012   2.094   1.00 14.88 ? 263  ILE B CG2 1 
ATOM   213 C CD1 . ILE B 2 6  ? 4.470   -0.868  4.119   1.00 14.98 ? 263  ILE B CD1 1 
ATOM   214 N N   . GLY B 2 7  ? -0.322  0.383   1.764   1.00 15.73 ? 264  GLY B N   1 
ATOM   215 C CA  . GLY B 2 7  ? -1.314  0.943   0.898   1.00 15.78 ? 264  GLY B CA  1 
ATOM   216 C C   . GLY B 2 7  ? -0.696  2.108   0.162   1.00 14.75 ? 264  GLY B C   1 
ATOM   217 O O   . GLY B 2 7  ? 0.067   2.872   0.745   1.00 15.15 ? 264  GLY B O   1 
ATOM   218 N N   . ILE B 2 8  ? -1.018  2.234   -1.120  1.00 15.54 ? 265  ILE B N   1 
ATOM   219 C CA  . ILE B 2 8  ? -0.477  3.309   -1.954  1.00 15.88 ? 265  ILE B CA  1 
ATOM   220 C C   . ILE B 2 8  ? -1.578  4.073   -2.689  1.00 17.69 ? 265  ILE B C   1 
ATOM   221 O O   . ILE B 2 8  ? -2.405  3.506   -3.398  1.00 17.37 ? 265  ILE B O   1 
ATOM   222 C CB  . ILE B 2 8  ? 0.540   2.793   -2.984  1.00 16.19 ? 265  ILE B CB  1 
ATOM   223 C CG1 . ILE B 2 8  ? 1.664   2.022   -2.304  1.00 17.82 ? 265  ILE B CG1 1 
ATOM   224 C CG2 . ILE B 2 8  ? 1.120   3.952   -3.777  1.00 15.23 ? 265  ILE B CG2 1 
ATOM   225 C CD1 . ILE B 2 8  ? 2.624   2.869   -1.560  1.00 15.28 ? 265  ILE B CD1 1 
ATOM   226 N N   . TYR B 2 9  ? -1.567  5.383   -2.497  1.00 20.77 ? 266  TYR B N   1 
ATOM   227 C CA  . TYR B 2 9  ? -2.468  6.286   -3.177  1.00 20.73 ? 266  TYR B CA  1 
ATOM   228 C C   . TYR B 2 9  ? -1.666  7.115   -4.179  1.00 20.10 ? 266  TYR B C   1 
ATOM   229 O O   . TYR B 2 9  ? -0.460  7.227   -4.039  1.00 18.40 ? 266  TYR B O   1 
ATOM   230 C CB  . TYR B 2 9  ? -3.083  7.193   -2.124  1.00 21.16 ? 266  TYR B CB  1 
ATOM   231 C CG  . TYR B 2 9  ? -3.906  8.289   -2.705  1.00 23.51 ? 266  TYR B CG  1 
ATOM   232 C CD1 . TYR B 2 9  ? -5.141  8.021   -3.268  1.00 26.84 ? 266  TYR B CD1 1 
ATOM   233 C CD2 . TYR B 2 9  ? -3.456  9.594   -2.690  1.00 27.19 ? 266  TYR B CD2 1 
ATOM   234 C CE1 . TYR B 2 9  ? -5.911  9.027   -3.812  1.00 30.01 ? 266  TYR B CE1 1 
ATOM   235 C CE2 . TYR B 2 9  ? -4.217  10.607  -3.234  1.00 30.41 ? 266  TYR B CE2 1 
ATOM   236 C CZ  . TYR B 2 9  ? -5.444  10.317  -3.794  1.00 28.65 ? 266  TYR B CZ  1 
ATOM   237 O OH  . TYR B 2 9  ? -6.206  11.327  -4.331  1.00 35.94 ? 266  TYR B OH  1 
ATOM   238 N N   . PHE B 2 10 ? -2.305  7.709   -5.183  1.00 21.74 ? 267  PHE B N   1 
ATOM   239 C CA  . PHE B 2 10 ? -1.561  8.618   -6.079  1.00 23.75 ? 267  PHE B CA  1 
ATOM   240 C C   . PHE B 2 10 ? -2.430  9.663   -6.762  1.00 24.40 ? 267  PHE B C   1 
ATOM   241 O O   . PHE B 2 10 ? -3.443  9.333   -7.358  1.00 25.49 ? 267  PHE B O   1 
ATOM   242 C CB  . PHE B 2 10 ? -0.795  7.822   -7.139  1.00 24.38 ? 267  PHE B CB  1 
ATOM   243 C CG  . PHE B 2 10 ? 0.126   8.661   -7.990  1.00 25.46 ? 267  PHE B CG  1 
ATOM   244 C CD1 . PHE B 2 10 ? 1.288   9.193   -7.462  1.00 27.35 ? 267  PHE B CD1 1 
ATOM   245 C CD2 . PHE B 2 10 ? -0.159  8.896   -9.321  1.00 26.23 ? 267  PHE B CD2 1 
ATOM   246 C CE1 . PHE B 2 10 ? 2.129   9.964   -8.241  1.00 27.98 ? 267  PHE B CE1 1 
ATOM   247 C CE2 . PHE B 2 10 ? 0.694   9.665   -10.105 1.00 24.28 ? 267  PHE B CE2 1 
ATOM   248 C CZ  . PHE B 2 10 ? 1.831   10.194  -9.563  1.00 23.43 ? 267  PHE B CZ  1 
ATOM   249 N N   . ASN B 2 11 ? -2.009  10.923  -6.677  1.00 25.49 ? 268  ASN B N   1 
ATOM   250 C CA  . ASN B 2 11 ? -2.664  12.039  -7.385  1.00 27.28 ? 268  ASN B CA  1 
ATOM   251 C C   . ASN B 2 11 ? -1.624  13.064  -7.844  1.00 26.03 ? 268  ASN B C   1 
ATOM   252 O O   . ASN B 2 11 ? -0.983  13.728  -7.027  1.00 25.46 ? 268  ASN B O   1 
ATOM   253 C CB  . ASN B 2 11 ? -3.714  12.721  -6.498  1.00 27.99 ? 268  ASN B CB  1 
ATOM   254 C CG  . ASN B 2 11 ? -4.502  13.783  -7.242  1.00 29.76 ? 268  ASN B CG  1 
ATOM   255 O OD1 . ASN B 2 11 ? -4.247  14.060  -8.414  1.00 30.47 ? 268  ASN B OD1 1 
ATOM   256 N ND2 . ASN B 2 11 ? -5.471  14.380  -6.562  1.00 30.88 ? 268  ASN B ND2 1 
ATOM   257 N N   . PRO B 2 12 ? -1.440  13.175  -9.160  1.00 25.52 ? 269  PRO B N   1 
ATOM   258 C CA  . PRO B 2 12 ? -0.359  13.981  -9.692  1.00 27.86 ? 269  PRO B CA  1 
ATOM   259 C C   . PRO B 2 12 ? -0.580  15.498  -9.573  1.00 29.28 ? 269  PRO B C   1 
ATOM   260 O O   . PRO B 2 12 ? 0.357   16.284  -9.766  1.00 29.65 ? 269  PRO B O   1 
ATOM   261 C CB  . PRO B 2 12 ? -0.294  13.544  -11.158 1.00 27.61 ? 269  PRO B CB  1 
ATOM   262 C CG  . PRO B 2 12 ? -1.654  13.038  -11.459 1.00 25.99 ? 269  PRO B CG  1 
ATOM   263 C CD  . PRO B 2 12 ? -2.112  12.395  -10.205 1.00 25.91 ? 269  PRO B CD  1 
ATOM   264 N N   . GLU B 2 13 ? -1.797  15.909  -9.243  1.00 30.03 ? 270  GLU B N   1 
ATOM   265 C CA  . GLU B 2 13 ? -2.064  17.329  -9.046  1.00 31.33 ? 270  GLU B CA  1 
ATOM   266 C C   . GLU B 2 13 ? -1.524  17.820  -7.696  1.00 31.67 ? 270  GLU B C   1 
ATOM   267 O O   . GLU B 2 13 ? -1.366  19.028  -7.483  1.00 31.71 ? 270  GLU B O   1 
ATOM   268 C CB  . GLU B 2 13 ? -3.568  17.608  -9.140  1.00 31.20 ? 270  GLU B CB  1 
ATOM   269 C CG  . GLU B 2 13 ? -4.211  17.219  -10.470 1.00 33.89 ? 270  GLU B CG  1 
ATOM   270 C CD  . GLU B 2 13 ? -3.590  17.936  -11.666 1.00 35.55 ? 270  GLU B CD  1 
ATOM   271 O OE1 . GLU B 2 13 ? -3.053  19.049  -11.481 1.00 33.91 ? 270  GLU B OE1 1 
ATOM   272 O OE2 . GLU B 2 13 ? -3.644  17.383  -12.789 1.00 35.81 ? 270  GLU B OE2 1 
ATOM   273 N N   . ILE B 2 14 ? -1.249  16.889  -6.784  1.00 31.88 ? 271  ILE B N   1 
ATOM   274 C CA  . ILE B 2 14 ? -0.825  17.264  -5.438  1.00 33.01 ? 271  ILE B CA  1 
ATOM   275 C C   . ILE B 2 14 ? 0.681   17.096  -5.241  1.00 34.27 ? 271  ILE B C   1 
ATOM   276 O O   . ILE B 2 14 ? 1.328   17.914  -4.577  1.00 34.49 ? 271  ILE B O   1 
ATOM   277 C CB  . ILE B 2 14 ? -1.559  16.455  -4.372  1.00 33.33 ? 271  ILE B CB  1 
ATOM   278 C CG1 . ILE B 2 14 ? -3.073  16.598  -4.558  1.00 33.46 ? 271  ILE B CG1 1 
ATOM   279 C CG2 . ILE B 2 14 ? -1.139  16.934  -2.992  1.00 33.96 ? 271  ILE B CG2 1 
ATOM   280 C CD1 . ILE B 2 14 ? -3.875  15.539  -3.850  1.00 35.69 ? 271  ILE B CD1 1 
ATOM   281 N N   . ALA B 2 15 ? 1.235   16.032  -5.816  1.00 33.60 ? 272  ALA B N   1 
ATOM   282 C CA  . ALA B 2 15 ? 2.673   15.832  -5.823  1.00 32.42 ? 272  ALA B CA  1 
ATOM   283 C C   . ALA B 2 15 ? 3.021   14.663  -6.730  1.00 32.43 ? 272  ALA B C   1 
ATOM   284 O O   . ALA B 2 15 ? 2.182   13.794  -6.987  1.00 31.37 ? 272  ALA B O   1 
ATOM   285 C CB  . ALA B 2 15 ? 3.197   15.601  -4.420  1.00 32.65 ? 272  ALA B CB  1 
ATOM   286 N N   . PRO B 2 16 ? 4.266   14.648  -7.235  1.00 32.46 ? 273  PRO B N   1 
ATOM   287 C CA  . PRO B 2 16 ? 4.719   13.611  -8.161  1.00 31.32 ? 273  PRO B CA  1 
ATOM   288 C C   . PRO B 2 16 ? 5.073   12.315  -7.440  1.00 29.52 ? 273  PRO B C   1 
ATOM   289 O O   . PRO B 2 16 ? 5.324   11.299  -8.079  1.00 30.84 ? 273  PRO B O   1 
ATOM   290 C CB  . PRO B 2 16 ? 5.951   14.240  -8.819  1.00 31.42 ? 273  PRO B CB  1 
ATOM   291 C CG  . PRO B 2 16 ? 6.478   15.199  -7.810  1.00 32.04 ? 273  PRO B CG  1 
ATOM   292 C CD  . PRO B 2 16 ? 5.300   15.671  -6.987  1.00 31.93 ? 273  PRO B CD  1 
ATOM   293 N N   . ALA B 2 17 ? 5.072   12.355  -6.116  1.00 28.15 ? 274  ALA B N   1 
ATOM   294 C CA  . ALA B 2 17 ? 5.354   11.179  -5.312  1.00 26.15 ? 274  ALA B CA  1 
ATOM   295 C C   . ALA B 2 17 ? 4.065   10.500  -4.878  1.00 24.56 ? 274  ALA B C   1 
ATOM   296 O O   . ALA B 2 17 ? 3.096   11.184  -4.534  1.00 23.81 ? 274  ALA B O   1 
ATOM   297 C CB  . ALA B 2 17 ? 6.160   11.570  -4.095  1.00 26.02 ? 274  ALA B CB  1 
ATOM   298 N N   . PRO B 2 18 ? 4.052   9.151   -4.893  1.00 22.74 ? 275  PRO B N   1 
ATOM   299 C CA  . PRO B 2 18 ? 2.960   8.347   -4.317  1.00 22.68 ? 275  PRO B CA  1 
ATOM   300 C C   . PRO B 2 18 ? 2.816   8.590   -2.818  1.00 20.69 ? 275  PRO B C   1 
ATOM   301 O O   . PRO B 2 18 ? 3.723   9.098   -2.204  1.00 21.32 ? 275  PRO B O   1 
ATOM   302 C CB  . PRO B 2 18 ? 3.395   6.895   -4.595  1.00 22.40 ? 275  PRO B CB  1 
ATOM   303 C CG  . PRO B 2 18 ? 4.349   6.992   -5.754  1.00 22.84 ? 275  PRO B CG  1 
ATOM   304 C CD  . PRO B 2 18 ? 5.063   8.314   -5.561  1.00 23.22 ? 275  PRO B CD  1 
ATOM   305 N N   . PHE B 2 19 ? 1.691   8.214   -2.236  1.00 20.86 ? 276  PHE B N   1 
ATOM   306 C CA  . PHE B 2 19 ? 1.402   8.513   -0.837  1.00 21.25 ? 276  PHE B CA  1 
ATOM   307 C C   . PHE B 2 19 ? 1.033   7.218   -0.116  1.00 20.52 ? 276  PHE B C   1 
ATOM   308 O O   . PHE B 2 19 ? 0.211   6.452   -0.602  1.00 20.59 ? 276  PHE B O   1 
ATOM   309 C CB  . PHE B 2 19 ? 0.247   9.519   -0.774  1.00 22.28 ? 276  PHE B CB  1 
ATOM   310 C CG  . PHE B 2 19 ? -0.311  9.764   0.609   1.00 22.60 ? 276  PHE B CG  1 
ATOM   311 C CD1 . PHE B 2 19 ? 0.073   10.870  1.337   1.00 21.21 ? 276  PHE B CD1 1 
ATOM   312 C CD2 . PHE B 2 19 ? -1.254  8.922   1.148   1.00 21.37 ? 276  PHE B CD2 1 
ATOM   313 C CE1 . PHE B 2 19 ? -0.449  11.118  2.586   1.00 25.71 ? 276  PHE B CE1 1 
ATOM   314 C CE2 . PHE B 2 19 ? -1.783  9.164   2.411   1.00 25.17 ? 276  PHE B CE2 1 
ATOM   315 C CZ  . PHE B 2 19 ? -1.389  10.267  3.123   1.00 24.36 ? 276  PHE B CZ  1 
ATOM   316 N N   . ILE B 2 20 ? 1.679   6.964   1.019   1.00 20.20 ? 277  ILE B N   1 
ATOM   317 C CA  . ILE B 2 20 ? 1.406   5.770   1.830   1.00 19.62 ? 277  ILE B CA  1 
ATOM   318 C C   . ILE B 2 20 ? 0.192   5.978   2.741   1.00 20.58 ? 277  ILE B C   1 
ATOM   319 O O   . ILE B 2 20 ? 0.240   6.789   3.659   1.00 18.50 ? 277  ILE B O   1 
ATOM   320 C CB  . ILE B 2 20 ? 2.625   5.384   2.703   1.00 19.11 ? 277  ILE B CB  1 
ATOM   321 C CG1 . ILE B 2 20 ? 3.792   4.925   1.814   1.00 20.06 ? 277  ILE B CG1 1 
ATOM   322 C CG2 . ILE B 2 20 ? 2.212   4.298   3.741   1.00 14.26 ? 277  ILE B CG2 1 
ATOM   323 C CD1 . ILE B 2 20 ? 5.127   4.821   2.528   1.00 20.41 ? 277  ILE B CD1 1 
ATOM   324 N N   . SER B 2 21 ? -0.874  5.226   2.471   1.00 21.71 ? 278  SER B N   1 
ATOM   325 C CA  . SER B 2 21 ? -2.156  5.320   3.183   1.00 23.50 ? 278  SER B CA  1 
ATOM   326 C C   . SER B 2 21 ? -2.319  4.334   4.350   1.00 24.05 ? 278  SER B C   1 
ATOM   327 O O   . SER B 2 21 ? -3.236  4.464   5.158   1.00 27.86 ? 278  SER B O   1 
ATOM   328 C CB  . SER B 2 21 ? -3.288  5.052   2.203   1.00 23.62 ? 278  SER B CB  1 
ATOM   329 O OG  . SER B 2 21 ? -3.073  3.830   1.510   1.00 27.18 ? 278  SER B OG  1 
ATOM   330 N N   . LEU B 2 22 ? -1.457  3.332   4.422   1.00 22.94 ? 279  LEU B N   1 
ATOM   331 C CA  . LEU B 2 22 ? -1.527  2.373   5.506   1.00 21.34 ? 279  LEU B CA  1 
ATOM   332 C C   . LEU B 2 22 ? -0.247  1.560   5.544   1.00 19.25 ? 279  LEU B C   1 
ATOM   333 O O   . LEU B 2 22 ? 0.394   1.319   4.522   1.00 19.43 ? 279  LEU B O   1 
ATOM   334 C CB  . LEU B 2 22 ? -2.789  1.482   5.384   1.00 22.10 ? 279  LEU B CB  1 
ATOM   335 C CG  . LEU B 2 22 ? -2.887  0.315   4.387   1.00 18.09 ? 279  LEU B CG  1 
ATOM   336 C CD1 . LEU B 2 22 ? -2.288  -0.958  4.960   1.00 16.91 ? 279  LEU B CD1 1 
ATOM   337 C CD2 . LEU B 2 22 ? -4.328  0.064   4.020   1.00 19.07 ? 279  LEU B CD2 1 
ATOM   338 N N   . ILE B 2 23 ? 0.146   1.192   6.744   1.00 17.62 ? 280  ILE B N   1 
ATOM   339 C CA  . ILE B 2 23 ? 1.213   0.237   6.939   1.00 18.10 ? 280  ILE B CA  1 
ATOM   340 C C   . ILE B 2 23 ? 0.783   -0.707  8.040   1.00 18.51 ? 280  ILE B C   1 
ATOM   341 O O   . ILE B 2 23 ? 0.619   -0.291  9.184   1.00 17.45 ? 280  ILE B O   1 
ATOM   342 C CB  . ILE B 2 23 ? 2.532   0.888   7.371   1.00 17.78 ? 280  ILE B CB  1 
ATOM   343 C CG1 . ILE B 2 23 ? 2.991   1.943   6.350   1.00 17.94 ? 280  ILE B CG1 1 
ATOM   344 C CG2 . ILE B 2 23 ? 3.603   -0.195  7.548   1.00 17.26 ? 280  ILE B CG2 1 
ATOM   345 C CD1 . ILE B 2 23 ? 4.389   2.507   6.617   1.00 14.26 ? 280  ILE B CD1 1 
ATOM   346 N N   . GLU B 2 24 ? 0.595   -1.973  7.692   1.00 17.34 ? 281  GLU B N   1 
ATOM   347 C CA  . GLU B 2 24 ? 0.255   -2.984  8.690   1.00 18.87 ? 281  GLU B CA  1 
ATOM   348 C C   . GLU B 2 24 ? 1.203   -4.174  8.538   1.00 18.48 ? 281  GLU B C   1 
ATOM   349 O O   . GLU B 2 24 ? 1.834   -4.341  7.497   1.00 17.30 ? 281  GLU B O   1 
ATOM   350 C CB  . GLU B 2 24 ? -1.203  -3.436  8.549   1.00 17.83 ? 281  GLU B CB  1 
ATOM   351 C CG  . GLU B 2 24 ? -2.225  -2.314  8.637   1.00 19.32 ? 281  GLU B CG  1 
ATOM   352 C CD  . GLU B 2 24 ? -2.310  -1.665  10.012  1.00 26.56 ? 281  GLU B CD  1 
ATOM   353 O OE1 . GLU B 2 24 ? -2.048  -2.349  11.027  1.00 30.66 ? 281  GLU B OE1 1 
ATOM   354 O OE2 . GLU B 2 24 ? -2.669  -0.471  10.084  1.00 28.37 ? 281  GLU B OE2 1 
ATOM   355 N N   . THR B 2 25 ? 1.325   -4.974  9.594   1.00 17.50 ? 282  THR B N   1 
ATOM   356 C CA  . THR B 2 25 ? 2.220   -6.106  9.600   1.00 17.96 ? 282  THR B CA  1 
ATOM   357 C C   . THR B 2 25 ? 1.506   -7.338  10.155  1.00 19.38 ? 282  THR B C   1 
ATOM   358 O O   . THR B 2 25 ? 0.480   -7.235  10.830  1.00 18.08 ? 282  THR B O   1 
ATOM   359 C CB  . THR B 2 25 ? 3.489   -5.837  10.491  1.00 19.83 ? 282  THR B CB  1 
ATOM   360 O OG1 . THR B 2 25 ? 3.095   -5.654  11.863  1.00 20.97 ? 282  THR B OG1 1 
ATOM   361 C CG2 . THR B 2 25 ? 4.250   -4.603  10.026  1.00 18.71 ? 282  THR B CG2 1 
ATOM   362 N N   . ASN B 2 26 ? 2.064   -8.506  9.852   1.00 19.69 ? 283  ASN B N   1 
ATOM   363 C CA  . ASN B 2 26 ? 1.595   -9.782  10.386  1.00 19.38 ? 283  ASN B CA  1 
ATOM   364 C C   . ASN B 2 26 ? 0.108   -10.052 10.184  1.00 18.50 ? 283  ASN B C   1 
ATOM   365 O O   . ASN B 2 26 ? -0.365  -10.025 9.063   1.00 18.60 ? 283  ASN B O   1 
ATOM   366 C CB  . ASN B 2 26 ? 2.015   -9.906  11.849  1.00 19.50 ? 283  ASN B CB  1 
ATOM   367 C CG  . ASN B 2 26 ? 3.519   -10.013 11.999  1.00 22.62 ? 283  ASN B CG  1 
ATOM   368 O OD1 . ASN B 2 26 ? 4.185   -10.606 11.142  1.00 26.15 ? 283  ASN B OD1 1 
ATOM   369 N ND2 . ASN B 2 26 ? 4.067   -9.422  13.065  1.00 22.81 ? 283  ASN B ND2 1 
ATOM   370 N N   . GLN B 2 27 ? -0.628  -10.354 11.242  1.00 17.83 ? 284  GLN B N   1 
ATOM   371 C CA  . GLN B 2 27 ? -2.002  -10.807 11.050  1.00 18.13 ? 284  GLN B CA  1 
ATOM   372 C C   . GLN B 2 27 ? -2.881  -9.715  10.486  1.00 18.35 ? 284  GLN B C   1 
ATOM   373 O O   . GLN B 2 27 ? -3.722  -9.983  9.629   1.00 19.08 ? 284  GLN B O   1 
ATOM   374 C CB  . GLN B 2 27 ? -2.606  -11.380 12.339  1.00 19.15 ? 284  GLN B CB  1 
ATOM   375 C CG  . GLN B 2 27 ? -1.983  -12.711 12.770  1.00 22.08 ? 284  GLN B CG  1 
ATOM   376 C CD  . GLN B 2 27 ? -2.092  -13.800 11.717  1.00 23.24 ? 284  GLN B CD  1 
ATOM   377 O OE1 . GLN B 2 27 ? -3.186  -14.130 11.239  1.00 22.77 ? 284  GLN B OE1 1 
ATOM   378 N NE2 . GLN B 2 27 ? -0.947  -14.373 11.350  1.00 26.54 ? 284  GLN B NE2 1 
ATOM   379 N N   . CYS B 2 28 ? -2.712  -8.484  10.959  1.00 19.04 ? 285  CYS B N   1 
ATOM   380 C CA  A CYS B 2 28 ? -3.469  -7.364  10.433  0.50 19.34 ? 285  CYS B CA  1 
ATOM   381 C CA  B CYS B 2 28 ? -3.497  -7.392  10.420  0.50 19.64 ? 285  CYS B CA  1 
ATOM   382 C C   . CYS B 2 28 ? -3.166  -7.176  8.950   1.00 19.04 ? 285  CYS B C   1 
ATOM   383 O O   . CYS B 2 28 ? -4.045  -6.848  8.171   1.00 18.70 ? 285  CYS B O   1 
ATOM   384 C CB  A CYS B 2 28 ? -3.150  -6.084  11.206  0.50 19.81 ? 285  CYS B CB  1 
ATOM   385 C CB  B CYS B 2 28 ? -3.294  -6.100  11.202  0.50 20.18 ? 285  CYS B CB  1 
ATOM   386 S SG  A CYS B 2 28 ? -3.972  -5.942  12.825  0.50 23.69 ? 285  CYS B SG  1 
ATOM   387 S SG  B CYS B 2 28 ? -4.583  -4.872  10.850  0.50 25.94 ? 285  CYS B SG  1 
ATOM   388 N N   . ALA B 2 29 ? -1.911  -7.382  8.563   1.00 18.75 ? 286  ALA B N   1 
ATOM   389 C CA  . ALA B 2 29 ? -1.529  -7.267  7.143   1.00 18.11 ? 286  ALA B CA  1 
ATOM   390 C C   . ALA B 2 29 ? -2.292  -8.267  6.269   1.00 18.06 ? 286  ALA B C   1 
ATOM   391 O O   . ALA B 2 29 ? -2.652  -7.966  5.131   1.00 15.80 ? 286  ALA B O   1 
ATOM   392 C CB  . ALA B 2 29 ? -0.045  -7.478  6.977   1.00 16.70 ? 286  ALA B CB  1 
ATOM   393 N N   . LEU B 2 30 ? -2.515  -9.467  6.803   1.00 17.74 ? 287  LEU B N   1 
ATOM   394 C CA  . LEU B 2 30 ? -3.178  -10.525 6.060   1.00 18.48 ? 287  LEU B CA  1 
ATOM   395 C C   . LEU B 2 30 ? -4.654  -10.185 5.856   1.00 18.35 ? 287  LEU B C   1 
ATOM   396 O O   . LEU B 2 30 ? -5.255  -10.578 4.853   1.00 18.44 ? 287  LEU B O   1 
ATOM   397 C CB  . LEU B 2 30 ? -3.063  -11.873 6.802   1.00 18.86 ? 287  LEU B CB  1 
ATOM   398 C CG  . LEU B 2 30 ? -1.695  -12.529 7.005   1.00 16.43 ? 287  LEU B CG  1 
ATOM   399 C CD1 . LEU B 2 30 ? -1.849  -13.769 7.861   1.00 16.94 ? 287  LEU B CD1 1 
ATOM   400 C CD2 . LEU B 2 30 ? -1.013  -12.880 5.707   1.00 19.70 ? 287  LEU B CD2 1 
ATOM   401 N N   . ALA B 2 31 ? -5.226  -9.469  6.827   1.00 18.35 ? 288  ALA B N   1 
ATOM   402 C CA  . ALA B 2 31 ? -6.625  -9.042  6.771   1.00 18.11 ? 288  ALA B CA  1 
ATOM   403 C C   . ALA B 2 31 ? -6.763  -7.896  5.787   1.00 16.53 ? 288  ALA B C   1 
ATOM   404 O O   . ALA B 2 31 ? -7.746  -7.811  5.052   1.00 17.65 ? 288  ALA B O   1 
ATOM   405 C CB  . ALA B 2 31 ? -7.140  -8.614  8.165   1.00 17.87 ? 288  ALA B CB  1 
ATOM   406 N N   . VAL B 2 32 ? -5.776  -7.014  5.767   1.00 15.79 ? 289  VAL B N   1 
ATOM   407 C CA  . VAL B 2 32 ? -5.746  -5.961  4.753   1.00 16.36 ? 289  VAL B CA  1 
ATOM   408 C C   . VAL B 2 32 ? -5.752  -6.573  3.340   1.00 16.61 ? 289  VAL B C   1 
ATOM   409 O O   . VAL B 2 32 ? -6.484  -6.130  2.459   1.00 16.70 ? 289  VAL B O   1 
ATOM   410 C CB  . VAL B 2 32 ? -4.538  -5.031  4.939   1.00 15.87 ? 289  VAL B CB  1 
ATOM   411 C CG1 . VAL B 2 32 ? -4.406  -4.110  3.756   1.00 14.59 ? 289  VAL B CG1 1 
ATOM   412 C CG2 . VAL B 2 32 ? -4.691  -4.210  6.219   1.00 14.01 ? 289  VAL B CG2 1 
ATOM   413 N N   . ARG B 2 33 ? -4.963  -7.622  3.135   1.00 17.79 ? 290  ARG B N   1 
ATOM   414 C CA  . ARG B 2 33 ? -4.873  -8.259  1.821   1.00 17.38 ? 290  ARG B CA  1 
ATOM   415 C C   . ARG B 2 33 ? -6.195  -8.882  1.386   1.00 17.16 ? 290  ARG B C   1 
ATOM   416 O O   . ARG B 2 33 ? -6.620  -8.692  0.263   1.00 18.37 ? 290  ARG B O   1 
ATOM   417 C CB  . ARG B 2 33 ? -3.737  -9.286  1.826   1.00 19.46 ? 290  ARG B CB  1 
ATOM   418 C CG  . ARG B 2 33 ? -2.398  -8.637  1.456   1.00 27.32 ? 290  ARG B CG  1 
ATOM   419 C CD  . ARG B 2 33 ? -1.258  -8.807  2.480   1.00 34.98 ? 290  ARG B CD  1 
ATOM   420 N NE  . ARG B 2 33 ? -0.554  -10.078 2.334   1.00 39.18 ? 290  ARG B NE  1 
ATOM   421 C CZ  . ARG B 2 33 ? 0.692   -10.311 2.742   1.00 42.08 ? 290  ARG B CZ  1 
ATOM   422 N NH1 . ARG B 2 33 ? 1.406   -9.358  3.326   1.00 44.05 ? 290  ARG B NH1 1 
ATOM   423 N NH2 . ARG B 2 33 ? 1.230   -11.508 2.557   1.00 43.29 ? 290  ARG B NH2 1 
ATOM   424 N N   . LYS B 2 34 ? -6.844  -9.606  2.288   1.00 15.73 ? 291  LYS B N   1 
ATOM   425 C CA  . LYS B 2 34 ? -8.110  -10.255 2.016   1.00 17.29 ? 291  LYS B CA  1 
ATOM   426 C C   . LYS B 2 34 ? -9.215  -9.248  1.699   1.00 15.78 ? 291  LYS B C   1 
ATOM   427 O O   . LYS B 2 34 ? -10.012 -9.465  0.788   1.00 17.11 ? 291  LYS B O   1 
ATOM   428 C CB  . LYS B 2 34 ? -8.508  -11.124 3.221   1.00 17.67 ? 291  LYS B CB  1 
ATOM   429 C CG  . LYS B 2 34 ? -9.921  -11.695 3.174   1.00 23.11 ? 291  LYS B CG  1 
ATOM   430 C CD  . LYS B 2 34 ? -10.130 -12.718 4.288   1.00 27.85 ? 291  LYS B CD  1 
ATOM   431 C CE  . LYS B 2 34 ? -11.473 -13.437 4.191   1.00 32.20 ? 291  LYS B CE  1 
ATOM   432 N NZ  . LYS B 2 34 ? -11.317 -14.898 4.539   1.00 34.58 ? 291  LYS B NZ  1 
ATOM   433 N N   . TYR B 2 35 ? -9.280  -8.160  2.460   1.00 16.81 ? 292  TYR B N   1 
ATOM   434 C CA  . TYR B 2 35 ? -10.276 -7.108  2.238   1.00 16.27 ? 292  TYR B CA  1 
ATOM   435 C C   . TYR B 2 35 ? -10.028 -6.385  0.925   1.00 16.51 ? 292  TYR B C   1 
ATOM   436 O O   . TYR B 2 35 ? -10.953 -6.163  0.137   1.00 17.27 ? 292  TYR B O   1 
ATOM   437 C CB  . TYR B 2 35 ? -10.256 -6.091  3.390   1.00 16.94 ? 292  TYR B CB  1 
ATOM   438 C CG  . TYR B 2 35 ? -11.337 -5.043  3.283   1.00 14.99 ? 292  TYR B CG  1 
ATOM   439 C CD1 . TYR B 2 35 ? -12.651 -5.328  3.642   1.00 16.58 ? 292  TYR B CD1 1 
ATOM   440 C CD2 . TYR B 2 35 ? -11.049 -3.771  2.807   1.00 9.92  ? 292  TYR B CD2 1 
ATOM   441 C CE1 . TYR B 2 35 ? -13.647 -4.370  3.530   1.00 11.60 ? 292  TYR B CE1 1 
ATOM   442 C CE2 . TYR B 2 35 ? -12.023 -2.823  2.698   1.00 15.18 ? 292  TYR B CE2 1 
ATOM   443 C CZ  . TYR B 2 35 ? -13.329 -3.118  3.055   1.00 14.10 ? 292  TYR B CZ  1 
ATOM   444 O OH  . TYR B 2 35 ? -14.310 -2.144  2.928   1.00 15.22 ? 292  TYR B OH  1 
ATOM   445 N N   . ALA B 2 36 ? -8.783  -6.009  0.692   1.00 15.00 ? 293  ALA B N   1 
ATOM   446 C CA  . ALA B 2 36 ? -8.397  -5.412  -0.577  1.00 16.39 ? 293  ALA B CA  1 
ATOM   447 C C   . ALA B 2 36 ? -8.877  -6.264  -1.749  1.00 18.06 ? 293  ALA B C   1 
ATOM   448 O O   . ALA B 2 36 ? -9.452  -5.752  -2.697  1.00 19.51 ? 293  ALA B O   1 
ATOM   449 C CB  . ALA B 2 36 ? -6.873  -5.218  -0.634  1.00 16.25 ? 293  ALA B CB  1 
ATOM   450 N N   . ASN B 2 37 ? -8.647  -7.570  -1.693  1.00 20.16 ? 294  ASN B N   1 
ATOM   451 C CA  . ASN B 2 37 ? -9.071  -8.435  -2.777  1.00 21.40 ? 294  ASN B CA  1 
ATOM   452 C C   . ASN B 2 37 ? -10.592 -8.503  -2.879  1.00 21.10 ? 294  ASN B C   1 
ATOM   453 O O   . ASN B 2 37 ? -11.146 -8.518  -3.965  1.00 22.71 ? 294  ASN B O   1 
ATOM   454 C CB  . ASN B 2 37 ? -8.475  -9.832  -2.602  1.00 21.90 ? 294  ASN B CB  1 
ATOM   455 C CG  . ASN B 2 37 ? -9.015  -10.821 -3.609  1.00 25.77 ? 294  ASN B CG  1 
ATOM   456 O OD1 . ASN B 2 37 ? -9.877  -11.631 -3.285  1.00 35.61 ? 294  ASN B OD1 1 
ATOM   457 N ND2 . ASN B 2 37 ? -8.518  -10.758 -4.839  1.00 26.96 ? 294  ASN B ND2 1 
ATOM   458 N N   . GLU B 2 38 ? -11.269 -8.532  -1.743  1.00 22.19 ? 295  GLU B N   1 
ATOM   459 C CA  . GLU B 2 38 ? -12.724 -8.552  -1.728  1.00 23.72 ? 295  GLU B CA  1 
ATOM   460 C C   . GLU B 2 38 ? -13.346 -7.285  -2.284  1.00 21.82 ? 295  GLU B C   1 
ATOM   461 O O   . GLU B 2 38 ? -14.404 -7.344  -2.889  1.00 22.55 ? 295  GLU B O   1 
ATOM   462 C CB  . GLU B 2 38 ? -13.242 -8.784  -0.320  1.00 24.23 ? 295  GLU B CB  1 
ATOM   463 C CG  . GLU B 2 38 ? -13.067 -10.203 0.121   1.00 29.82 ? 295  GLU B CG  1 
ATOM   464 C CD  . GLU B 2 38 ? -13.542 -10.432 1.543   1.00 39.49 ? 295  GLU B CD  1 
ATOM   465 O OE1 . GLU B 2 38 ? -13.531 -9.469  2.346   1.00 43.90 ? 295  GLU B OE1 1 
ATOM   466 O OE2 . GLU B 2 38 ? -13.918 -11.586 1.857   1.00 48.41 ? 295  GLU B OE2 1 
ATOM   467 N N   . VAL B 2 39 ? -12.702 -6.144  -2.090  1.00 21.07 ? 296  VAL B N   1 
ATOM   468 C CA  . VAL B 2 39 ? -13.259 -4.890  -2.590  1.00 19.95 ? 296  VAL B CA  1 
ATOM   469 C C   . VAL B 2 39 ? -12.600 -4.415  -3.888  1.00 20.68 ? 296  VAL B C   1 
ATOM   470 O O   . VAL B 2 39 ? -12.769 -3.258  -4.299  1.00 20.37 ? 296  VAL B O   1 
ATOM   471 C CB  . VAL B 2 39 ? -13.219 -3.783  -1.516  1.00 19.59 ? 296  VAL B CB  1 
ATOM   472 C CG1 . VAL B 2 39 ? -13.924 -4.267  -0.266  1.00 16.93 ? 296  VAL B CG1 1 
ATOM   473 C CG2 . VAL B 2 39 ? -11.791 -3.374  -1.186  1.00 17.80 ? 296  VAL B CG2 1 
ATOM   474 N N   . GLY B 2 40 ? -11.843 -5.300  -4.530  1.00 20.90 ? 297  GLY B N   1 
ATOM   475 C CA  . GLY B 2 40 ? -11.317 -5.028  -5.876  1.00 20.81 ? 297  GLY B CA  1 
ATOM   476 C C   . GLY B 2 40 ? -10.125 -4.091  -5.968  1.00 20.26 ? 297  GLY B C   1 
ATOM   477 O O   . GLY B 2 40 ? -9.871  -3.492  -7.010  1.00 22.94 ? 297  GLY B O   1 
ATOM   478 N N   . ILE B 2 41 ? -9.386  -3.960  -4.880  1.00 19.58 ? 298  ILE B N   1 
ATOM   479 C CA  . ILE B 2 41 ? -8.153  -3.207  -4.870  1.00 18.17 ? 298  ILE B CA  1 
ATOM   480 C C   . ILE B 2 41 ? -7.007  -4.173  -5.161  1.00 18.51 ? 298  ILE B C   1 
ATOM   481 O O   . ILE B 2 41 ? -6.802  -5.129  -4.434  1.00 20.94 ? 298  ILE B O   1 
ATOM   482 C CB  . ILE B 2 41 ? -7.927  -2.577  -3.492  1.00 18.24 ? 298  ILE B CB  1 
ATOM   483 C CG1 . ILE B 2 41 ? -9.076  -1.608  -3.134  1.00 19.43 ? 298  ILE B CG1 1 
ATOM   484 C CG2 . ILE B 2 41 ? -6.547  -1.964  -3.408  1.00 12.31 ? 298  ILE B CG2 1 
ATOM   485 C CD1 . ILE B 2 41 ? -9.261  -0.442  -4.096  1.00 19.41 ? 298  ILE B CD1 1 
ATOM   486 N N   . PRO B 2 42 ? -6.253  -3.929  -6.234  1.00 19.12 ? 299  PRO B N   1 
ATOM   487 C CA  . PRO B 2 42 ? -5.137  -4.798  -6.616  1.00 19.08 ? 299  PRO B CA  1 
ATOM   488 C C   . PRO B 2 42 ? -4.111  -4.969  -5.507  1.00 19.24 ? 299  PRO B C   1 
ATOM   489 O O   . PRO B 2 42 ? -3.763  -4.005  -4.828  1.00 19.52 ? 299  PRO B O   1 
ATOM   490 C CB  . PRO B 2 42 ? -4.487  -4.054  -7.790  1.00 18.87 ? 299  PRO B CB  1 
ATOM   491 C CG  . PRO B 2 42 ? -5.492  -3.122  -8.281  1.00 18.89 ? 299  PRO B CG  1 
ATOM   492 C CD  . PRO B 2 42 ? -6.362  -2.754  -7.108  1.00 19.45 ? 299  PRO B CD  1 
ATOM   493 N N   . THR B 2 43 ? -3.643  -6.194  -5.316  1.00 18.38 ? 300  THR B N   1 
ATOM   494 C CA  . THR B 2 43 ? -2.619  -6.456  -4.355  1.00 19.37 ? 300  THR B CA  1 
ATOM   495 C C   . THR B 2 43 ? -1.440  -7.021  -5.106  1.00 20.96 ? 300  THR B C   1 
ATOM   496 O O   . THR B 2 43 ? -1.549  -8.039  -5.780  1.00 23.14 ? 300  THR B O   1 
ATOM   497 C CB  . THR B 2 43 ? -3.068  -7.437  -3.239  1.00 20.20 ? 300  THR B CB  1 
ATOM   498 O OG1 . THR B 2 43 ? -3.512  -8.680  -3.803  1.00 22.89 ? 300  THR B OG1 1 
ATOM   499 C CG2 . THR B 2 43 ? -4.162  -6.827  -2.405  1.00 16.36 ? 300  THR B CG2 1 
ATOM   500 N N   . VAL B 2 44 ? -0.309  -6.355  -4.974  1.00 20.98 ? 301  VAL B N   1 
ATOM   501 C CA  . VAL B 2 44 ? 0.851   -6.669  -5.766  1.00 21.65 ? 301  VAL B CA  1 
ATOM   502 C C   . VAL B 2 44 ? 1.981   -7.083  -4.850  1.00 22.25 ? 301  VAL B C   1 
ATOM   503 O O   . VAL B 2 44 ? 2.316   -6.370  -3.913  1.00 22.30 ? 301  VAL B O   1 
ATOM   504 C CB  . VAL B 2 44 ? 1.303   -5.440  -6.566  1.00 20.97 ? 301  VAL B CB  1 
ATOM   505 C CG1 . VAL B 2 44 ? 2.523   -5.783  -7.402  1.00 25.14 ? 301  VAL B CG1 1 
ATOM   506 C CG2 . VAL B 2 44 ? 0.162   -4.912  -7.449  1.00 21.17 ? 301  VAL B CG2 1 
ATOM   507 N N   . ARG B 2 45 ? 2.582   -8.232  -5.129  1.00 22.87 ? 302  ARG B N   1 
ATOM   508 C CA  . ARG B 2 45 ? 3.687   -8.714  -4.321  1.00 22.98 ? 302  ARG B CA  1 
ATOM   509 C C   . ARG B 2 45 ? 5.025   -8.165  -4.841  1.00 22.71 ? 302  ARG B C   1 
ATOM   510 O O   . ARG B 2 45 ? 5.361   -8.310  -6.017  1.00 22.75 ? 302  ARG B O   1 
ATOM   511 C CB  . ARG B 2 45 ? 3.683   -10.241 -4.300  1.00 23.45 ? 302  ARG B CB  1 
ATOM   512 C CG  . ARG B 2 45 ? 4.723   -10.866 -3.399  1.00 26.01 ? 302  ARG B CG  1 
ATOM   513 C CD  . ARG B 2 45 ? 4.398   -12.339 -3.155  1.00 27.66 ? 302  ARG B CD  1 
ATOM   514 N NE  . ARG B 2 45 ? 5.169   -12.894 -2.049  1.00 31.61 ? 302  ARG B NE  1 
ATOM   515 N N   . ASP B 2 46 ? 5.756   -7.498  -3.952  1.00 21.14 ? 303  ASP B N   1 
ATOM   516 C CA  . ASP B 2 46 ? 7.109   -7.036  -4.218  1.00 21.90 ? 303  ASP B CA  1 
ATOM   517 C C   . ASP B 2 46 ? 7.838   -6.996  -2.885  1.00 20.58 ? 303  ASP B C   1 
ATOM   518 O O   . ASP B 2 46 ? 7.748   -6.040  -2.121  1.00 19.50 ? 303  ASP B O   1 
ATOM   519 C CB  . ASP B 2 46 ? 7.096   -5.665  -4.885  1.00 23.11 ? 303  ASP B CB  1 
ATOM   520 C CG  . ASP B 2 46 ? 8.475   -5.187  -5.280  1.00 25.00 ? 303  ASP B CG  1 
ATOM   521 O OD1 . ASP B 2 46 ? 9.482   -5.678  -4.733  1.00 27.00 ? 303  ASP B OD1 1 
ATOM   522 O OD2 . ASP B 2 46 ? 8.541   -4.289  -6.140  1.00 29.81 ? 303  ASP B OD2 1 
ATOM   523 N N   . VAL B 2 47 ? 8.551   -8.070  -2.611  1.00 20.69 ? 304  VAL B N   1 
ATOM   524 C CA  . VAL B 2 47 ? 9.033   -8.343  -1.278  1.00 20.65 ? 304  VAL B CA  1 
ATOM   525 C C   . VAL B 2 47 ? 10.088  -7.348  -0.823  1.00 20.43 ? 304  VAL B C   1 
ATOM   526 O O   . VAL B 2 47 ? 10.126  -6.972  0.341   1.00 21.52 ? 304  VAL B O   1 
ATOM   527 C CB  . VAL B 2 47 ? 9.613   -9.755  -1.209  1.00 20.30 ? 304  VAL B CB  1 
ATOM   528 C CG1 . VAL B 2 47 ? 10.172  -10.001 0.162   1.00 21.43 ? 304  VAL B CG1 1 
ATOM   529 C CG2 . VAL B 2 47 ? 8.543   -10.766 -1.539  1.00 18.35 ? 304  VAL B CG2 1 
ATOM   530 N N   . LYS B 2 48 ? 10.942  -6.916  -1.737  1.00 18.91 ? 305  LYS B N   1 
ATOM   531 C CA  . LYS B 2 48 ? 12.009  -6.001  -1.372  1.00 18.99 ? 305  LYS B CA  1 
ATOM   532 C C   . LYS B 2 48 ? 11.474  -4.594  -1.160  1.00 17.85 ? 305  LYS B C   1 
ATOM   533 O O   . LYS B 2 48 ? 11.936  -3.892  -0.274  1.00 18.40 ? 305  LYS B O   1 
ATOM   534 C CB  . LYS B 2 48 ? 13.113  -6.000  -2.427  1.00 19.13 ? 305  LYS B CB  1 
ATOM   535 C CG  . LYS B 2 48 ? 14.180  -7.103  -2.220  1.00 21.41 ? 305  LYS B CG  1 
ATOM   536 N N   . LEU B 2 49 ? 10.486  -4.192  -1.950  1.00 17.71 ? 306  LEU B N   1 
ATOM   537 C CA  . LEU B 2 49 ? 9.901   -2.856  -1.796  1.00 17.63 ? 306  LEU B CA  1 
ATOM   538 C C   . LEU B 2 49 ? 9.058   -2.768  -0.528  1.00 16.99 ? 306  LEU B C   1 
ATOM   539 O O   . LEU B 2 49 ? 9.124   -1.790  0.193   1.00 19.24 ? 306  LEU B O   1 
ATOM   540 C CB  . LEU B 2 49 ? 9.062   -2.481  -3.009  1.00 17.38 ? 306  LEU B CB  1 
ATOM   541 C CG  . LEU B 2 49 ? 8.399   -1.102  -2.957  1.00 18.34 ? 306  LEU B CG  1 
ATOM   542 C CD1 . LEU B 2 49 ? 9.441   -0.011  -2.855  1.00 14.42 ? 306  LEU B CD1 1 
ATOM   543 C CD2 . LEU B 2 49 ? 7.480   -0.891  -4.175  1.00 17.06 ? 306  LEU B CD2 1 
ATOM   544 N N   . ALA B 2 50 ? 8.265   -3.795  -0.260  1.00 16.89 ? 307  ALA B N   1 
ATOM   545 C CA  . ALA B 2 50 ? 7.468   -3.849  0.950   1.00 15.84 ? 307  ALA B CA  1 
ATOM   546 C C   . ALA B 2 50 ? 8.341   -3.619  2.197   1.00 15.99 ? 307  ALA B C   1 
ATOM   547 O O   . ALA B 2 50 ? 8.037   -2.769  3.040   1.00 17.57 ? 307  ALA B O   1 
ATOM   548 C CB  . ALA B 2 50 ? 6.752   -5.177  1.020   1.00 14.75 ? 307  ALA B CB  1 
ATOM   549 N N   . ARG B 2 51 ? 9.439   -4.362  2.292   1.00 16.37 ? 308  ARG B N   1 
ATOM   550 C CA  . ARG B 2 51 ? 10.413  -4.229  3.375   1.00 16.95 ? 308  ARG B CA  1 
ATOM   551 C C   . ARG B 2 51 ? 11.031  -2.846  3.493   1.00 16.42 ? 308  ARG B C   1 
ATOM   552 O O   . ARG B 2 51 ? 11.147  -2.280  4.578   1.00 14.76 ? 308  ARG B O   1 
ATOM   553 C CB  . ARG B 2 51 ? 11.561  -5.207  3.144   1.00 19.67 ? 308  ARG B CB  1 
ATOM   554 C CG  . ARG B 2 51 ? 11.432  -6.583  3.789   1.00 27.63 ? 308  ARG B CG  1 
ATOM   555 C CD  . ARG B 2 51 ? 12.839  -7.215  3.918   1.00 36.40 ? 308  ARG B CD  1 
ATOM   556 N NE  . ARG B 2 51 ? 12.846  -8.677  3.817   1.00 45.36 ? 308  ARG B NE  1 
ATOM   557 C CZ  . ARG B 2 51 ? 13.172  -9.367  2.717   1.00 49.58 ? 308  ARG B CZ  1 
ATOM   558 N NH1 . ARG B 2 51 ? 13.148  -10.701 2.722   1.00 49.70 ? 308  ARG B NH1 1 
ATOM   559 N NH2 . ARG B 2 51 ? 13.524  -8.730  1.601   1.00 50.82 ? 308  ARG B NH2 1 
ATOM   560 N N   . LYS B 2 52 ? 11.491  -2.344  2.356   1.00 16.10 ? 309  LYS B N   1 
ATOM   561 C CA  . LYS B 2 52 ? 12.081  -1.028  2.244   1.00 15.88 ? 309  LYS B CA  1 
ATOM   562 C C   . LYS B 2 52 ? 11.183  0.036   2.853   1.00 14.85 ? 309  LYS B C   1 
ATOM   563 O O   . LYS B 2 52 ? 11.606  0.827   3.697   1.00 15.58 ? 309  LYS B O   1 
ATOM   564 C CB  . LYS B 2 52 ? 12.241  -0.746  0.759   1.00 16.09 ? 309  LYS B CB  1 
ATOM   565 C CG  . LYS B 2 52 ? 13.450  -0.011  0.328   1.00 20.74 ? 309  LYS B CG  1 
ATOM   566 C CD  . LYS B 2 52 ? 13.872  -0.587  -1.042  1.00 25.58 ? 309  LYS B CD  1 
ATOM   567 C CE  . LYS B 2 52 ? 14.569  0.425   -1.921  1.00 30.00 ? 309  LYS B CE  1 
ATOM   568 N NZ  . LYS B 2 52 ? 15.244  -0.259  -3.069  1.00 33.40 ? 309  LYS B NZ  1 
ATOM   569 N N   . LEU B 2 53 ? 9.942   0.074   2.390   1.00 14.89 ? 310  LEU B N   1 
ATOM   570 C CA  . LEU B 2 53 ? 9.012   1.123   2.784   1.00 16.35 ? 310  LEU B CA  1 
ATOM   571 C C   . LEU B 2 53 ? 8.680   0.972   4.250   1.00 16.30 ? 310  LEU B C   1 
ATOM   572 O O   . LEU B 2 53 ? 8.589   1.950   4.982   1.00 15.25 ? 310  LEU B O   1 
ATOM   573 C CB  . LEU B 2 53 ? 7.738   1.076   1.926   1.00 17.03 ? 310  LEU B CB  1 
ATOM   574 C CG  . LEU B 2 53 ? 7.926   1.305   0.423   1.00 16.62 ? 310  LEU B CG  1 
ATOM   575 C CD1 . LEU B 2 53 ? 6.607   1.111   -0.341  1.00 15.89 ? 310  LEU B CD1 1 
ATOM   576 C CD2 . LEU B 2 53 ? 8.515   2.696   0.155   1.00 18.24 ? 310  LEU B CD2 1 
ATOM   577 N N   . TYR B 2 54 ? 8.517   -0.266  4.691   1.00 17.70 ? 311  TYR B N   1 
ATOM   578 C CA  . TYR B 2 54 ? 8.236   -0.516  6.092   1.00 18.56 ? 311  TYR B CA  1 
ATOM   579 C C   . TYR B 2 54 ? 9.378   -0.033  6.990   1.00 20.35 ? 311  TYR B C   1 
ATOM   580 O O   . TYR B 2 54 ? 9.131   0.488   8.094   1.00 18.60 ? 311  TYR B O   1 
ATOM   581 C CB  . TYR B 2 54 ? 7.987   -2.003  6.328   1.00 19.90 ? 311  TYR B CB  1 
ATOM   582 C CG  . TYR B 2 54 ? 7.842   -2.331  7.792   1.00 20.13 ? 311  TYR B CG  1 
ATOM   583 C CD1 . TYR B 2 54 ? 8.829   -3.019  8.464   1.00 22.93 ? 311  TYR B CD1 1 
ATOM   584 C CD2 . TYR B 2 54 ? 6.737   -1.906  8.504   1.00 18.98 ? 311  TYR B CD2 1 
ATOM   585 C CE1 . TYR B 2 54 ? 8.708   -3.298  9.801   1.00 24.67 ? 311  TYR B CE1 1 
ATOM   586 C CE2 . TYR B 2 54 ? 6.605   -2.186  9.826   1.00 22.65 ? 311  TYR B CE2 1 
ATOM   587 C CZ  . TYR B 2 54 ? 7.594   -2.876  10.473  1.00 25.41 ? 311  TYR B CZ  1 
ATOM   588 O OH  . TYR B 2 54 ? 7.467   -3.150  11.811  1.00 33.74 ? 311  TYR B OH  1 
ATOM   589 N N   . LYS B 2 55 ? 10.622  -0.203  6.521   1.00 20.79 ? 312  LYS B N   1 
ATOM   590 C CA  . LYS B 2 55 ? 11.803  0.149   7.317   1.00 21.75 ? 312  LYS B CA  1 
ATOM   591 C C   . LYS B 2 55 ? 12.130  1.646   7.264   1.00 21.49 ? 312  LYS B C   1 
ATOM   592 O O   . LYS B 2 55 ? 12.894  2.136   8.106   1.00 23.19 ? 312  LYS B O   1 
ATOM   593 C CB  . LYS B 2 55 ? 13.046  -0.640  6.871   1.00 22.43 ? 312  LYS B CB  1 
ATOM   594 C CG  . LYS B 2 55 ? 12.993  -2.162  7.068   1.00 25.98 ? 312  LYS B CG  1 
ATOM   595 C CD  . LYS B 2 55 ? 12.760  -2.587  8.518   1.00 34.20 ? 312  LYS B CD  1 
ATOM   596 C CE  . LYS B 2 55 ? 13.999  -2.426  9.417   1.00 39.70 ? 312  LYS B CE  1 
ATOM   597 N NZ  . LYS B 2 55 ? 13.743  -2.690  10.885  1.00 41.67 ? 312  LYS B NZ  1 
ATOM   598 N N   . THR B 2 56 ? 11.560  2.374   6.295   1.00 21.36 ? 313  THR B N   1 
ATOM   599 C CA  . THR B 2 56 ? 11.923  3.783   6.074   1.00 21.34 ? 313  THR B CA  1 
ATOM   600 C C   . THR B 2 56 ? 10.799  4.814   6.258   1.00 21.90 ? 313  THR B C   1 
ATOM   601 O O   . THR B 2 56 ? 11.085  6.008   6.336   1.00 23.52 ? 313  THR B O   1 
ATOM   602 C CB  . THR B 2 56 ? 12.503  4.032   4.651   1.00 20.33 ? 313  THR B CB  1 
ATOM   603 O OG1 . THR B 2 56 ? 11.590  3.546   3.665   1.00 19.92 ? 313  THR B OG1 1 
ATOM   604 C CG2 . THR B 2 56 ? 13.849  3.355   4.476   1.00 22.31 ? 313  THR B CG2 1 
ATOM   605 N N   . HIS B 2 57 ? 9.541   4.381   6.303   1.00 21.61 ? 314  HIS B N   1 
ATOM   606 C CA  . HIS B 2 57 ? 8.422   5.327   6.287   1.00 22.05 ? 314  HIS B CA  1 
ATOM   607 C C   . HIS B 2 57 ? 7.419   5.150   7.425   1.00 22.80 ? 314  HIS B C   1 
ATOM   608 O O   . HIS B 2 57 ? 7.284   4.069   8.002   1.00 20.28 ? 314  HIS B O   1 
ATOM   609 C CB  . HIS B 2 57 ? 7.667   5.251   4.957   1.00 22.79 ? 314  HIS B CB  1 
ATOM   610 C CG  . HIS B 2 57 ? 8.401   5.860   3.799   1.00 21.85 ? 314  HIS B CG  1 
ATOM   611 N ND1 . HIS B 2 57 ? 9.356   5.174   3.076   1.00 23.12 ? 314  HIS B ND1 1 
ATOM   612 C CD2 . HIS B 2 57 ? 8.302   7.080   3.222   1.00 23.00 ? 314  HIS B CD2 1 
ATOM   613 C CE1 . HIS B 2 57 ? 9.823   5.953   2.117   1.00 23.33 ? 314  HIS B CE1 1 
ATOM   614 N NE2 . HIS B 2 57 ? 9.206   7.118   2.189   1.00 21.94 ? 314  HIS B NE2 1 
ATOM   615 N N   . THR B 2 58 ? 6.729   6.243   7.743   1.00 23.66 ? 315  THR B N   1 
ATOM   616 C CA  . THR B 2 58 ? 5.584   6.216   8.639   1.00 24.54 ? 315  THR B CA  1 
ATOM   617 C C   . THR B 2 58 ? 4.309   6.341   7.796   1.00 23.38 ? 315  THR B C   1 
ATOM   618 O O   . THR B 2 58 ? 4.357   6.785   6.653   1.00 22.51 ? 315  THR B O   1 
ATOM   619 C CB  . THR B 2 58 ? 5.659   7.362   9.701   1.00 24.91 ? 315  THR B CB  1 
ATOM   620 O OG1 . THR B 2 58 ? 5.252   8.602   9.110   1.00 28.53 ? 315  THR B OG1 1 
ATOM   621 C CG2 . THR B 2 58 ? 7.067   7.507   10.231  1.00 26.80 ? 315  THR B CG2 1 
ATOM   622 N N   . LYS B 2 59 ? 3.164   5.950   8.350   1.00 23.67 ? 316  LYS B N   1 
ATOM   623 C CA  . LYS B 2 59 ? 1.920   5.966   7.590   1.00 23.43 ? 316  LYS B CA  1 
ATOM   624 C C   . LYS B 2 59 ? 1.500   7.398   7.322   1.00 23.83 ? 316  LYS B C   1 
ATOM   625 O O   . LYS B 2 59 ? 1.952   8.327   7.999   1.00 22.85 ? 316  LYS B O   1 
ATOM   626 C CB  . LYS B 2 59 ? 0.809   5.238   8.352   1.00 25.19 ? 316  LYS B CB  1 
ATOM   627 C CG  . LYS B 2 59 ? 0.414   5.911   9.652   1.00 27.03 ? 316  LYS B CG  1 
ATOM   628 C CD  . LYS B 2 59 ? -0.989  5.503   10.092  1.00 30.82 ? 316  LYS B CD  1 
ATOM   629 C CE  . LYS B 2 59 ? -1.048  4.050   10.551  1.00 29.35 ? 316  LYS B CE  1 
ATOM   630 N NZ  . LYS B 2 59 ? -2.422  3.711   11.021  1.00 29.27 ? 316  LYS B NZ  1 
ATOM   631 N N   . TYR B 2 60 ? 0.619   7.562   6.341   1.00 22.77 ? 317  TYR B N   1 
ATOM   632 C CA  . TYR B 2 60 ? 0.122   8.863   5.938   1.00 23.30 ? 317  TYR B CA  1 
ATOM   633 C C   . TYR B 2 60 ? 1.260   9.820   5.608   1.00 25.24 ? 317  TYR B C   1 
ATOM   634 O O   . TYR B 2 60 ? 1.295   10.962  6.091   1.00 25.50 ? 317  TYR B O   1 
ATOM   635 C CB  . TYR B 2 60 ? -0.784  9.459   7.017   1.00 23.79 ? 317  TYR B CB  1 
ATOM   636 C CG  . TYR B 2 60 ? -1.934  8.553   7.418   1.00 21.48 ? 317  TYR B CG  1 
ATOM   637 C CD1 . TYR B 2 60 ? -2.772  7.997   6.460   1.00 19.75 ? 317  TYR B CD1 1 
ATOM   638 C CD2 . TYR B 2 60 ? -2.186  8.269   8.749   1.00 22.78 ? 317  TYR B CD2 1 
ATOM   639 C CE1 . TYR B 2 60 ? -3.826  7.177   6.816   1.00 20.18 ? 317  TYR B CE1 1 
ATOM   640 C CE2 . TYR B 2 60 ? -3.242  7.450   9.121   1.00 23.14 ? 317  TYR B CE2 1 
ATOM   641 C CZ  . TYR B 2 60 ? -4.062  6.910   8.149   1.00 23.40 ? 317  TYR B CZ  1 
ATOM   642 O OH  . TYR B 2 60 ? -5.103  6.086   8.509   1.00 24.27 ? 317  TYR B OH  1 
ATOM   643 N N   . SER B 2 61 ? 2.187   9.349   4.776   1.00 24.42 ? 318  SER B N   1 
ATOM   644 C CA  . SER B 2 61 ? 3.274   10.195  4.297   1.00 25.66 ? 318  SER B CA  1 
ATOM   645 C C   . SER B 2 61 ? 3.608   9.899   2.823   1.00 26.32 ? 318  SER B C   1 
ATOM   646 O O   . SER B 2 61 ? 3.319   8.804   2.313   1.00 24.74 ? 318  SER B O   1 
ATOM   647 C CB  . SER B 2 61 ? 4.514   10.037  5.196   1.00 26.09 ? 318  SER B CB  1 
ATOM   648 O OG  . SER B 2 61 ? 5.112   8.752   5.089   1.00 26.51 ? 318  SER B OG  1 
ATOM   649 N N   . PHE B 2 62 ? 4.204   10.878  2.141   1.00 26.08 ? 319  PHE B N   1 
ATOM   650 C CA  . PHE B 2 62 ? 4.622   10.693  0.758   1.00 25.82 ? 319  PHE B CA  1 
ATOM   651 C C   . PHE B 2 62 ? 5.896   9.884   0.664   1.00 24.59 ? 319  PHE B C   1 
ATOM   652 O O   . PHE B 2 62 ? 6.734   9.946   1.545   1.00 23.61 ? 319  PHE B O   1 
ATOM   653 C CB  . PHE B 2 62 ? 4.793   12.044  0.075   1.00 26.62 ? 319  PHE B CB  1 
ATOM   654 C CG  . PHE B 2 62 ? 3.511   12.777  -0.075  1.00 27.53 ? 319  PHE B CG  1 
ATOM   655 C CD1 . PHE B 2 62 ? 3.082   13.643  0.913   1.00 30.95 ? 319  PHE B CD1 1 
ATOM   656 C CD2 . PHE B 2 62 ? 2.702   12.559  -1.174  1.00 27.84 ? 319  PHE B CD2 1 
ATOM   657 C CE1 . PHE B 2 62 ? 1.882   14.298  0.799   1.00 29.48 ? 319  PHE B CE1 1 
ATOM   658 C CE2 . PHE B 2 62 ? 1.497   13.216  -1.292  1.00 29.34 ? 319  PHE B CE2 1 
ATOM   659 C CZ  . PHE B 2 62 ? 1.089   14.087  -0.304  1.00 29.93 ? 319  PHE B CZ  1 
ATOM   660 N N   . VAL B 2 63 ? 6.028   9.103   -0.399  1.00 24.84 ? 320  VAL B N   1 
ATOM   661 C CA  . VAL B 2 63 ? 7.219   8.302   -0.587  1.00 25.34 ? 320  VAL B CA  1 
ATOM   662 C C   . VAL B 2 63 ? 8.372   9.262   -0.864  1.00 26.05 ? 320  VAL B C   1 
ATOM   663 O O   . VAL B 2 63 ? 8.217   10.218  -1.614  1.00 27.54 ? 320  VAL B O   1 
ATOM   664 C CB  . VAL B 2 63 ? 7.039   7.282   -1.721  1.00 24.56 ? 320  VAL B CB  1 
ATOM   665 C CG1 . VAL B 2 63 ? 8.314   6.471   -1.929  1.00 24.86 ? 320  VAL B CG1 1 
ATOM   666 C CG2 . VAL B 2 63 ? 5.884   6.365   -1.403  1.00 26.10 ? 320  VAL B CG2 1 
ATOM   667 N N   . ASP B 2 64 ? 9.517   9.020   -0.233  1.00 28.03 ? 321  ASP B N   1 
ATOM   668 C CA  . ASP B 2 64 ? 10.664  9.908   -0.371  1.00 29.61 ? 321  ASP B CA  1 
ATOM   669 C C   . ASP B 2 64 ? 11.292  9.788   -1.759  1.00 29.72 ? 321  ASP B C   1 
ATOM   670 O O   . ASP B 2 64 ? 11.121  8.777   -2.428  1.00 28.92 ? 321  ASP B O   1 
ATOM   671 C CB  . ASP B 2 64 ? 11.688  9.624   0.729   1.00 32.10 ? 321  ASP B CB  1 
ATOM   672 C CG  . ASP B 2 64 ? 12.231  8.218   0.673   1.00 36.05 ? 321  ASP B CG  1 
ATOM   673 O OD1 . ASP B 2 64 ? 12.202  7.623   -0.420  1.00 41.40 ? 321  ASP B OD1 1 
ATOM   674 O OD2 . ASP B 2 64 ? 12.685  7.706   1.721   1.00 43.57 ? 321  ASP B OD2 1 
ATOM   675 N N   . PHE B 2 65 ? 12.005  10.832  -2.190  1.00 30.50 ? 322  PHE B N   1 
ATOM   676 C CA  . PHE B 2 65 ? 12.525  10.917  -3.564  1.00 30.35 ? 322  PHE B CA  1 
ATOM   677 C C   . PHE B 2 65 ? 13.273  9.663   -3.948  1.00 30.10 ? 322  PHE B C   1 
ATOM   678 O O   . PHE B 2 65 ? 13.258  9.251   -5.100  1.00 31.58 ? 322  PHE B O   1 
ATOM   679 C CB  . PHE B 2 65 ? 13.441  12.139  -3.746  1.00 30.69 ? 322  PHE B CB  1 
ATOM   680 N N   . GLU B 2 66 ? 13.917  9.049   -2.967  1.00 30.49 ? 323  GLU B N   1 
ATOM   681 C CA  . GLU B 2 66 ? 14.767  7.893   -3.208  1.00 30.05 ? 323  GLU B CA  1 
ATOM   682 C C   . GLU B 2 66 ? 13.991  6.674   -3.730  1.00 29.05 ? 323  GLU B C   1 
ATOM   683 O O   . GLU B 2 66 ? 14.523  5.894   -4.508  1.00 26.02 ? 323  GLU B O   1 
ATOM   684 C CB  . GLU B 2 66 ? 15.528  7.534   -1.922  1.00 30.77 ? 323  GLU B CB  1 
ATOM   685 N N   . HIS B 2 67 ? 12.736  6.515   -3.306  1.00 28.99 ? 324  HIS B N   1 
ATOM   686 C CA  . HIS B 2 67 ? 11.980  5.283   -3.599  1.00 27.76 ? 324  HIS B CA  1 
ATOM   687 C C   . HIS B 2 67 ? 10.797  5.550   -4.511  1.00 26.20 ? 324  HIS B C   1 
ATOM   688 O O   . HIS B 2 67 ? 10.059  4.641   -4.859  1.00 24.87 ? 324  HIS B O   1 
ATOM   689 C CB  . HIS B 2 67 ? 11.479  4.627   -2.313  1.00 27.59 ? 324  HIS B CB  1 
ATOM   690 C CG  . HIS B 2 67 ? 12.537  4.462   -1.273  1.00 31.48 ? 324  HIS B CG  1 
ATOM   691 N ND1 . HIS B 2 67 ? 12.440  5.024   -0.018  1.00 36.07 ? 324  HIS B ND1 1 
ATOM   692 C CD2 . HIS B 2 67 ? 13.728  3.815   -1.302  1.00 34.79 ? 324  HIS B CD2 1 
ATOM   693 C CE1 . HIS B 2 67 ? 13.519  4.724   0.684   1.00 32.75 ? 324  HIS B CE1 1 
ATOM   694 N NE2 . HIS B 2 67 ? 14.315  3.991   -0.071  1.00 33.15 ? 324  HIS B NE2 1 
ATOM   695 N N   . LEU B 2 68 ? 10.646  6.803   -4.899  1.00 23.90 ? 325  LEU B N   1 
ATOM   696 C CA  . LEU B 2 68 ? 9.532   7.251   -5.706  1.00 24.59 ? 325  LEU B CA  1 
ATOM   697 C C   . LEU B 2 68 ? 9.299   6.436   -6.999  1.00 23.98 ? 325  LEU B C   1 
ATOM   698 O O   . LEU B 2 68 ? 8.189   5.971   -7.266  1.00 24.00 ? 325  LEU B O   1 
ATOM   699 C CB  . LEU B 2 68 ? 9.795   8.708   -6.054  1.00 24.98 ? 325  LEU B CB  1 
ATOM   700 C CG  . LEU B 2 68 ? 8.638   9.592   -6.487  1.00 28.10 ? 325  LEU B CG  1 
ATOM   701 C CD1 . LEU B 2 68 ? 9.178   10.992  -6.756  1.00 29.65 ? 325  LEU B CD1 1 
ATOM   702 C CD2 . LEU B 2 68 ? 7.927   9.021   -7.711  1.00 28.58 ? 325  LEU B CD2 1 
ATOM   703 N N   . ASP B 2 69 ? 10.335  6.297   -7.813  1.00 23.83 ? 326  ASP B N   1 
ATOM   704 C CA  . ASP B 2 69 ? 10.238  5.590   -9.099  1.00 23.86 ? 326  ASP B CA  1 
ATOM   705 C C   . ASP B 2 69 ? 9.984   4.087   -8.941  1.00 20.59 ? 326  ASP B C   1 
ATOM   706 O O   . ASP B 2 69 ? 9.307   3.475   -9.746  1.00 20.80 ? 326  ASP B O   1 
ATOM   707 C CB  . ASP B 2 69 ? 11.539  5.777   -9.894  1.00 25.66 ? 326  ASP B CB  1 
ATOM   708 C CG  . ASP B 2 69 ? 11.434  6.848   -10.967 1.00 31.41 ? 326  ASP B CG  1 
ATOM   709 O OD1 . ASP B 2 69 ? 12.251  7.797   -10.928 1.00 39.01 ? 326  ASP B OD1 1 
ATOM   710 O OD2 . ASP B 2 69 ? 10.544  6.752   -11.847 1.00 33.15 ? 326  ASP B OD2 1 
ATOM   711 N N   . GLU B 2 70 ? 10.560  3.483   -7.916  1.00 20.81 ? 327  GLU B N   1 
ATOM   712 C CA  . GLU B 2 70 ? 10.340  2.057   -7.649  1.00 20.66 ? 327  GLU B CA  1 
ATOM   713 C C   . GLU B 2 70 ? 8.875   1.796   -7.319  1.00 19.70 ? 327  GLU B C   1 
ATOM   714 O O   . GLU B 2 70 ? 8.351   0.724   -7.618  1.00 19.09 ? 327  GLU B O   1 
ATOM   715 C CB  . GLU B 2 70 ? 11.231  1.582   -6.498  1.00 21.19 ? 327  GLU B CB  1 
ATOM   716 C CG  . GLU B 2 70 ? 11.171  0.080   -6.254  1.00 25.65 ? 327  GLU B CG  1 
ATOM   717 C CD  . GLU B 2 70 ? 12.196  -0.408  -5.239  1.00 29.68 ? 327  GLU B CD  1 
ATOM   718 O OE1 . GLU B 2 70 ? 12.983  0.421   -4.722  1.00 31.28 ? 327  GLU B OE1 1 
ATOM   719 O OE2 . GLU B 2 70 ? 12.212  -1.631  -4.964  1.00 30.83 ? 327  GLU B OE2 1 
ATOM   720 N N   . VAL B 2 71 ? 8.216   2.779   -6.698  1.00 18.72 ? 328  VAL B N   1 
ATOM   721 C CA  . VAL B 2 71 ? 6.804   2.645   -6.350  1.00 18.06 ? 328  VAL B CA  1 
ATOM   722 C C   . VAL B 2 71 ? 5.944   2.989   -7.551  1.00 16.80 ? 328  VAL B C   1 
ATOM   723 O O   . VAL B 2 71 ? 4.988   2.305   -7.865  1.00 16.07 ? 328  VAL B O   1 
ATOM   724 C CB  . VAL B 2 71 ? 6.421   3.538   -5.146  1.00 17.78 ? 328  VAL B CB  1 
ATOM   725 C CG1 . VAL B 2 71 ? 4.924   3.511   -4.932  1.00 17.87 ? 328  VAL B CG1 1 
ATOM   726 C CG2 . VAL B 2 71 ? 7.137   3.056   -3.882  1.00 17.54 ? 328  VAL B CG2 1 
ATOM   727 N N   . LEU B 2 72 ? 6.318   4.056   -8.238  1.00 17.64 ? 329  LEU B N   1 
ATOM   728 C CA  . LEU B 2 72 ? 5.585   4.537   -9.377  1.00 18.45 ? 329  LEU B CA  1 
ATOM   729 C C   . LEU B 2 72 ? 5.558   3.516   -10.528 1.00 18.05 ? 329  LEU B C   1 
ATOM   730 O O   . LEU B 2 72 ? 4.597   3.458   -11.289 1.00 18.24 ? 329  LEU B O   1 
ATOM   731 C CB  . LEU B 2 72 ? 6.195   5.858   -9.842  1.00 19.73 ? 329  LEU B CB  1 
ATOM   732 C CG  . LEU B 2 72 ? 5.373   6.670   -10.828 1.00 23.59 ? 329  LEU B CG  1 
ATOM   733 C CD1 . LEU B 2 72 ? 3.945   6.838   -10.324 1.00 25.87 ? 329  LEU B CD1 1 
ATOM   734 C CD2 . LEU B 2 72 ? 6.053   8.022   -11.020 1.00 26.57 ? 329  LEU B CD2 1 
ATOM   735 N N   . ARG B 2 73 ? 6.595   2.703   -10.652 1.00 17.22 ? 330  ARG B N   1 
ATOM   736 C CA  . ARG B 2 73 ? 6.595   1.657   -11.667 1.00 18.62 ? 330  ARG B CA  1 
ATOM   737 C C   . ARG B 2 73 ? 5.389   0.687   -11.549 1.00 18.52 ? 330  ARG B C   1 
ATOM   738 O O   . ARG B 2 73 ? 4.866   0.209   -12.564 1.00 16.90 ? 330  ARG B O   1 
ATOM   739 C CB  . ARG B 2 73 ? 7.933   0.898   -11.651 1.00 18.38 ? 330  ARG B CB  1 
ATOM   740 C CG  . ARG B 2 73 ? 7.898   -0.434  -10.964 1.00 20.12 ? 330  ARG B CG  1 
ATOM   741 C CD  . ARG B 2 73 ? 9.302   -0.945  -10.731 1.00 20.40 ? 330  ARG B CD  1 
ATOM   742 N NE  . ARG B 2 73 ? 9.324   -2.353  -10.353 1.00 19.62 ? 330  ARG B NE  1 
ATOM   743 C CZ  . ARG B 2 73 ? 9.116   -2.797  -9.122  1.00 17.89 ? 330  ARG B CZ  1 
ATOM   744 N NH1 . ARG B 2 73 ? 8.880   -1.954  -8.120  1.00 18.60 ? 330  ARG B NH1 1 
ATOM   745 N NH2 . ARG B 2 73 ? 9.160   -4.092  -8.894  1.00 14.94 ? 330  ARG B NH2 1 
ATOM   746 N N   . LEU B 2 74 ? 4.936   0.415   -10.323 1.00 17.83 ? 331  LEU B N   1 
ATOM   747 C CA  . LEU B 2 74 ? 3.770   -0.445  -10.117 1.00 17.81 ? 331  LEU B CA  1 
ATOM   748 C C   . LEU B 2 74 ? 2.490   0.209   -10.599 1.00 16.93 ? 331  LEU B C   1 
ATOM   749 O O   . LEU B 2 74 ? 1.672   -0.421  -11.251 1.00 18.69 ? 331  LEU B O   1 
ATOM   750 C CB  . LEU B 2 74 ? 3.619   -0.839  -8.641  1.00 17.49 ? 331  LEU B CB  1 
ATOM   751 C CG  . LEU B 2 74 ? 4.824   -1.534  -8.014  1.00 17.58 ? 331  LEU B CG  1 
ATOM   752 C CD1 . LEU B 2 74 ? 4.535   -1.855  -6.552  1.00 19.40 ? 331  LEU B CD1 1 
ATOM   753 C CD2 . LEU B 2 74 ? 5.167   -2.808  -8.780  1.00 15.70 ? 331  LEU B CD2 1 
ATOM   754 N N   . ILE B 2 75 ? 2.320   1.484   -10.295 1.00 17.01 ? 332  ILE B N   1 
ATOM   755 C CA  . ILE B 2 75 ? 1.129   2.216   -10.716 1.00 17.32 ? 332  ILE B CA  1 
ATOM   756 C C   . ILE B 2 75 ? 1.087   2.290   -12.246 1.00 18.07 ? 332  ILE B C   1 
ATOM   757 O O   . ILE B 2 75 ? 0.042   2.173   -12.874 1.00 18.44 ? 332  ILE B O   1 
ATOM   758 C CB  . ILE B 2 75 ? 1.129   3.644   -10.079 1.00 17.61 ? 332  ILE B CB  1 
ATOM   759 C CG1 . ILE B 2 75 ? 1.033   3.540   -8.548  1.00 18.44 ? 332  ILE B CG1 1 
ATOM   760 C CG2 . ILE B 2 75 ? -0.005  4.495   -10.639 1.00 17.39 ? 332  ILE B CG2 1 
ATOM   761 C CD1 . ILE B 2 75 ? 1.502   4.782   -7.805  1.00 18.66 ? 332  ILE B CD1 1 
ATOM   762 N N   . VAL B 2 76 ? 2.247   2.475   -12.849 1.00 19.52 ? 333  VAL B N   1 
ATOM   763 C CA  . VAL B 2 76 ? 2.334   2.581   -14.298 1.00 20.77 ? 333  VAL B CA  1 
ATOM   764 C C   . VAL B 2 76 ? 1.980   1.268   -15.001 1.00 20.76 ? 333  VAL B C   1 
ATOM   765 O O   . VAL B 2 76 ? 1.314   1.282   -16.034 1.00 21.90 ? 333  VAL B O   1 
ATOM   766 C CB  . VAL B 2 76 ? 3.732   3.057   -14.739 1.00 20.88 ? 333  VAL B CB  1 
ATOM   767 C CG1 . VAL B 2 76 ? 3.963   2.719   -16.223 1.00 23.78 ? 333  VAL B CG1 1 
ATOM   768 C CG2 . VAL B 2 76 ? 3.882   4.555   -14.465 1.00 18.85 ? 333  VAL B CG2 1 
ATOM   769 N N   . TRP B 2 77 ? 2.402   0.136   -14.440 1.00 20.45 ? 334  TRP B N   1 
ATOM   770 C CA  . TRP B 2 77 ? 2.013   -1.166  -14.985 1.00 19.58 ? 334  TRP B CA  1 
ATOM   771 C C   . TRP B 2 77 ? 0.515   -1.403  -14.873 1.00 19.90 ? 334  TRP B C   1 
ATOM   772 O O   . TRP B 2 77 ? -0.120  -1.866  -15.827 1.00 17.64 ? 334  TRP B O   1 
ATOM   773 C CB  . TRP B 2 77 ? 2.748   -2.288  -14.277 1.00 19.55 ? 334  TRP B CB  1 
ATOM   774 C CG  . TRP B 2 77 ? 2.300   -3.670  -14.666 1.00 21.30 ? 334  TRP B CG  1 
ATOM   775 C CD1 . TRP B 2 77 ? 1.771   -4.617  -13.833 1.00 22.61 ? 334  TRP B CD1 1 
ATOM   776 C CD2 . TRP B 2 77 ? 2.340   -4.270  -15.977 1.00 21.42 ? 334  TRP B CD2 1 
ATOM   777 N NE1 . TRP B 2 77 ? 1.477   -5.759  -14.544 1.00 21.22 ? 334  TRP B NE1 1 
ATOM   778 C CE2 . TRP B 2 77 ? 1.823   -5.579  -15.855 1.00 21.18 ? 334  TRP B CE2 1 
ATOM   779 C CE3 . TRP B 2 77 ? 2.761   -3.831  -17.235 1.00 22.06 ? 334  TRP B CE3 1 
ATOM   780 C CZ2 . TRP B 2 77 ? 1.722   -6.453  -16.938 1.00 20.21 ? 334  TRP B CZ2 1 
ATOM   781 C CZ3 . TRP B 2 77 ? 2.652   -4.701  -18.312 1.00 23.22 ? 334  TRP B CZ3 1 
ATOM   782 C CH2 . TRP B 2 77 ? 2.139   -5.996  -18.155 1.00 21.33 ? 334  TRP B CH2 1 
ATOM   783 N N   . LEU B 2 78 ? -0.045  -1.107  -13.700 1.00 20.22 ? 335  LEU B N   1 
ATOM   784 C CA  . LEU B 2 78 ? -1.465  -1.283  -13.484 1.00 22.22 ? 335  LEU B CA  1 
ATOM   785 C C   . LEU B 2 78 ? -2.282  -0.405  -14.434 1.00 24.28 ? 335  LEU B C   1 
ATOM   786 O O   . LEU B 2 78 ? -3.395  -0.751  -14.794 1.00 24.31 ? 335  LEU B O   1 
ATOM   787 C CB  . LEU B 2 78 ? -1.833  -0.971  -12.027 1.00 23.51 ? 335  LEU B CB  1 
ATOM   788 C CG  . LEU B 2 78 ? -1.333  -1.969  -10.994 1.00 21.57 ? 335  LEU B CG  1 
ATOM   789 C CD1 . LEU B 2 78 ? -1.796  -1.578  -9.593  1.00 25.54 ? 335  LEU B CD1 1 
ATOM   790 C CD2 . LEU B 2 78 ? -1.800  -3.352  -11.362 1.00 25.28 ? 335  LEU B CD2 1 
ATOM   791 N N   . GLU B 2 79 ? -1.735  0.743   -14.815 1.00 27.96 ? 336  GLU B N   1 
ATOM   792 C CA  . GLU B 2 79 ? -2.374  1.601   -15.817 1.00 30.57 ? 336  GLU B CA  1 
ATOM   793 C C   . GLU B 2 79 ? -2.211  1.027   -17.237 1.00 31.70 ? 336  GLU B C   1 
ATOM   794 O O   . GLU B 2 79 ? -3.155  1.057   -18.014 1.00 31.16 ? 336  GLU B O   1 
ATOM   795 C CB  . GLU B 2 79 ? -1.801  3.017   -15.756 1.00 31.08 ? 336  GLU B CB  1 
ATOM   796 C CG  . GLU B 2 79 ? -2.664  4.099   -16.410 1.00 35.56 ? 336  GLU B CG  1 
ATOM   797 C CD  . GLU B 2 79 ? -2.416  4.248   -17.912 1.00 40.47 ? 336  GLU B CD  1 
ATOM   798 O OE1 . GLU B 2 79 ? -3.411  4.313   -18.670 1.00 43.50 ? 336  GLU B OE1 1 
ATOM   799 O OE2 . GLU B 2 79 ? -1.234  4.300   -18.333 1.00 43.03 ? 336  GLU B OE2 1 
ATOM   800 N N   . GLN B 2 80 ? -1.031  0.503   -17.572 1.00 34.24 ? 337  GLN B N   1 
ATOM   801 C CA  . GLN B 2 80 ? -0.819  -0.150  -18.880 1.00 37.02 ? 337  GLN B CA  1 
ATOM   802 C C   . GLN B 2 80 ? -1.778  -1.316  -19.096 1.00 39.44 ? 337  GLN B C   1 
ATOM   803 O O   . GLN B 2 80 ? -1.919  -1.812  -20.221 1.00 40.53 ? 337  GLN B O   1 
ATOM   804 C CB  . GLN B 2 80 ? 0.617   -0.657  -19.036 1.00 36.84 ? 337  GLN B CB  1 
ATOM   805 N N   . VAL B 2 81 ? -2.436  -1.741  -18.016 1.00 41.10 ? 338  VAL B N   1 
ATOM   806 C CA  . VAL B 2 81 ? -3.346  -2.884  -18.045 1.00 42.28 ? 338  VAL B CA  1 
ATOM   807 C C   . VAL B 2 81 ? -4.533  -2.692  -17.090 1.00 43.39 ? 338  VAL B C   1 
ATOM   808 O O   . VAL B 2 81 ? -5.474  -1.933  -17.362 1.00 43.99 ? 338  VAL B O   1 
ATOM   809 C CB  . VAL B 2 81 ? -2.607  -4.182  -17.647 1.00 42.08 ? 338  VAL B CB  1 
HETATM 810 O O   . HOH C 3 .  ? -12.626 -6.851  8.761   1.00 30.10 ? 2001 HOH A O   1 
HETATM 811 O O   . HOH C 3 .  ? -7.336  -3.583  13.938  1.00 45.59 ? 2002 HOH A O   1 
HETATM 812 O O   . HOH C 3 .  ? -14.873 -2.292  11.970  1.00 32.47 ? 2003 HOH A O   1 
HETATM 813 O O   . HOH C 3 .  ? -7.483  -2.072  11.772  1.00 26.79 ? 2004 HOH A O   1 
HETATM 814 O O   . HOH C 3 .  ? -6.968  2.762   11.669  1.00 38.44 ? 2005 HOH A O   1 
HETATM 815 O O   . HOH D 3 .  ? -6.048  -17.907 8.632   1.00 24.94 ? 2001 HOH B O   1 
HETATM 816 O O   . HOH D 3 .  ? -1.165  20.306  -13.306 1.00 22.87 ? 2002 HOH B O   1 
HETATM 817 O O   . HOH D 3 .  ? 0.620   11.892  -5.373  1.00 28.01 ? 2003 HOH B O   1 
HETATM 818 O O   . HOH D 3 .  ? -0.065  -3.831  12.046  1.00 20.21 ? 2004 HOH B O   1 
HETATM 819 O O   . HOH D 3 .  ? 5.160   -6.229  13.792  1.00 46.77 ? 2005 HOH B O   1 
HETATM 820 O O   . HOH D 3 .  ? 1.266   -13.860 12.922  1.00 38.24 ? 2006 HOH B O   1 
HETATM 821 O O   . HOH D 3 .  ? -4.103  -16.851 10.738  1.00 25.73 ? 2007 HOH B O   1 
HETATM 822 O O   . HOH D 3 .  ? -10.660 -9.208  6.187   1.00 33.73 ? 2008 HOH B O   1 
HETATM 823 O O   . HOH D 3 .  ? -13.053 -9.791  -5.718  1.00 35.88 ? 2009 HOH B O   1 
HETATM 824 O O   . HOH D 3 .  ? -15.471 -9.578  -4.025  1.00 22.78 ? 2010 HOH B O   1 
HETATM 825 O O   . HOH D 3 .  ? -7.516  -7.832  -6.053  1.00 30.47 ? 2011 HOH B O   1 
HETATM 826 O O   . HOH D 3 .  ? -5.262  -8.405  -7.046  1.00 27.80 ? 2012 HOH B O   1 
HETATM 827 O O   . HOH D 3 .  ? -1.596  -10.788 -5.408  1.00 37.90 ? 2013 HOH B O   1 
HETATM 828 O O   . HOH D 3 .  ? 8.691   -10.012 -5.159  1.00 34.43 ? 2014 HOH B O   1 
HETATM 829 O O   . HOH D 3 .  ? 15.715  -6.829  1.800   1.00 41.53 ? 2015 HOH B O   1 
HETATM 830 O O   . HOH D 3 .  ? 6.829   1.684   8.889   1.00 25.67 ? 2016 HOH B O   1 
HETATM 831 O O   . HOH D 3 .  ? 7.662   8.455   6.417   1.00 24.12 ? 2017 HOH B O   1 
HETATM 832 O O   . HOH D 3 .  ? -2.419  1.423   12.057  1.00 33.22 ? 2018 HOH B O   1 
HETATM 833 O O   . HOH D 3 .  ? -5.565  4.784   11.169  1.00 22.74 ? 2019 HOH B O   1 
HETATM 834 O O   . HOH D 3 .  ? 1.465   13.323  4.603   1.00 31.60 ? 2020 HOH B O   1 
HETATM 835 O O   . HOH D 3 .  ? 5.401   13.252  3.843   1.00 31.76 ? 2021 HOH B O   1 
HETATM 836 O O   . HOH D 3 .  ? 12.264  13.112  -0.037  1.00 24.80 ? 2022 HOH B O   1 
HETATM 837 O O   . HOH D 3 .  ? 9.733   9.199   -12.172 1.00 22.13 ? 2023 HOH B O   1 
HETATM 838 O O   . HOH D 3 .  ? 12.727  4.596   -6.777  1.00 27.73 ? 2024 HOH B O   1 
# 
loop_
_pdbx_poly_seq_scheme.asym_id 
_pdbx_poly_seq_scheme.entity_id 
_pdbx_poly_seq_scheme.seq_id 
_pdbx_poly_seq_scheme.mon_id 
_pdbx_poly_seq_scheme.ndb_seq_num 
_pdbx_poly_seq_scheme.pdb_seq_num 
_pdbx_poly_seq_scheme.auth_seq_num 
_pdbx_poly_seq_scheme.pdb_mon_id 
_pdbx_poly_seq_scheme.auth_mon_id 
_pdbx_poly_seq_scheme.pdb_strand_id 
_pdbx_poly_seq_scheme.pdb_ins_code 
_pdbx_poly_seq_scheme.hetero 
A 1 1  MET 1  206 ?   ?   ?   A . n 
A 1 2  ASP 2  207 ?   ?   ?   A . n 
A 1 3  MET 3  208 ?   ?   ?   A . n 
A 1 4  MET 4  209 ?   ?   ?   A . n 
A 1 5  MET 5  210 ?   ?   ?   A . n 
A 1 6  ASP 6  211 ?   ?   ?   A . n 
A 1 7  LYS 7  212 ?   ?   ?   A . n 
A 1 8  GLN 8  213 ?   ?   ?   A . n 
A 1 9  GLU 9  214 ?   ?   ?   A . n 
A 1 10 ILE 10 215 ?   ?   ?   A . n 
A 1 11 LYS 11 216 ?   ?   ?   A . n 
A 1 12 ARG 12 217 ?   ?   ?   A . n 
A 1 13 GLU 13 218 ?   ?   ?   A . n 
A 1 14 TYR 14 219 ?   ?   ?   A . n 
A 1 15 ILE 15 220 ?   ?   ?   A . n 
A 1 16 GLU 16 221 ?   ?   ?   A . n 
A 1 17 GLN 17 222 ?   ?   ?   A . n 
A 1 18 GLU 18 223 ?   ?   ?   A . n 
A 1 19 GLY 19 224 ?   ?   ?   A . n 
A 1 20 HIS 20 225 ?   ?   ?   A . n 
A 1 21 PHE 21 226 ?   ?   ?   A . n 
A 1 22 GLU 22 227 ?   ?   ?   A . n 
A 1 23 THR 23 228 ?   ?   ?   A . n 
A 1 24 LYS 24 229 ?   ?   ?   A . n 
A 1 25 SER 25 230 ?   ?   ?   A . n 
A 1 26 ARG 26 231 ?   ?   ?   A . n 
A 1 27 ARG 27 232 ?   ?   ?   A . n 
A 1 28 ARG 28 233 ?   ?   ?   A . n 
A 1 29 GLU 29 234 ?   ?   ?   A . n 
A 1 30 LEU 30 235 ?   ?   ?   A . n 
A 1 31 HIS 31 236 ?   ?   ?   A . n 
A 1 32 ILE 32 237 237 ILE ILE A . n 
A 1 33 GLU 33 238 238 GLU GLU A . n 
A 1 34 ILE 34 239 239 ILE ILE A . n 
A 1 35 LEU 35 240 240 LEU LEU A . n 
A 1 36 SER 36 241 241 SER SER A . n 
A 1 37 GLU 37 242 242 GLU GLU A . n 
A 1 38 GLN 38 243 243 GLN GLN A . n 
A 1 39 THR 39 244 244 THR THR A . n 
A 1 40 LYS 40 245 245 LYS LYS A . n 
A 1 41 SER 41 246 246 SER SER A . n 
A 1 42 ASP 42 247 247 ASP ASP A . n 
A 1 43 ILE 43 248 248 ILE ILE A . n 
A 1 44 ARG 44 249 249 ARG ARG A . n 
A 1 45 ASN 45 250 250 ASN ASN A . n 
A 1 46 SER 46 251 251 SER SER A . n 
A 1 47 LYS 47 252 252 LYS LYS A . n 
A 1 48 LEU 48 253 253 LEU LEU A . n 
A 1 49 VAL 49 254 254 VAL VAL A . n 
A 1 50 VAL 50 255 255 VAL VAL A . n 
A 1 51 MET 51 256 256 MET MET A . n 
A 1 52 ASN 52 257 257 ASN ASN A . n 
B 2 1  PRO 1  258 258 PRO PRO B . n 
B 2 2  THR 2  259 259 THR THR B . n 
B 2 3  HIS 3  260 260 HIS HIS B . n 
B 2 4  ILE 4  261 261 ILE ILE B . n 
B 2 5  ALA 5  262 262 ALA ALA B . n 
B 2 6  ILE 6  263 263 ILE ILE B . n 
B 2 7  GLY 7  264 264 GLY GLY B . n 
B 2 8  ILE 8  265 265 ILE ILE B . n 
B 2 9  TYR 9  266 266 TYR TYR B . n 
B 2 10 PHE 10 267 267 PHE PHE B . n 
B 2 11 ASN 11 268 268 ASN ASN B . n 
B 2 12 PRO 12 269 269 PRO PRO B . n 
B 2 13 GLU 13 270 270 GLU GLU B . n 
B 2 14 ILE 14 271 271 ILE ILE B . n 
B 2 15 ALA 15 272 272 ALA ALA B . n 
B 2 16 PRO 16 273 273 PRO PRO B . n 
B 2 17 ALA 17 274 274 ALA ALA B . n 
B 2 18 PRO 18 275 275 PRO PRO B . n 
B 2 19 PHE 19 276 276 PHE PHE B . n 
B 2 20 ILE 20 277 277 ILE ILE B . n 
B 2 21 SER 21 278 278 SER SER B . n 
B 2 22 LEU 22 279 279 LEU LEU B . n 
B 2 23 ILE 23 280 280 ILE ILE B . n 
B 2 24 GLU 24 281 281 GLU GLU B . n 
B 2 25 THR 25 282 282 THR THR B . n 
B 2 26 ASN 26 283 283 ASN ASN B . n 
B 2 27 GLN 27 284 284 GLN GLN B . n 
B 2 28 CYS 28 285 285 CYS CYS B . n 
B 2 29 ALA 29 286 286 ALA ALA B . n 
B 2 30 LEU 30 287 287 LEU LEU B . n 
B 2 31 ALA 31 288 288 ALA ALA B . n 
B 2 32 VAL 32 289 289 VAL VAL B . n 
B 2 33 ARG 33 290 290 ARG ARG B . n 
B 2 34 LYS 34 291 291 LYS LYS B . n 
B 2 35 TYR 35 292 292 TYR TYR B . n 
B 2 36 ALA 36 293 293 ALA ALA B . n 
B 2 37 ASN 37 294 294 ASN ASN B . n 
B 2 38 GLU 38 295 295 GLU GLU B . n 
B 2 39 VAL 39 296 296 VAL VAL B . n 
B 2 40 GLY 40 297 297 GLY GLY B . n 
B 2 41 ILE 41 298 298 ILE ILE B . n 
B 2 42 PRO 42 299 299 PRO PRO B . n 
B 2 43 THR 43 300 300 THR THR B . n 
B 2 44 VAL 44 301 301 VAL VAL B . n 
B 2 45 ARG 45 302 302 ARG ARG B . n 
B 2 46 ASP 46 303 303 ASP ASP B . n 
B 2 47 VAL 47 304 304 VAL VAL B . n 
B 2 48 LYS 48 305 305 LYS LYS B . n 
B 2 49 LEU 49 306 306 LEU LEU B . n 
B 2 50 ALA 50 307 307 ALA ALA B . n 
B 2 51 ARG 51 308 308 ARG ARG B . n 
B 2 52 LYS 52 309 309 LYS LYS B . n 
B 2 53 LEU 53 310 310 LEU LEU B . n 
B 2 54 TYR 54 311 311 TYR TYR B . n 
B 2 55 LYS 55 312 312 LYS LYS B . n 
B 2 56 THR 56 313 313 THR THR B . n 
B 2 57 HIS 57 314 314 HIS HIS B . n 
B 2 58 THR 58 315 315 THR THR B . n 
B 2 59 LYS 59 316 316 LYS LYS B . n 
B 2 60 TYR 60 317 317 TYR TYR B . n 
B 2 61 SER 61 318 318 SER SER B . n 
B 2 62 PHE 62 319 319 PHE PHE B . n 
B 2 63 VAL 63 320 320 VAL VAL B . n 
B 2 64 ASP 64 321 321 ASP ASP B . n 
B 2 65 PHE 65 322 322 PHE PHE B . n 
B 2 66 GLU 66 323 323 GLU GLU B . n 
B 2 67 HIS 67 324 324 HIS HIS B . n 
B 2 68 LEU 68 325 325 LEU LEU B . n 
B 2 69 ASP 69 326 326 ASP ASP B . n 
B 2 70 GLU 70 327 327 GLU GLU B . n 
B 2 71 VAL 71 328 328 VAL VAL B . n 
B 2 72 LEU 72 329 329 LEU LEU B . n 
B 2 73 ARG 73 330 330 ARG ARG B . n 
B 2 74 LEU 74 331 331 LEU LEU B . n 
B 2 75 ILE 75 332 332 ILE ILE B . n 
B 2 76 VAL 76 333 333 VAL VAL B . n 
B 2 77 TRP 77 334 334 TRP TRP B . n 
B 2 78 LEU 78 335 335 LEU LEU B . n 
B 2 79 GLU 79 336 336 GLU GLU B . n 
B 2 80 GLN 80 337 337 GLN GLN B . n 
B 2 81 VAL 81 338 338 VAL VAL B . n 
B 2 82 GLU 82 339 ?   ?   ?   B . n 
B 2 83 ASN 83 340 ?   ?   ?   B . n 
B 2 84 THR 84 341 ?   ?   ?   B . n 
B 2 85 HIS 85 342 ?   ?   ?   B . n 
B 2 86 LEU 86 343 ?   ?   ?   B . n 
B 2 87 GLU 87 344 ?   ?   ?   B . n 
B 2 88 HIS 88 345 ?   ?   ?   B . n 
B 2 89 HIS 89 346 ?   ?   ?   B . n 
B 2 90 HIS 90 347 ?   ?   ?   B . n 
B 2 91 HIS 91 348 ?   ?   ?   B . n 
B 2 92 HIS 92 349 ?   ?   ?   B . n 
B 2 93 HIS 93 350 ?   ?   ?   B . n 
# 
loop_
_pdbx_nonpoly_scheme.asym_id 
_pdbx_nonpoly_scheme.entity_id 
_pdbx_nonpoly_scheme.mon_id 
_pdbx_nonpoly_scheme.ndb_seq_num 
_pdbx_nonpoly_scheme.pdb_seq_num 
_pdbx_nonpoly_scheme.auth_seq_num 
_pdbx_nonpoly_scheme.pdb_mon_id 
_pdbx_nonpoly_scheme.auth_mon_id 
_pdbx_nonpoly_scheme.pdb_strand_id 
_pdbx_nonpoly_scheme.pdb_ins_code 
C 3 HOH 1  2001 2001 HOH HOH A . 
C 3 HOH 2  2002 2002 HOH HOH A . 
C 3 HOH 3  2003 2003 HOH HOH A . 
C 3 HOH 4  2004 2004 HOH HOH A . 
C 3 HOH 5  2005 2005 HOH HOH A . 
D 3 HOH 1  2001 2001 HOH HOH B . 
D 3 HOH 2  2002 2002 HOH HOH B . 
D 3 HOH 3  2003 2003 HOH HOH B . 
D 3 HOH 4  2004 2004 HOH HOH B . 
D 3 HOH 5  2005 2005 HOH HOH B . 
D 3 HOH 6  2006 2006 HOH HOH B . 
D 3 HOH 7  2007 2007 HOH HOH B . 
D 3 HOH 8  2008 2008 HOH HOH B . 
D 3 HOH 9  2009 2009 HOH HOH B . 
D 3 HOH 10 2010 2010 HOH HOH B . 
D 3 HOH 11 2011 2011 HOH HOH B . 
D 3 HOH 12 2012 2012 HOH HOH B . 
D 3 HOH 13 2013 2013 HOH HOH B . 
D 3 HOH 14 2014 2014 HOH HOH B . 
D 3 HOH 15 2015 2015 HOH HOH B . 
D 3 HOH 16 2016 2016 HOH HOH B . 
D 3 HOH 17 2017 2017 HOH HOH B . 
D 3 HOH 18 2018 2018 HOH HOH B . 
D 3 HOH 19 2019 2019 HOH HOH B . 
D 3 HOH 20 2020 2020 HOH HOH B . 
D 3 HOH 21 2021 2021 HOH HOH B . 
D 3 HOH 22 2022 2022 HOH HOH B . 
D 3 HOH 23 2023 2023 HOH HOH B . 
D 3 HOH 24 2024 2024 HOH HOH B . 
# 
_pdbx_struct_assembly.id                   1 
_pdbx_struct_assembly.details              author_and_software_defined_assembly 
_pdbx_struct_assembly.method_details       PQS 
_pdbx_struct_assembly.oligomeric_details   dimeric 
_pdbx_struct_assembly.oligomeric_count     2 
# 
_pdbx_struct_assembly_gen.assembly_id       1 
_pdbx_struct_assembly_gen.oper_expression   1 
_pdbx_struct_assembly_gen.asym_id_list      A,B,C,D 
# 
loop_
_pdbx_struct_assembly_prop.biol_id 
_pdbx_struct_assembly_prop.type 
_pdbx_struct_assembly_prop.value 
_pdbx_struct_assembly_prop.details 
1 'ABSA (A^2)' 2560  ? 
1 MORE         -24.9 ? 
1 'SSA (A^2)'  7250  ? 
# 
_pdbx_struct_oper_list.id                   1 
_pdbx_struct_oper_list.type                 'identity operation' 
_pdbx_struct_oper_list.name                 1_555 
_pdbx_struct_oper_list.symmetry_operation   x,y,z 
_pdbx_struct_oper_list.matrix[1][1]         1.0000000000 
_pdbx_struct_oper_list.matrix[1][2]         0.0000000000 
_pdbx_struct_oper_list.matrix[1][3]         0.0000000000 
_pdbx_struct_oper_list.vector[1]            0.0000000000 
_pdbx_struct_oper_list.matrix[2][1]         0.0000000000 
_pdbx_struct_oper_list.matrix[2][2]         1.0000000000 
_pdbx_struct_oper_list.matrix[2][3]         0.0000000000 
_pdbx_struct_oper_list.vector[2]            0.0000000000 
_pdbx_struct_oper_list.matrix[3][1]         0.0000000000 
_pdbx_struct_oper_list.matrix[3][2]         0.0000000000 
_pdbx_struct_oper_list.matrix[3][3]         1.0000000000 
_pdbx_struct_oper_list.vector[3]            0.0000000000 
# 
loop_
_pdbx_audit_revision_history.ordinal 
_pdbx_audit_revision_history.data_content_type 
_pdbx_audit_revision_history.major_revision 
_pdbx_audit_revision_history.minor_revision 
_pdbx_audit_revision_history.revision_date 
1 'Structure model' 1 0 2008-05-20 
2 'Structure model' 1 1 2011-05-08 
3 'Structure model' 1 2 2011-07-13 
4 'Structure model' 1 3 2019-05-08 
5 'Structure model' 1 4 2023-12-13 
# 
_pdbx_audit_revision_details.ordinal             1 
_pdbx_audit_revision_details.revision_ordinal    1 
_pdbx_audit_revision_details.data_content_type   'Structure model' 
_pdbx_audit_revision_details.provider            repository 
_pdbx_audit_revision_details.type                'Initial release' 
_pdbx_audit_revision_details.description         ? 
_pdbx_audit_revision_details.details             ? 
# 
loop_
_pdbx_audit_revision_group.ordinal 
_pdbx_audit_revision_group.revision_ordinal 
_pdbx_audit_revision_group.data_content_type 
_pdbx_audit_revision_group.group 
1 2 'Structure model' 'Version format compliance' 
2 3 'Structure model' 'Version format compliance' 
3 4 'Structure model' 'Data collection'           
4 4 'Structure model' 'Experimental preparation'  
5 4 'Structure model' Other                       
6 5 'Structure model' 'Data collection'           
7 5 'Structure model' 'Database references'       
8 5 'Structure model' Other                       
9 5 'Structure model' 'Refinement description'    
# 
loop_
_pdbx_audit_revision_category.ordinal 
_pdbx_audit_revision_category.revision_ordinal 
_pdbx_audit_revision_category.data_content_type 
_pdbx_audit_revision_category.category 
1  4 'Structure model' database_PDB_rev              
2  4 'Structure model' database_PDB_rev_record       
3  4 'Structure model' exptl_crystal_grow            
4  4 'Structure model' pdbx_database_proc            
5  4 'Structure model' pdbx_database_status          
6  5 'Structure model' chem_comp_atom                
7  5 'Structure model' chem_comp_bond                
8  5 'Structure model' database_2                    
9  5 'Structure model' pdbx_database_status          
10 5 'Structure model' pdbx_initial_refinement_model 
# 
loop_
_pdbx_audit_revision_item.ordinal 
_pdbx_audit_revision_item.revision_ordinal 
_pdbx_audit_revision_item.data_content_type 
_pdbx_audit_revision_item.item 
1 4 'Structure model' '_exptl_crystal_grow.method'                  
2 4 'Structure model' '_exptl_crystal_grow.temp'                    
3 4 'Structure model' '_pdbx_database_status.recvd_author_approval' 
4 5 'Structure model' '_database_2.pdbx_DOI'                        
5 5 'Structure model' '_database_2.pdbx_database_accession'         
6 5 'Structure model' '_pdbx_database_status.status_code_sf'        
# 
loop_
_software.name 
_software.classification 
_software.version 
_software.citation_id 
_software.pdbx_ordinal 
REFMAC refinement       5.4.0077 ? 1 
MOSFLM 'data reduction' .        ? 2 
SCALA  'data scaling'   .        ? 3 
PHASER phasing          .        ? 4 
# 
_pdbx_entry_details.entry_id                 2VT1 
_pdbx_entry_details.compound_details         ? 
_pdbx_entry_details.source_details           ? 
_pdbx_entry_details.nonpolymer_details       ? 
_pdbx_entry_details.sequence_details         
;CYTOPLASMIC DOMAIN (207-342).  N-TERMINAL START CODON AND
C-TERMINAL HIS-TAG (SEQUENCE LEHHHHHH) IS ADDED.
;
_pdbx_entry_details.has_ligand_of_interest   ? 
# 
_pdbx_validate_torsion.id              1 
_pdbx_validate_torsion.PDB_model_num   1 
_pdbx_validate_torsion.auth_comp_id    ASN 
_pdbx_validate_torsion.auth_asym_id    B 
_pdbx_validate_torsion.auth_seq_id     283 
_pdbx_validate_torsion.PDB_ins_code    ? 
_pdbx_validate_torsion.label_alt_id    ? 
_pdbx_validate_torsion.phi             53.22 
_pdbx_validate_torsion.psi             -126.08 
# 
loop_
_pdbx_unobs_or_zero_occ_atoms.id 
_pdbx_unobs_or_zero_occ_atoms.PDB_model_num 
_pdbx_unobs_or_zero_occ_atoms.polymer_flag 
_pdbx_unobs_or_zero_occ_atoms.occupancy_flag 
_pdbx_unobs_or_zero_occ_atoms.auth_asym_id 
_pdbx_unobs_or_zero_occ_atoms.auth_comp_id 
_pdbx_unobs_or_zero_occ_atoms.auth_seq_id 
_pdbx_unobs_or_zero_occ_atoms.PDB_ins_code 
_pdbx_unobs_or_zero_occ_atoms.auth_atom_id 
_pdbx_unobs_or_zero_occ_atoms.label_alt_id 
_pdbx_unobs_or_zero_occ_atoms.label_asym_id 
_pdbx_unobs_or_zero_occ_atoms.label_comp_id 
_pdbx_unobs_or_zero_occ_atoms.label_seq_id 
_pdbx_unobs_or_zero_occ_atoms.label_atom_id 
1  1 Y 1 B ARG 302 ? CZ  ? B ARG 45 CZ  
2  1 Y 1 B ARG 302 ? NH1 ? B ARG 45 NH1 
3  1 Y 1 B ARG 302 ? NH2 ? B ARG 45 NH2 
4  1 Y 1 B LYS 305 ? CD  ? B LYS 48 CD  
5  1 Y 1 B LYS 305 ? CE  ? B LYS 48 CE  
6  1 Y 1 B LYS 305 ? NZ  ? B LYS 48 NZ  
7  1 Y 1 B PHE 322 ? CG  ? B PHE 65 CG  
8  1 Y 1 B PHE 322 ? CD1 ? B PHE 65 CD1 
9  1 Y 1 B PHE 322 ? CD2 ? B PHE 65 CD2 
10 1 Y 1 B PHE 322 ? CE1 ? B PHE 65 CE1 
11 1 Y 1 B PHE 322 ? CE2 ? B PHE 65 CE2 
12 1 Y 1 B PHE 322 ? CZ  ? B PHE 65 CZ  
13 1 Y 1 B GLU 323 ? CG  ? B GLU 66 CG  
14 1 Y 1 B GLU 323 ? CD  ? B GLU 66 CD  
15 1 Y 1 B GLU 323 ? OE1 ? B GLU 66 OE1 
16 1 Y 1 B GLU 323 ? OE2 ? B GLU 66 OE2 
17 1 Y 1 B GLN 337 ? CG  ? B GLN 80 CG  
18 1 Y 1 B GLN 337 ? CD  ? B GLN 80 CD  
19 1 Y 1 B GLN 337 ? OE1 ? B GLN 80 OE1 
20 1 Y 1 B GLN 337 ? NE2 ? B GLN 80 NE2 
21 1 Y 1 B VAL 338 ? CG1 ? B VAL 81 CG1 
22 1 Y 1 B VAL 338 ? CG2 ? B VAL 81 CG2 
# 
loop_
_pdbx_unobs_or_zero_occ_residues.id 
_pdbx_unobs_or_zero_occ_residues.PDB_model_num 
_pdbx_unobs_or_zero_occ_residues.polymer_flag 
_pdbx_unobs_or_zero_occ_residues.occupancy_flag 
_pdbx_unobs_or_zero_occ_residues.auth_asym_id 
_pdbx_unobs_or_zero_occ_residues.auth_comp_id 
_pdbx_unobs_or_zero_occ_residues.auth_seq_id 
_pdbx_unobs_or_zero_occ_residues.PDB_ins_code 
_pdbx_unobs_or_zero_occ_residues.label_asym_id 
_pdbx_unobs_or_zero_occ_residues.label_comp_id 
_pdbx_unobs_or_zero_occ_residues.label_seq_id 
1  1 Y 1 A MET 206 ? A MET 1  
2  1 Y 1 A ASP 207 ? A ASP 2  
3  1 Y 1 A MET 208 ? A MET 3  
4  1 Y 1 A MET 209 ? A MET 4  
5  1 Y 1 A MET 210 ? A MET 5  
6  1 Y 1 A ASP 211 ? A ASP 6  
7  1 Y 1 A LYS 212 ? A LYS 7  
8  1 Y 1 A GLN 213 ? A GLN 8  
9  1 Y 1 A GLU 214 ? A GLU 9  
10 1 Y 1 A ILE 215 ? A ILE 10 
11 1 Y 1 A LYS 216 ? A LYS 11 
12 1 Y 1 A ARG 217 ? A ARG 12 
13 1 Y 1 A GLU 218 ? A GLU 13 
14 1 Y 1 A TYR 219 ? A TYR 14 
15 1 Y 1 A ILE 220 ? A ILE 15 
16 1 Y 1 A GLU 221 ? A GLU 16 
17 1 Y 1 A GLN 222 ? A GLN 17 
18 1 Y 1 A GLU 223 ? A GLU 18 
19 1 Y 1 A GLY 224 ? A GLY 19 
20 1 Y 1 A HIS 225 ? A HIS 20 
21 1 Y 1 A PHE 226 ? A PHE 21 
22 1 Y 1 A GLU 227 ? A GLU 22 
23 1 Y 1 A THR 228 ? A THR 23 
24 1 Y 1 A LYS 229 ? A LYS 24 
25 1 Y 1 A SER 230 ? A SER 25 
26 1 Y 1 A ARG 231 ? A ARG 26 
27 1 Y 1 A ARG 232 ? A ARG 27 
28 1 Y 1 A ARG 233 ? A ARG 28 
29 1 Y 1 A GLU 234 ? A GLU 29 
30 1 Y 1 A LEU 235 ? A LEU 30 
31 1 Y 1 A HIS 236 ? A HIS 31 
32 1 Y 1 B GLU 339 ? B GLU 82 
33 1 Y 1 B ASN 340 ? B ASN 83 
34 1 Y 1 B THR 341 ? B THR 84 
35 1 Y 1 B HIS 342 ? B HIS 85 
36 1 Y 1 B LEU 343 ? B LEU 86 
37 1 Y 1 B GLU 344 ? B GLU 87 
38 1 Y 1 B HIS 345 ? B HIS 88 
39 1 Y 1 B HIS 346 ? B HIS 89 
40 1 Y 1 B HIS 347 ? B HIS 90 
41 1 Y 1 B HIS 348 ? B HIS 91 
42 1 Y 1 B HIS 349 ? B HIS 92 
43 1 Y 1 B HIS 350 ? B HIS 93 
# 
loop_
_chem_comp_atom.comp_id 
_chem_comp_atom.atom_id 
_chem_comp_atom.type_symbol 
_chem_comp_atom.pdbx_aromatic_flag 
_chem_comp_atom.pdbx_stereo_config 
_chem_comp_atom.pdbx_ordinal 
ALA N    N N N 1   
ALA CA   C N S 2   
ALA C    C N N 3   
ALA O    O N N 4   
ALA CB   C N N 5   
ALA OXT  O N N 6   
ALA H    H N N 7   
ALA H2   H N N 8   
ALA HA   H N N 9   
ALA HB1  H N N 10  
ALA HB2  H N N 11  
ALA HB3  H N N 12  
ALA HXT  H N N 13  
ARG N    N N N 14  
ARG CA   C N S 15  
ARG C    C N N 16  
ARG O    O N N 17  
ARG CB   C N N 18  
ARG CG   C N N 19  
ARG CD   C N N 20  
ARG NE   N N N 21  
ARG CZ   C N N 22  
ARG NH1  N N N 23  
ARG NH2  N N N 24  
ARG OXT  O N N 25  
ARG H    H N N 26  
ARG H2   H N N 27  
ARG HA   H N N 28  
ARG HB2  H N N 29  
ARG HB3  H N N 30  
ARG HG2  H N N 31  
ARG HG3  H N N 32  
ARG HD2  H N N 33  
ARG HD3  H N N 34  
ARG HE   H N N 35  
ARG HH11 H N N 36  
ARG HH12 H N N 37  
ARG HH21 H N N 38  
ARG HH22 H N N 39  
ARG HXT  H N N 40  
ASN N    N N N 41  
ASN CA   C N S 42  
ASN C    C N N 43  
ASN O    O N N 44  
ASN CB   C N N 45  
ASN CG   C N N 46  
ASN OD1  O N N 47  
ASN ND2  N N N 48  
ASN OXT  O N N 49  
ASN H    H N N 50  
ASN H2   H N N 51  
ASN HA   H N N 52  
ASN HB2  H N N 53  
ASN HB3  H N N 54  
ASN HD21 H N N 55  
ASN HD22 H N N 56  
ASN HXT  H N N 57  
ASP N    N N N 58  
ASP CA   C N S 59  
ASP C    C N N 60  
ASP O    O N N 61  
ASP CB   C N N 62  
ASP CG   C N N 63  
ASP OD1  O N N 64  
ASP OD2  O N N 65  
ASP OXT  O N N 66  
ASP H    H N N 67  
ASP H2   H N N 68  
ASP HA   H N N 69  
ASP HB2  H N N 70  
ASP HB3  H N N 71  
ASP HD2  H N N 72  
ASP HXT  H N N 73  
CYS N    N N N 74  
CYS CA   C N R 75  
CYS C    C N N 76  
CYS O    O N N 77  
CYS CB   C N N 78  
CYS SG   S N N 79  
CYS OXT  O N N 80  
CYS H    H N N 81  
CYS H2   H N N 82  
CYS HA   H N N 83  
CYS HB2  H N N 84  
CYS HB3  H N N 85  
CYS HG   H N N 86  
CYS HXT  H N N 87  
GLN N    N N N 88  
GLN CA   C N S 89  
GLN C    C N N 90  
GLN O    O N N 91  
GLN CB   C N N 92  
GLN CG   C N N 93  
GLN CD   C N N 94  
GLN OE1  O N N 95  
GLN NE2  N N N 96  
GLN OXT  O N N 97  
GLN H    H N N 98  
GLN H2   H N N 99  
GLN HA   H N N 100 
GLN HB2  H N N 101 
GLN HB3  H N N 102 
GLN HG2  H N N 103 
GLN HG3  H N N 104 
GLN HE21 H N N 105 
GLN HE22 H N N 106 
GLN HXT  H N N 107 
GLU N    N N N 108 
GLU CA   C N S 109 
GLU C    C N N 110 
GLU O    O N N 111 
GLU CB   C N N 112 
GLU CG   C N N 113 
GLU CD   C N N 114 
GLU OE1  O N N 115 
GLU OE2  O N N 116 
GLU OXT  O N N 117 
GLU H    H N N 118 
GLU H2   H N N 119 
GLU HA   H N N 120 
GLU HB2  H N N 121 
GLU HB3  H N N 122 
GLU HG2  H N N 123 
GLU HG3  H N N 124 
GLU HE2  H N N 125 
GLU HXT  H N N 126 
GLY N    N N N 127 
GLY CA   C N N 128 
GLY C    C N N 129 
GLY O    O N N 130 
GLY OXT  O N N 131 
GLY H    H N N 132 
GLY H2   H N N 133 
GLY HA2  H N N 134 
GLY HA3  H N N 135 
GLY HXT  H N N 136 
HIS N    N N N 137 
HIS CA   C N S 138 
HIS C    C N N 139 
HIS O    O N N 140 
HIS CB   C N N 141 
HIS CG   C Y N 142 
HIS ND1  N Y N 143 
HIS CD2  C Y N 144 
HIS CE1  C Y N 145 
HIS NE2  N Y N 146 
HIS OXT  O N N 147 
HIS H    H N N 148 
HIS H2   H N N 149 
HIS HA   H N N 150 
HIS HB2  H N N 151 
HIS HB3  H N N 152 
HIS HD1  H N N 153 
HIS HD2  H N N 154 
HIS HE1  H N N 155 
HIS HE2  H N N 156 
HIS HXT  H N N 157 
HOH O    O N N 158 
HOH H1   H N N 159 
HOH H2   H N N 160 
ILE N    N N N 161 
ILE CA   C N S 162 
ILE C    C N N 163 
ILE O    O N N 164 
ILE CB   C N S 165 
ILE CG1  C N N 166 
ILE CG2  C N N 167 
ILE CD1  C N N 168 
ILE OXT  O N N 169 
ILE H    H N N 170 
ILE H2   H N N 171 
ILE HA   H N N 172 
ILE HB   H N N 173 
ILE HG12 H N N 174 
ILE HG13 H N N 175 
ILE HG21 H N N 176 
ILE HG22 H N N 177 
ILE HG23 H N N 178 
ILE HD11 H N N 179 
ILE HD12 H N N 180 
ILE HD13 H N N 181 
ILE HXT  H N N 182 
LEU N    N N N 183 
LEU CA   C N S 184 
LEU C    C N N 185 
LEU O    O N N 186 
LEU CB   C N N 187 
LEU CG   C N N 188 
LEU CD1  C N N 189 
LEU CD2  C N N 190 
LEU OXT  O N N 191 
LEU H    H N N 192 
LEU H2   H N N 193 
LEU HA   H N N 194 
LEU HB2  H N N 195 
LEU HB3  H N N 196 
LEU HG   H N N 197 
LEU HD11 H N N 198 
LEU HD12 H N N 199 
LEU HD13 H N N 200 
LEU HD21 H N N 201 
LEU HD22 H N N 202 
LEU HD23 H N N 203 
LEU HXT  H N N 204 
LYS N    N N N 205 
LYS CA   C N S 206 
LYS C    C N N 207 
LYS O    O N N 208 
LYS CB   C N N 209 
LYS CG   C N N 210 
LYS CD   C N N 211 
LYS CE   C N N 212 
LYS NZ   N N N 213 
LYS OXT  O N N 214 
LYS H    H N N 215 
LYS H2   H N N 216 
LYS HA   H N N 217 
LYS HB2  H N N 218 
LYS HB3  H N N 219 
LYS HG2  H N N 220 
LYS HG3  H N N 221 
LYS HD2  H N N 222 
LYS HD3  H N N 223 
LYS HE2  H N N 224 
LYS HE3  H N N 225 
LYS HZ1  H N N 226 
LYS HZ2  H N N 227 
LYS HZ3  H N N 228 
LYS HXT  H N N 229 
MET N    N N N 230 
MET CA   C N S 231 
MET C    C N N 232 
MET O    O N N 233 
MET CB   C N N 234 
MET CG   C N N 235 
MET SD   S N N 236 
MET CE   C N N 237 
MET OXT  O N N 238 
MET H    H N N 239 
MET H2   H N N 240 
MET HA   H N N 241 
MET HB2  H N N 242 
MET HB3  H N N 243 
MET HG2  H N N 244 
MET HG3  H N N 245 
MET HE1  H N N 246 
MET HE2  H N N 247 
MET HE3  H N N 248 
MET HXT  H N N 249 
PHE N    N N N 250 
PHE CA   C N S 251 
PHE C    C N N 252 
PHE O    O N N 253 
PHE CB   C N N 254 
PHE CG   C Y N 255 
PHE CD1  C Y N 256 
PHE CD2  C Y N 257 
PHE CE1  C Y N 258 
PHE CE2  C Y N 259 
PHE CZ   C Y N 260 
PHE OXT  O N N 261 
PHE H    H N N 262 
PHE H2   H N N 263 
PHE HA   H N N 264 
PHE HB2  H N N 265 
PHE HB3  H N N 266 
PHE HD1  H N N 267 
PHE HD2  H N N 268 
PHE HE1  H N N 269 
PHE HE2  H N N 270 
PHE HZ   H N N 271 
PHE HXT  H N N 272 
PRO N    N N N 273 
PRO CA   C N S 274 
PRO C    C N N 275 
PRO O    O N N 276 
PRO CB   C N N 277 
PRO CG   C N N 278 
PRO CD   C N N 279 
PRO OXT  O N N 280 
PRO H    H N N 281 
PRO HA   H N N 282 
PRO HB2  H N N 283 
PRO HB3  H N N 284 
PRO HG2  H N N 285 
PRO HG3  H N N 286 
PRO HD2  H N N 287 
PRO HD3  H N N 288 
PRO HXT  H N N 289 
SER N    N N N 290 
SER CA   C N S 291 
SER C    C N N 292 
SER O    O N N 293 
SER CB   C N N 294 
SER OG   O N N 295 
SER OXT  O N N 296 
SER H    H N N 297 
SER H2   H N N 298 
SER HA   H N N 299 
SER HB2  H N N 300 
SER HB3  H N N 301 
SER HG   H N N 302 
SER HXT  H N N 303 
THR N    N N N 304 
THR CA   C N S 305 
THR C    C N N 306 
THR O    O N N 307 
THR CB   C N R 308 
THR OG1  O N N 309 
THR CG2  C N N 310 
THR OXT  O N N 311 
THR H    H N N 312 
THR H2   H N N 313 
THR HA   H N N 314 
THR HB   H N N 315 
THR HG1  H N N 316 
THR HG21 H N N 317 
THR HG22 H N N 318 
THR HG23 H N N 319 
THR HXT  H N N 320 
TRP N    N N N 321 
TRP CA   C N S 322 
TRP C    C N N 323 
TRP O    O N N 324 
TRP CB   C N N 325 
TRP CG   C Y N 326 
TRP CD1  C Y N 327 
TRP CD2  C Y N 328 
TRP NE1  N Y N 329 
TRP CE2  C Y N 330 
TRP CE3  C Y N 331 
TRP CZ2  C Y N 332 
TRP CZ3  C Y N 333 
TRP CH2  C Y N 334 
TRP OXT  O N N 335 
TRP H    H N N 336 
TRP H2   H N N 337 
TRP HA   H N N 338 
TRP HB2  H N N 339 
TRP HB3  H N N 340 
TRP HD1  H N N 341 
TRP HE1  H N N 342 
TRP HE3  H N N 343 
TRP HZ2  H N N 344 
TRP HZ3  H N N 345 
TRP HH2  H N N 346 
TRP HXT  H N N 347 
TYR N    N N N 348 
TYR CA   C N S 349 
TYR C    C N N 350 
TYR O    O N N 351 
TYR CB   C N N 352 
TYR CG   C Y N 353 
TYR CD1  C Y N 354 
TYR CD2  C Y N 355 
TYR CE1  C Y N 356 
TYR CE2  C Y N 357 
TYR CZ   C Y N 358 
TYR OH   O N N 359 
TYR OXT  O N N 360 
TYR H    H N N 361 
TYR H2   H N N 362 
TYR HA   H N N 363 
TYR HB2  H N N 364 
TYR HB3  H N N 365 
TYR HD1  H N N 366 
TYR HD2  H N N 367 
TYR HE1  H N N 368 
TYR HE2  H N N 369 
TYR HH   H N N 370 
TYR HXT  H N N 371 
VAL N    N N N 372 
VAL CA   C N S 373 
VAL C    C N N 374 
VAL O    O N N 375 
VAL CB   C N N 376 
VAL CG1  C N N 377 
VAL CG2  C N N 378 
VAL OXT  O N N 379 
VAL H    H N N 380 
VAL H2   H N N 381 
VAL HA   H N N 382 
VAL HB   H N N 383 
VAL HG11 H N N 384 
VAL HG12 H N N 385 
VAL HG13 H N N 386 
VAL HG21 H N N 387 
VAL HG22 H N N 388 
VAL HG23 H N N 389 
VAL HXT  H N N 390 
# 
loop_
_chem_comp_bond.comp_id 
_chem_comp_bond.atom_id_1 
_chem_comp_bond.atom_id_2 
_chem_comp_bond.value_order 
_chem_comp_bond.pdbx_aromatic_flag 
_chem_comp_bond.pdbx_stereo_config 
_chem_comp_bond.pdbx_ordinal 
ALA N   CA   sing N N 1   
ALA N   H    sing N N 2   
ALA N   H2   sing N N 3   
ALA CA  C    sing N N 4   
ALA CA  CB   sing N N 5   
ALA CA  HA   sing N N 6   
ALA C   O    doub N N 7   
ALA C   OXT  sing N N 8   
ALA CB  HB1  sing N N 9   
ALA CB  HB2  sing N N 10  
ALA CB  HB3  sing N N 11  
ALA OXT HXT  sing N N 12  
ARG N   CA   sing N N 13  
ARG N   H    sing N N 14  
ARG N   H2   sing N N 15  
ARG CA  C    sing N N 16  
ARG CA  CB   sing N N 17  
ARG CA  HA   sing N N 18  
ARG C   O    doub N N 19  
ARG C   OXT  sing N N 20  
ARG CB  CG   sing N N 21  
ARG CB  HB2  sing N N 22  
ARG CB  HB3  sing N N 23  
ARG CG  CD   sing N N 24  
ARG CG  HG2  sing N N 25  
ARG CG  HG3  sing N N 26  
ARG CD  NE   sing N N 27  
ARG CD  HD2  sing N N 28  
ARG CD  HD3  sing N N 29  
ARG NE  CZ   sing N N 30  
ARG NE  HE   sing N N 31  
ARG CZ  NH1  sing N N 32  
ARG CZ  NH2  doub N N 33  
ARG NH1 HH11 sing N N 34  
ARG NH1 HH12 sing N N 35  
ARG NH2 HH21 sing N N 36  
ARG NH2 HH22 sing N N 37  
ARG OXT HXT  sing N N 38  
ASN N   CA   sing N N 39  
ASN N   H    sing N N 40  
ASN N   H2   sing N N 41  
ASN CA  C    sing N N 42  
ASN CA  CB   sing N N 43  
ASN CA  HA   sing N N 44  
ASN C   O    doub N N 45  
ASN C   OXT  sing N N 46  
ASN CB  CG   sing N N 47  
ASN CB  HB2  sing N N 48  
ASN CB  HB3  sing N N 49  
ASN CG  OD1  doub N N 50  
ASN CG  ND2  sing N N 51  
ASN ND2 HD21 sing N N 52  
ASN ND2 HD22 sing N N 53  
ASN OXT HXT  sing N N 54  
ASP N   CA   sing N N 55  
ASP N   H    sing N N 56  
ASP N   H2   sing N N 57  
ASP CA  C    sing N N 58  
ASP CA  CB   sing N N 59  
ASP CA  HA   sing N N 60  
ASP C   O    doub N N 61  
ASP C   OXT  sing N N 62  
ASP CB  CG   sing N N 63  
ASP CB  HB2  sing N N 64  
ASP CB  HB3  sing N N 65  
ASP CG  OD1  doub N N 66  
ASP CG  OD2  sing N N 67  
ASP OD2 HD2  sing N N 68  
ASP OXT HXT  sing N N 69  
CYS N   CA   sing N N 70  
CYS N   H    sing N N 71  
CYS N   H2   sing N N 72  
CYS CA  C    sing N N 73  
CYS CA  CB   sing N N 74  
CYS CA  HA   sing N N 75  
CYS C   O    doub N N 76  
CYS C   OXT  sing N N 77  
CYS CB  SG   sing N N 78  
CYS CB  HB2  sing N N 79  
CYS CB  HB3  sing N N 80  
CYS SG  HG   sing N N 81  
CYS OXT HXT  sing N N 82  
GLN N   CA   sing N N 83  
GLN N   H    sing N N 84  
GLN N   H2   sing N N 85  
GLN CA  C    sing N N 86  
GLN CA  CB   sing N N 87  
GLN CA  HA   sing N N 88  
GLN C   O    doub N N 89  
GLN C   OXT  sing N N 90  
GLN CB  CG   sing N N 91  
GLN CB  HB2  sing N N 92  
GLN CB  HB3  sing N N 93  
GLN CG  CD   sing N N 94  
GLN CG  HG2  sing N N 95  
GLN CG  HG3  sing N N 96  
GLN CD  OE1  doub N N 97  
GLN CD  NE2  sing N N 98  
GLN NE2 HE21 sing N N 99  
GLN NE2 HE22 sing N N 100 
GLN OXT HXT  sing N N 101 
GLU N   CA   sing N N 102 
GLU N   H    sing N N 103 
GLU N   H2   sing N N 104 
GLU CA  C    sing N N 105 
GLU CA  CB   sing N N 106 
GLU CA  HA   sing N N 107 
GLU C   O    doub N N 108 
GLU C   OXT  sing N N 109 
GLU CB  CG   sing N N 110 
GLU CB  HB2  sing N N 111 
GLU CB  HB3  sing N N 112 
GLU CG  CD   sing N N 113 
GLU CG  HG2  sing N N 114 
GLU CG  HG3  sing N N 115 
GLU CD  OE1  doub N N 116 
GLU CD  OE2  sing N N 117 
GLU OE2 HE2  sing N N 118 
GLU OXT HXT  sing N N 119 
GLY N   CA   sing N N 120 
GLY N   H    sing N N 121 
GLY N   H2   sing N N 122 
GLY CA  C    sing N N 123 
GLY CA  HA2  sing N N 124 
GLY CA  HA3  sing N N 125 
GLY C   O    doub N N 126 
GLY C   OXT  sing N N 127 
GLY OXT HXT  sing N N 128 
HIS N   CA   sing N N 129 
HIS N   H    sing N N 130 
HIS N   H2   sing N N 131 
HIS CA  C    sing N N 132 
HIS CA  CB   sing N N 133 
HIS CA  HA   sing N N 134 
HIS C   O    doub N N 135 
HIS C   OXT  sing N N 136 
HIS CB  CG   sing N N 137 
HIS CB  HB2  sing N N 138 
HIS CB  HB3  sing N N 139 
HIS CG  ND1  sing Y N 140 
HIS CG  CD2  doub Y N 141 
HIS ND1 CE1  doub Y N 142 
HIS ND1 HD1  sing N N 143 
HIS CD2 NE2  sing Y N 144 
HIS CD2 HD2  sing N N 145 
HIS CE1 NE2  sing Y N 146 
HIS CE1 HE1  sing N N 147 
HIS NE2 HE2  sing N N 148 
HIS OXT HXT  sing N N 149 
HOH O   H1   sing N N 150 
HOH O   H2   sing N N 151 
ILE N   CA   sing N N 152 
ILE N   H    sing N N 153 
ILE N   H2   sing N N 154 
ILE CA  C    sing N N 155 
ILE CA  CB   sing N N 156 
ILE CA  HA   sing N N 157 
ILE C   O    doub N N 158 
ILE C   OXT  sing N N 159 
ILE CB  CG1  sing N N 160 
ILE CB  CG2  sing N N 161 
ILE CB  HB   sing N N 162 
ILE CG1 CD1  sing N N 163 
ILE CG1 HG12 sing N N 164 
ILE CG1 HG13 sing N N 165 
ILE CG2 HG21 sing N N 166 
ILE CG2 HG22 sing N N 167 
ILE CG2 HG23 sing N N 168 
ILE CD1 HD11 sing N N 169 
ILE CD1 HD12 sing N N 170 
ILE CD1 HD13 sing N N 171 
ILE OXT HXT  sing N N 172 
LEU N   CA   sing N N 173 
LEU N   H    sing N N 174 
LEU N   H2   sing N N 175 
LEU CA  C    sing N N 176 
LEU CA  CB   sing N N 177 
LEU CA  HA   sing N N 178 
LEU C   O    doub N N 179 
LEU C   OXT  sing N N 180 
LEU CB  CG   sing N N 181 
LEU CB  HB2  sing N N 182 
LEU CB  HB3  sing N N 183 
LEU CG  CD1  sing N N 184 
LEU CG  CD2  sing N N 185 
LEU CG  HG   sing N N 186 
LEU CD1 HD11 sing N N 187 
LEU CD1 HD12 sing N N 188 
LEU CD1 HD13 sing N N 189 
LEU CD2 HD21 sing N N 190 
LEU CD2 HD22 sing N N 191 
LEU CD2 HD23 sing N N 192 
LEU OXT HXT  sing N N 193 
LYS N   CA   sing N N 194 
LYS N   H    sing N N 195 
LYS N   H2   sing N N 196 
LYS CA  C    sing N N 197 
LYS CA  CB   sing N N 198 
LYS CA  HA   sing N N 199 
LYS C   O    doub N N 200 
LYS C   OXT  sing N N 201 
LYS CB  CG   sing N N 202 
LYS CB  HB2  sing N N 203 
LYS CB  HB3  sing N N 204 
LYS CG  CD   sing N N 205 
LYS CG  HG2  sing N N 206 
LYS CG  HG3  sing N N 207 
LYS CD  CE   sing N N 208 
LYS CD  HD2  sing N N 209 
LYS CD  HD3  sing N N 210 
LYS CE  NZ   sing N N 211 
LYS CE  HE2  sing N N 212 
LYS CE  HE3  sing N N 213 
LYS NZ  HZ1  sing N N 214 
LYS NZ  HZ2  sing N N 215 
LYS NZ  HZ3  sing N N 216 
LYS OXT HXT  sing N N 217 
MET N   CA   sing N N 218 
MET N   H    sing N N 219 
MET N   H2   sing N N 220 
MET CA  C    sing N N 221 
MET CA  CB   sing N N 222 
MET CA  HA   sing N N 223 
MET C   O    doub N N 224 
MET C   OXT  sing N N 225 
MET CB  CG   sing N N 226 
MET CB  HB2  sing N N 227 
MET CB  HB3  sing N N 228 
MET CG  SD   sing N N 229 
MET CG  HG2  sing N N 230 
MET CG  HG3  sing N N 231 
MET SD  CE   sing N N 232 
MET CE  HE1  sing N N 233 
MET CE  HE2  sing N N 234 
MET CE  HE3  sing N N 235 
MET OXT HXT  sing N N 236 
PHE N   CA   sing N N 237 
PHE N   H    sing N N 238 
PHE N   H2   sing N N 239 
PHE CA  C    sing N N 240 
PHE CA  CB   sing N N 241 
PHE CA  HA   sing N N 242 
PHE C   O    doub N N 243 
PHE C   OXT  sing N N 244 
PHE CB  CG   sing N N 245 
PHE CB  HB2  sing N N 246 
PHE CB  HB3  sing N N 247 
PHE CG  CD1  doub Y N 248 
PHE CG  CD2  sing Y N 249 
PHE CD1 CE1  sing Y N 250 
PHE CD1 HD1  sing N N 251 
PHE CD2 CE2  doub Y N 252 
PHE CD2 HD2  sing N N 253 
PHE CE1 CZ   doub Y N 254 
PHE CE1 HE1  sing N N 255 
PHE CE2 CZ   sing Y N 256 
PHE CE2 HE2  sing N N 257 
PHE CZ  HZ   sing N N 258 
PHE OXT HXT  sing N N 259 
PRO N   CA   sing N N 260 
PRO N   CD   sing N N 261 
PRO N   H    sing N N 262 
PRO CA  C    sing N N 263 
PRO CA  CB   sing N N 264 
PRO CA  HA   sing N N 265 
PRO C   O    doub N N 266 
PRO C   OXT  sing N N 267 
PRO CB  CG   sing N N 268 
PRO CB  HB2  sing N N 269 
PRO CB  HB3  sing N N 270 
PRO CG  CD   sing N N 271 
PRO CG  HG2  sing N N 272 
PRO CG  HG3  sing N N 273 
PRO CD  HD2  sing N N 274 
PRO CD  HD3  sing N N 275 
PRO OXT HXT  sing N N 276 
SER N   CA   sing N N 277 
SER N   H    sing N N 278 
SER N   H2   sing N N 279 
SER CA  C    sing N N 280 
SER CA  CB   sing N N 281 
SER CA  HA   sing N N 282 
SER C   O    doub N N 283 
SER C   OXT  sing N N 284 
SER CB  OG   sing N N 285 
SER CB  HB2  sing N N 286 
SER CB  HB3  sing N N 287 
SER OG  HG   sing N N 288 
SER OXT HXT  sing N N 289 
THR N   CA   sing N N 290 
THR N   H    sing N N 291 
THR N   H2   sing N N 292 
THR CA  C    sing N N 293 
THR CA  CB   sing N N 294 
THR CA  HA   sing N N 295 
THR C   O    doub N N 296 
THR C   OXT  sing N N 297 
THR CB  OG1  sing N N 298 
THR CB  CG2  sing N N 299 
THR CB  HB   sing N N 300 
THR OG1 HG1  sing N N 301 
THR CG2 HG21 sing N N 302 
THR CG2 HG22 sing N N 303 
THR CG2 HG23 sing N N 304 
THR OXT HXT  sing N N 305 
TRP N   CA   sing N N 306 
TRP N   H    sing N N 307 
TRP N   H2   sing N N 308 
TRP CA  C    sing N N 309 
TRP CA  CB   sing N N 310 
TRP CA  HA   sing N N 311 
TRP C   O    doub N N 312 
TRP C   OXT  sing N N 313 
TRP CB  CG   sing N N 314 
TRP CB  HB2  sing N N 315 
TRP CB  HB3  sing N N 316 
TRP CG  CD1  doub Y N 317 
TRP CG  CD2  sing Y N 318 
TRP CD1 NE1  sing Y N 319 
TRP CD1 HD1  sing N N 320 
TRP CD2 CE2  doub Y N 321 
TRP CD2 CE3  sing Y N 322 
TRP NE1 CE2  sing Y N 323 
TRP NE1 HE1  sing N N 324 
TRP CE2 CZ2  sing Y N 325 
TRP CE3 CZ3  doub Y N 326 
TRP CE3 HE3  sing N N 327 
TRP CZ2 CH2  doub Y N 328 
TRP CZ2 HZ2  sing N N 329 
TRP CZ3 CH2  sing Y N 330 
TRP CZ3 HZ3  sing N N 331 
TRP CH2 HH2  sing N N 332 
TRP OXT HXT  sing N N 333 
TYR N   CA   sing N N 334 
TYR N   H    sing N N 335 
TYR N   H2   sing N N 336 
TYR CA  C    sing N N 337 
TYR CA  CB   sing N N 338 
TYR CA  HA   sing N N 339 
TYR C   O    doub N N 340 
TYR C   OXT  sing N N 341 
TYR CB  CG   sing N N 342 
TYR CB  HB2  sing N N 343 
TYR CB  HB3  sing N N 344 
TYR CG  CD1  doub Y N 345 
TYR CG  CD2  sing Y N 346 
TYR CD1 CE1  sing Y N 347 
TYR CD1 HD1  sing N N 348 
TYR CD2 CE2  doub Y N 349 
TYR CD2 HD2  sing N N 350 
TYR CE1 CZ   doub Y N 351 
TYR CE1 HE1  sing N N 352 
TYR CE2 CZ   sing Y N 353 
TYR CE2 HE2  sing N N 354 
TYR CZ  OH   sing N N 355 
TYR OH  HH   sing N N 356 
TYR OXT HXT  sing N N 357 
VAL N   CA   sing N N 358 
VAL N   H    sing N N 359 
VAL N   H2   sing N N 360 
VAL CA  C    sing N N 361 
VAL CA  CB   sing N N 362 
VAL CA  HA   sing N N 363 
VAL C   O    doub N N 364 
VAL C   OXT  sing N N 365 
VAL CB  CG1  sing N N 366 
VAL CB  CG2  sing N N 367 
VAL CB  HB   sing N N 368 
VAL CG1 HG11 sing N N 369 
VAL CG1 HG12 sing N N 370 
VAL CG1 HG13 sing N N 371 
VAL CG2 HG21 sing N N 372 
VAL CG2 HG22 sing N N 373 
VAL CG2 HG23 sing N N 374 
VAL OXT HXT  sing N N 375 
# 
_pdbx_entity_nonpoly.entity_id   3 
_pdbx_entity_nonpoly.name        water 
_pdbx_entity_nonpoly.comp_id     HOH 
# 
_pdbx_initial_refinement_model.id               1 
_pdbx_initial_refinement_model.entity_id_list   ? 
_pdbx_initial_refinement_model.type             'experimental model' 
_pdbx_initial_refinement_model.source_name      PDB 
_pdbx_initial_refinement_model.accession_code   3BZL 
_pdbx_initial_refinement_model.details          'PDB ENTRY 3BZL WITH SIDECHAINS MUTATED TO SER' 
# 
